data_7SOO
# 
_entry.id   7SOO 
# 
_audit_conform.dict_name       mmcif_pdbx.dic 
_audit_conform.dict_version    5.380 
_audit_conform.dict_location   http://mmcif.pdb.org/dictionaries/ascii/mmcif_pdbx.dic 
# 
loop_
_database_2.database_id 
_database_2.database_code 
_database_2.pdbx_database_accession 
_database_2.pdbx_DOI 
PDB   7SOO         pdb_00007soo 10.2210/pdb7soo/pdb 
WWPDB D_1000260767 ?            ?                   
# 
_pdbx_database_status.status_code                     REL 
_pdbx_database_status.status_code_sf                  REL 
_pdbx_database_status.status_code_mr                  ? 
_pdbx_database_status.entry_id                        7SOO 
_pdbx_database_status.recvd_initial_deposition_date   2021-11-01 
_pdbx_database_status.SG_entry                        N 
_pdbx_database_status.deposit_site                    RCSB 
_pdbx_database_status.process_site                    RCSB 
_pdbx_database_status.status_code_cs                  ? 
_pdbx_database_status.status_code_nmr_data            ? 
_pdbx_database_status.methods_development_category    ? 
_pdbx_database_status.pdb_format_compatible           Y 
# 
loop_
_audit_author.name 
_audit_author.pdbx_ordinal 
_audit_author.identifier_ORCID 
'Kozlov, G.'  1 ? 
'Gehring, K.' 2 ? 
# 
_citation.abstract                  ? 
_citation.abstract_id_CAS           ? 
_citation.book_id_ISBN              ? 
_citation.book_publisher            ? 
_citation.book_publisher_city       ? 
_citation.book_title                ? 
_citation.coordinate_linkage        ? 
_citation.country                   UK 
_citation.database_id_Medline       ? 
_citation.details                   ? 
_citation.id                        primary 
_citation.journal_abbrev            'Nucleic Acids Res.' 
_citation.journal_id_ASTM           NARHAD 
_citation.journal_id_CSD            0389 
_citation.journal_id_ISSN           1362-4962 
_citation.journal_full              ? 
_citation.journal_issue             ? 
_citation.journal_volume            50 
_citation.language                  ? 
_citation.page_first                9534 
_citation.page_last                 9547 
_citation.title                     
;Structural basis of 3'-end poly(A) RNA recognition by LARP1.
;
_citation.year                      2022 
_citation.database_id_CSD           ? 
_citation.pdbx_database_id_DOI      10.1093/nar/gkac696 
_citation.pdbx_database_id_PubMed   35979957 
_citation.pdbx_database_id_patent   ? 
_citation.unpublished_flag          ? 
# 
loop_
_citation_author.citation_id 
_citation_author.name 
_citation_author.ordinal 
_citation_author.identifier_ORCID 
primary 'Kozlov, G.'     1  ? 
primary 'Mattijssen, S.' 2  ? 
primary 'Jiang, J.'      3  ? 
primary 'Nyandwi, S.'    4  ? 
primary 'Sprules, T.'    5  ? 
primary 'Iben, J.R.'     6  ? 
primary 'Coon, S.L.'     7  ? 
primary 'Gaidamakov, S.' 8  ? 
primary 'Noronha, A.M.'  9  ? 
primary 'Wilds, C.J.'    10 ? 
primary 'Maraia, R.J.'   11 ? 
primary 'Gehring, K.'    12 ? 
# 
_cell.angle_alpha                  90.000 
_cell.angle_alpha_esd              ? 
_cell.angle_beta                   90.000 
_cell.angle_beta_esd               ? 
_cell.angle_gamma                  90.000 
_cell.angle_gamma_esd              ? 
_cell.entry_id                     7SOO 
_cell.details                      ? 
_cell.formula_units_Z              ? 
_cell.length_a                     36.572 
_cell.length_a_esd                 ? 
_cell.length_b                     46.776 
_cell.length_b_esd                 ? 
_cell.length_c                     57.098 
_cell.length_c_esd                 ? 
_cell.volume                       97677.085 
_cell.volume_esd                   ? 
_cell.Z_PDB                        4 
_cell.reciprocal_angle_alpha       ? 
_cell.reciprocal_angle_beta        ? 
_cell.reciprocal_angle_gamma       ? 
_cell.reciprocal_angle_alpha_esd   ? 
_cell.reciprocal_angle_beta_esd    ? 
_cell.reciprocal_angle_gamma_esd   ? 
_cell.reciprocal_length_a          ? 
_cell.reciprocal_length_b          ? 
_cell.reciprocal_length_c          ? 
_cell.reciprocal_length_a_esd      ? 
_cell.reciprocal_length_b_esd      ? 
_cell.reciprocal_length_c_esd      ? 
_cell.pdbx_unique_axis             ? 
# 
_symmetry.entry_id                         7SOO 
_symmetry.cell_setting                     ? 
_symmetry.Int_Tables_number                19 
_symmetry.space_group_name_Hall            'P 2ac 2ab' 
_symmetry.space_group_name_H-M             'P 21 21 21' 
_symmetry.pdbx_full_space_group_name_H-M   ? 
# 
loop_
_entity.id 
_entity.type 
_entity.src_method 
_entity.pdbx_description 
_entity.formula_weight 
_entity.pdbx_number_of_molecules 
_entity.pdbx_ec 
_entity.pdbx_mutation 
_entity.pdbx_fragment 
_entity.details 
1 polymer     man 'Isoform 2 of La-related protein 1' 11806.507 1  ? ? 'Residues 323-410' ? 
2 non-polymer syn 'SULFATE ION'                       96.063    4  ? ? ?                  ? 
3 non-polymer syn 'SODIUM ION'                        22.990    1  ? ? ?                  ? 
4 water       nat water                               18.015    48 ? ? ?                  ? 
# 
_entity_name_com.entity_id   1 
_entity_name_com.name        'La ribonucleoprotein domain family member 1' 
# 
_entity_poly.entity_id                      1 
_entity_poly.type                           'polypeptide(L)' 
_entity_poly.nstd_linkage                   no 
_entity_poly.nstd_monomer                   no 
_entity_poly.pdbx_seq_one_letter_code       
;MGSSHHHHHHSQELLKDYIKRQIEYYFSVDNLERDFFLRRKMDADGFLPITLIASFHRVQALTTDISLIFAALKDSKVVE
IVDEKVRRREEPEKWPLPP
;
_entity_poly.pdbx_seq_one_letter_code_can   
;MGSSHHHHHHSQELLKDYIKRQIEYYFSVDNLERDFFLRRKMDADGFLPITLIASFHRVQALTTDISLIFAALKDSKVVE
IVDEKVRRREEPEKWPLPP
;
_entity_poly.pdbx_strand_id                 A 
_entity_poly.pdbx_target_identifier         ? 
# 
loop_
_entity_poly_seq.entity_id 
_entity_poly_seq.num 
_entity_poly_seq.mon_id 
_entity_poly_seq.hetero 
1 1  MET n 
1 2  GLY n 
1 3  SER n 
1 4  SER n 
1 5  HIS n 
1 6  HIS n 
1 7  HIS n 
1 8  HIS n 
1 9  HIS n 
1 10 HIS n 
1 11 SER n 
1 12 GLN n 
1 13 GLU n 
1 14 LEU n 
1 15 LEU n 
1 16 LYS n 
1 17 ASP n 
1 18 TYR n 
1 19 ILE n 
1 20 LYS n 
1 21 ARG n 
1 22 GLN n 
1 23 ILE n 
1 24 GLU n 
1 25 TYR n 
1 26 TYR n 
1 27 PHE n 
1 28 SER n 
1 29 VAL n 
1 30 ASP n 
1 31 ASN n 
1 32 LEU n 
1 33 GLU n 
1 34 ARG n 
1 35 ASP n 
1 36 PHE n 
1 37 PHE n 
1 38 LEU n 
1 39 ARG n 
1 40 ARG n 
1 41 LYS n 
1 42 MET n 
1 43 ASP n 
1 44 ALA n 
1 45 ASP n 
1 46 GLY n 
1 47 PHE n 
1 48 LEU n 
1 49 PRO n 
1 50 ILE n 
1 51 THR n 
1 52 LEU n 
1 53 ILE n 
1 54 ALA n 
1 55 SER n 
1 56 PHE n 
1 57 HIS n 
1 58 ARG n 
1 59 VAL n 
1 60 GLN n 
1 61 ALA n 
1 62 LEU n 
1 63 THR n 
1 64 THR n 
1 65 ASP n 
1 66 ILE n 
1 67 SER n 
1 68 LEU n 
1 69 ILE n 
1 70 PHE n 
1 71 ALA n 
1 72 ALA n 
1 73 LEU n 
1 74 LYS n 
1 75 ASP n 
1 76 SER n 
1 77 LYS n 
1 78 VAL n 
1 79 VAL n 
1 80 GLU n 
1 81 ILE n 
1 82 VAL n 
1 83 ASP n 
1 84 GLU n 
1 85 LYS n 
1 86 VAL n 
1 87 ARG n 
1 88 ARG n 
1 89 ARG n 
1 90 GLU n 
1 91 GLU n 
1 92 PRO n 
1 93 GLU n 
1 94 LYS n 
1 95 TRP n 
1 96 PRO n 
1 97 LEU n 
1 98 PRO n 
1 99 PRO n 
# 
_entity_src_gen.entity_id                          1 
_entity_src_gen.pdbx_src_id                        1 
_entity_src_gen.pdbx_alt_source_flag               sample 
_entity_src_gen.pdbx_seq_type                      'Biological sequence' 
_entity_src_gen.pdbx_beg_seq_num                   1 
_entity_src_gen.pdbx_end_seq_num                   99 
_entity_src_gen.gene_src_common_name               Human 
_entity_src_gen.gene_src_genus                     ? 
_entity_src_gen.pdbx_gene_src_gene                 'LARP1, KIAA0731, LARP' 
_entity_src_gen.gene_src_species                   ? 
_entity_src_gen.gene_src_strain                    ? 
_entity_src_gen.gene_src_tissue                    ? 
_entity_src_gen.gene_src_tissue_fraction           ? 
_entity_src_gen.gene_src_details                   ? 
_entity_src_gen.pdbx_gene_src_fragment             ? 
_entity_src_gen.pdbx_gene_src_scientific_name      'Homo sapiens' 
_entity_src_gen.pdbx_gene_src_ncbi_taxonomy_id     9606 
_entity_src_gen.pdbx_gene_src_variant              ? 
_entity_src_gen.pdbx_gene_src_cell_line            ? 
_entity_src_gen.pdbx_gene_src_atcc                 ? 
_entity_src_gen.pdbx_gene_src_organ                ? 
_entity_src_gen.pdbx_gene_src_organelle            ? 
_entity_src_gen.pdbx_gene_src_cell                 ? 
_entity_src_gen.pdbx_gene_src_cellular_location    ? 
_entity_src_gen.host_org_common_name               ? 
_entity_src_gen.pdbx_host_org_scientific_name      'Escherichia coli' 
_entity_src_gen.pdbx_host_org_ncbi_taxonomy_id     562 
_entity_src_gen.host_org_genus                     ? 
_entity_src_gen.pdbx_host_org_gene                 ? 
_entity_src_gen.pdbx_host_org_organ                ? 
_entity_src_gen.host_org_species                   ? 
_entity_src_gen.pdbx_host_org_tissue               ? 
_entity_src_gen.pdbx_host_org_tissue_fraction      ? 
_entity_src_gen.pdbx_host_org_strain               ? 
_entity_src_gen.pdbx_host_org_variant              ? 
_entity_src_gen.pdbx_host_org_cell_line            ? 
_entity_src_gen.pdbx_host_org_atcc                 ? 
_entity_src_gen.pdbx_host_org_culture_collection   ? 
_entity_src_gen.pdbx_host_org_cell                 ? 
_entity_src_gen.pdbx_host_org_organelle            ? 
_entity_src_gen.pdbx_host_org_cellular_location    ? 
_entity_src_gen.pdbx_host_org_vector_type          ? 
_entity_src_gen.pdbx_host_org_vector               ? 
_entity_src_gen.host_org_details                   ? 
_entity_src_gen.expression_system_id               ? 
_entity_src_gen.plasmid_name                       ? 
_entity_src_gen.plasmid_details                    ? 
_entity_src_gen.pdbx_description                   ? 
# 
_struct_ref.id                         1 
_struct_ref.db_name                    UNP 
_struct_ref.db_code                    LARP1-3_HUMAN 
_struct_ref.pdbx_db_accession          Q6PKG0-3 
_struct_ref.pdbx_db_isoform            ? 
_struct_ref.entity_id                  1 
_struct_ref.pdbx_seq_one_letter_code   
;QELLKDYIKRQIEYYFSVDNLERDFFLRRKMDADGFLPITLIASFHRVQALTTDISLIFAALKDSKVVEIVDEKVRRREE
PEKWPLPP
;
_struct_ref.pdbx_align_begin           323 
# 
_struct_ref_seq.align_id                      1 
_struct_ref_seq.ref_id                        1 
_struct_ref_seq.pdbx_PDB_id_code              7SOO 
_struct_ref_seq.pdbx_strand_id                A 
_struct_ref_seq.seq_align_beg                 12 
_struct_ref_seq.pdbx_seq_align_beg_ins_code   ? 
_struct_ref_seq.seq_align_end                 99 
_struct_ref_seq.pdbx_seq_align_end_ins_code   ? 
_struct_ref_seq.pdbx_db_accession             Q6PKG0-3 
_struct_ref_seq.db_align_beg                  323 
_struct_ref_seq.pdbx_db_align_beg_ins_code    ? 
_struct_ref_seq.db_align_end                  410 
_struct_ref_seq.pdbx_db_align_end_ins_code    ? 
_struct_ref_seq.pdbx_auth_seq_align_beg       323 
_struct_ref_seq.pdbx_auth_seq_align_end       410 
# 
loop_
_struct_ref_seq_dif.align_id 
_struct_ref_seq_dif.pdbx_pdb_id_code 
_struct_ref_seq_dif.mon_id 
_struct_ref_seq_dif.pdbx_pdb_strand_id 
_struct_ref_seq_dif.seq_num 
_struct_ref_seq_dif.pdbx_pdb_ins_code 
_struct_ref_seq_dif.pdbx_seq_db_name 
_struct_ref_seq_dif.pdbx_seq_db_accession_code 
_struct_ref_seq_dif.db_mon_id 
_struct_ref_seq_dif.pdbx_seq_db_seq_num 
_struct_ref_seq_dif.details 
_struct_ref_seq_dif.pdbx_auth_seq_num 
_struct_ref_seq_dif.pdbx_ordinal 
1 7SOO MET A 1  ? UNP Q6PKG0-3 ? ? 'initiating methionine' 312 1  
1 7SOO GLY A 2  ? UNP Q6PKG0-3 ? ? 'expression tag'        313 2  
1 7SOO SER A 3  ? UNP Q6PKG0-3 ? ? 'expression tag'        314 3  
1 7SOO SER A 4  ? UNP Q6PKG0-3 ? ? 'expression tag'        315 4  
1 7SOO HIS A 5  ? UNP Q6PKG0-3 ? ? 'expression tag'        316 5  
1 7SOO HIS A 6  ? UNP Q6PKG0-3 ? ? 'expression tag'        317 6  
1 7SOO HIS A 7  ? UNP Q6PKG0-3 ? ? 'expression tag'        318 7  
1 7SOO HIS A 8  ? UNP Q6PKG0-3 ? ? 'expression tag'        319 8  
1 7SOO HIS A 9  ? UNP Q6PKG0-3 ? ? 'expression tag'        320 9  
1 7SOO HIS A 10 ? UNP Q6PKG0-3 ? ? 'expression tag'        321 10 
1 7SOO SER A 11 ? UNP Q6PKG0-3 ? ? 'expression tag'        322 11 
# 
loop_
_chem_comp.id 
_chem_comp.type 
_chem_comp.mon_nstd_flag 
_chem_comp.name 
_chem_comp.pdbx_synonyms 
_chem_comp.formula 
_chem_comp.formula_weight 
ALA 'L-peptide linking' y ALANINE         ? 'C3 H7 N O2'     89.093  
ARG 'L-peptide linking' y ARGININE        ? 'C6 H15 N4 O2 1' 175.209 
ASN 'L-peptide linking' y ASPARAGINE      ? 'C4 H8 N2 O3'    132.118 
ASP 'L-peptide linking' y 'ASPARTIC ACID' ? 'C4 H7 N O4'     133.103 
GLN 'L-peptide linking' y GLUTAMINE       ? 'C5 H10 N2 O3'   146.144 
GLU 'L-peptide linking' y 'GLUTAMIC ACID' ? 'C5 H9 N O4'     147.129 
GLY 'peptide linking'   y GLYCINE         ? 'C2 H5 N O2'     75.067  
HIS 'L-peptide linking' y HISTIDINE       ? 'C6 H10 N3 O2 1' 156.162 
HOH non-polymer         . WATER           ? 'H2 O'           18.015  
ILE 'L-peptide linking' y ISOLEUCINE      ? 'C6 H13 N O2'    131.173 
LEU 'L-peptide linking' y LEUCINE         ? 'C6 H13 N O2'    131.173 
LYS 'L-peptide linking' y LYSINE          ? 'C6 H15 N2 O2 1' 147.195 
MET 'L-peptide linking' y METHIONINE      ? 'C5 H11 N O2 S'  149.211 
NA  non-polymer         . 'SODIUM ION'    ? 'Na 1'           22.990  
PHE 'L-peptide linking' y PHENYLALANINE   ? 'C9 H11 N O2'    165.189 
PRO 'L-peptide linking' y PROLINE         ? 'C5 H9 N O2'     115.130 
SER 'L-peptide linking' y SERINE          ? 'C3 H7 N O3'     105.093 
SO4 non-polymer         . 'SULFATE ION'   ? 'O4 S -2'        96.063  
THR 'L-peptide linking' y THREONINE       ? 'C4 H9 N O3'     119.119 
TRP 'L-peptide linking' y TRYPTOPHAN      ? 'C11 H12 N2 O2'  204.225 
TYR 'L-peptide linking' y TYROSINE        ? 'C9 H11 N O3'    181.189 
VAL 'L-peptide linking' y VALINE          ? 'C5 H11 N O2'    117.146 
# 
_exptl.absorpt_coefficient_mu     ? 
_exptl.absorpt_correction_T_max   ? 
_exptl.absorpt_correction_T_min   ? 
_exptl.absorpt_correction_type    ? 
_exptl.absorpt_process_details    ? 
_exptl.entry_id                   7SOO 
_exptl.crystals_number            1 
_exptl.details                    ? 
_exptl.method                     'X-RAY DIFFRACTION' 
_exptl.method_details             ? 
# 
_exptl_crystal.colour                      ? 
_exptl_crystal.density_diffrn              ? 
_exptl_crystal.density_Matthews            2.07 
_exptl_crystal.density_method              ? 
_exptl_crystal.density_percent_sol         40.53 
_exptl_crystal.description                 ? 
_exptl_crystal.F_000                       ? 
_exptl_crystal.id                          1 
_exptl_crystal.preparation                 ? 
_exptl_crystal.size_max                    ? 
_exptl_crystal.size_mid                    ? 
_exptl_crystal.size_min                    ? 
_exptl_crystal.size_rad                    ? 
_exptl_crystal.colour_lustre               ? 
_exptl_crystal.colour_modifier             ? 
_exptl_crystal.colour_primary              ? 
_exptl_crystal.density_meas                ? 
_exptl_crystal.density_meas_esd            ? 
_exptl_crystal.density_meas_gt             ? 
_exptl_crystal.density_meas_lt             ? 
_exptl_crystal.density_meas_temp           ? 
_exptl_crystal.density_meas_temp_esd       ? 
_exptl_crystal.density_meas_temp_gt        ? 
_exptl_crystal.density_meas_temp_lt        ? 
_exptl_crystal.pdbx_crystal_image_url      ? 
_exptl_crystal.pdbx_crystal_image_format   ? 
_exptl_crystal.pdbx_mosaicity              ? 
_exptl_crystal.pdbx_mosaicity_esd          ? 
# 
_exptl_crystal_grow.apparatus       ? 
_exptl_crystal_grow.atmosphere      ? 
_exptl_crystal_grow.crystal_id      1 
_exptl_crystal_grow.details         ? 
_exptl_crystal_grow.method          'VAPOR DIFFUSION, HANGING DROP' 
_exptl_crystal_grow.method_ref      ? 
_exptl_crystal_grow.pH              6.5 
_exptl_crystal_grow.pressure        ? 
_exptl_crystal_grow.pressure_esd    ? 
_exptl_crystal_grow.seeding         ? 
_exptl_crystal_grow.seeding_ref     ? 
_exptl_crystal_grow.temp            293 
_exptl_crystal_grow.temp_details    ? 
_exptl_crystal_grow.temp_esd        ? 
_exptl_crystal_grow.time            ? 
_exptl_crystal_grow.pdbx_details    '0.2 M ammonium sulfate, 0.1 M Bis-Tris pH 6.5, 25% (w/v) PEG 3350' 
_exptl_crystal_grow.pdbx_pH_range   ? 
# 
_diffrn.ambient_environment              ? 
_diffrn.ambient_temp                     100 
_diffrn.ambient_temp_details             ? 
_diffrn.ambient_temp_esd                 ? 
_diffrn.crystal_id                       1 
_diffrn.crystal_support                  ? 
_diffrn.crystal_treatment                ? 
_diffrn.details                          ? 
_diffrn.id                               1 
_diffrn.ambient_pressure                 ? 
_diffrn.ambient_pressure_esd             ? 
_diffrn.ambient_pressure_gt              ? 
_diffrn.ambient_pressure_lt              ? 
_diffrn.ambient_temp_gt                  ? 
_diffrn.ambient_temp_lt                  ? 
_diffrn.pdbx_serial_crystal_experiment   N 
# 
_diffrn_detector.details                      ? 
_diffrn_detector.detector                     PIXEL 
_diffrn_detector.diffrn_id                    1 
_diffrn_detector.type                         'DECTRIS PILATUS3 S 6M' 
_diffrn_detector.area_resol_mean              ? 
_diffrn_detector.dtime                        ? 
_diffrn_detector.pdbx_frames_total            ? 
_diffrn_detector.pdbx_collection_time_total   ? 
_diffrn_detector.pdbx_collection_date         2021-02-17 
_diffrn_detector.pdbx_frequency               ? 
# 
_diffrn_radiation.collimation                      ? 
_diffrn_radiation.diffrn_id                        1 
_diffrn_radiation.filter_edge                      ? 
_diffrn_radiation.inhomogeneity                    ? 
_diffrn_radiation.monochromator                    ? 
_diffrn_radiation.polarisn_norm                    ? 
_diffrn_radiation.polarisn_ratio                   ? 
_diffrn_radiation.probe                            ? 
_diffrn_radiation.type                             ? 
_diffrn_radiation.xray_symbol                      ? 
_diffrn_radiation.wavelength_id                    1 
_diffrn_radiation.pdbx_monochromatic_or_laue_m_l   M 
_diffrn_radiation.pdbx_wavelength_list             ? 
_diffrn_radiation.pdbx_wavelength                  ? 
_diffrn_radiation.pdbx_diffrn_protocol             'SINGLE WAVELENGTH' 
_diffrn_radiation.pdbx_analyzer                    ? 
_diffrn_radiation.pdbx_scattering_type             x-ray 
# 
_diffrn_radiation_wavelength.id           1 
_diffrn_radiation_wavelength.wavelength   1.52154 
_diffrn_radiation_wavelength.wt           1.0 
# 
_diffrn_source.current                     ? 
_diffrn_source.details                     ? 
_diffrn_source.diffrn_id                   1 
_diffrn_source.power                       ? 
_diffrn_source.size                        ? 
_diffrn_source.source                      SYNCHROTRON 
_diffrn_source.target                      ? 
_diffrn_source.type                        'CLSI BEAMLINE 08ID-1' 
_diffrn_source.voltage                     ? 
_diffrn_source.take-off_angle              ? 
_diffrn_source.pdbx_wavelength_list        1.52154 
_diffrn_source.pdbx_wavelength             ? 
_diffrn_source.pdbx_synchrotron_beamline   08ID-1 
_diffrn_source.pdbx_synchrotron_site       CLSI 
# 
_reflns.B_iso_Wilson_estimate                          34.67 
_reflns.entry_id                                       7SOO 
_reflns.data_reduction_details                         ? 
_reflns.data_reduction_method                          ? 
_reflns.d_resolution_high                              1.65 
_reflns.d_resolution_low                               50 
_reflns.details                                        ? 
_reflns.limit_h_max                                    ? 
_reflns.limit_h_min                                    ? 
_reflns.limit_k_max                                    ? 
_reflns.limit_k_min                                    ? 
_reflns.limit_l_max                                    ? 
_reflns.limit_l_min                                    ? 
_reflns.number_all                                     ? 
_reflns.number_obs                                     12117 
_reflns.observed_criterion                             ? 
_reflns.observed_criterion_F_max                       ? 
_reflns.observed_criterion_F_min                       ? 
_reflns.observed_criterion_I_max                       ? 
_reflns.observed_criterion_I_min                       ? 
_reflns.observed_criterion_sigma_F                     ? 
_reflns.observed_criterion_sigma_I                     ? 
_reflns.percent_possible_obs                           98.68 
_reflns.R_free_details                                 ? 
_reflns.Rmerge_F_all                                   ? 
_reflns.Rmerge_F_obs                                   ? 
_reflns.Friedel_coverage                               ? 
_reflns.number_gt                                      ? 
_reflns.threshold_expression                           ? 
_reflns.pdbx_redundancy                                7.4 
_reflns.pdbx_Rmerge_I_obs                              ? 
_reflns.pdbx_Rmerge_I_all                              ? 
_reflns.pdbx_Rsym_value                                0.049 
_reflns.pdbx_netI_over_av_sigmaI                       ? 
_reflns.pdbx_netI_over_sigmaI                          55.9 
_reflns.pdbx_res_netI_over_av_sigmaI_2                 ? 
_reflns.pdbx_res_netI_over_sigmaI_2                    ? 
_reflns.pdbx_chi_squared                               ? 
_reflns.pdbx_scaling_rejects                           ? 
_reflns.pdbx_d_res_high_opt                            ? 
_reflns.pdbx_d_res_low_opt                             ? 
_reflns.pdbx_d_res_opt_method                          ? 
_reflns.phase_calculation_details                      ? 
_reflns.pdbx_Rrim_I_all                                ? 
_reflns.pdbx_Rpim_I_all                                ? 
_reflns.pdbx_d_opt                                     ? 
_reflns.pdbx_number_measured_all                       ? 
_reflns.pdbx_diffrn_id                                 1 
_reflns.pdbx_ordinal                                   1 
_reflns.pdbx_CC_half                                   ? 
_reflns.pdbx_CC_star                                   ? 
_reflns.pdbx_R_split                                   ? 
_reflns.pdbx_aniso_diffraction_limit_axis_1_ortho[1]   ? 
_reflns.pdbx_aniso_diffraction_limit_axis_1_ortho[2]   ? 
_reflns.pdbx_aniso_diffraction_limit_axis_1_ortho[3]   ? 
_reflns.pdbx_aniso_diffraction_limit_axis_2_ortho[1]   ? 
_reflns.pdbx_aniso_diffraction_limit_axis_2_ortho[2]   ? 
_reflns.pdbx_aniso_diffraction_limit_axis_2_ortho[3]   ? 
_reflns.pdbx_aniso_diffraction_limit_axis_3_ortho[1]   ? 
_reflns.pdbx_aniso_diffraction_limit_axis_3_ortho[2]   ? 
_reflns.pdbx_aniso_diffraction_limit_axis_3_ortho[3]   ? 
_reflns.pdbx_aniso_diffraction_limit_1                 ? 
_reflns.pdbx_aniso_diffraction_limit_2                 ? 
_reflns.pdbx_aniso_diffraction_limit_3                 ? 
_reflns.pdbx_aniso_B_tensor_eigenvector_1_ortho[1]     ? 
_reflns.pdbx_aniso_B_tensor_eigenvector_1_ortho[2]     ? 
_reflns.pdbx_aniso_B_tensor_eigenvector_1_ortho[3]     ? 
_reflns.pdbx_aniso_B_tensor_eigenvector_2_ortho[1]     ? 
_reflns.pdbx_aniso_B_tensor_eigenvector_2_ortho[2]     ? 
_reflns.pdbx_aniso_B_tensor_eigenvector_2_ortho[3]     ? 
_reflns.pdbx_aniso_B_tensor_eigenvector_3_ortho[1]     ? 
_reflns.pdbx_aniso_B_tensor_eigenvector_3_ortho[2]     ? 
_reflns.pdbx_aniso_B_tensor_eigenvector_3_ortho[3]     ? 
_reflns.pdbx_aniso_B_tensor_eigenvalue_1               ? 
_reflns.pdbx_aniso_B_tensor_eigenvalue_2               ? 
_reflns.pdbx_aniso_B_tensor_eigenvalue_3               ? 
_reflns.pdbx_orthogonalization_convention              ? 
_reflns.pdbx_percent_possible_ellipsoidal              ? 
_reflns.pdbx_percent_possible_spherical                ? 
_reflns.pdbx_percent_possible_ellipsoidal_anomalous    ? 
_reflns.pdbx_percent_possible_spherical_anomalous      ? 
_reflns.pdbx_redundancy_anomalous                      ? 
_reflns.pdbx_CC_half_anomalous                         ? 
_reflns.pdbx_absDiff_over_sigma_anomalous              ? 
_reflns.pdbx_percent_possible_anomalous                ? 
_reflns.pdbx_observed_signal_threshold                 ? 
_reflns.pdbx_signal_type                               ? 
_reflns.pdbx_signal_details                            ? 
_reflns.pdbx_signal_software_id                        ? 
# 
_reflns_shell.d_res_high                                    1.65 
_reflns_shell.d_res_low                                     1.71 
_reflns_shell.meanI_over_sigI_all                           ? 
_reflns_shell.meanI_over_sigI_obs                           ? 
_reflns_shell.number_measured_all                           ? 
_reflns_shell.number_measured_obs                           ? 
_reflns_shell.number_possible                               ? 
_reflns_shell.number_unique_all                             ? 
_reflns_shell.number_unique_obs                             1138 
_reflns_shell.percent_possible_all                          ? 
_reflns_shell.percent_possible_obs                          ? 
_reflns_shell.Rmerge_F_all                                  ? 
_reflns_shell.Rmerge_F_obs                                  ? 
_reflns_shell.Rmerge_I_all                                  ? 
_reflns_shell.Rmerge_I_obs                                  ? 
_reflns_shell.meanI_over_sigI_gt                            ? 
_reflns_shell.meanI_over_uI_all                             ? 
_reflns_shell.meanI_over_uI_gt                              ? 
_reflns_shell.number_measured_gt                            ? 
_reflns_shell.number_unique_gt                              ? 
_reflns_shell.percent_possible_gt                           ? 
_reflns_shell.Rmerge_F_gt                                   ? 
_reflns_shell.Rmerge_I_gt                                   ? 
_reflns_shell.pdbx_redundancy                               ? 
_reflns_shell.pdbx_Rsym_value                               0.340 
_reflns_shell.pdbx_chi_squared                              ? 
_reflns_shell.pdbx_netI_over_sigmaI_all                     ? 
_reflns_shell.pdbx_netI_over_sigmaI_obs                     ? 
_reflns_shell.pdbx_Rrim_I_all                               ? 
_reflns_shell.pdbx_Rpim_I_all                               ? 
_reflns_shell.pdbx_rejects                                  ? 
_reflns_shell.pdbx_ordinal                                  1 
_reflns_shell.pdbx_diffrn_id                                1 
_reflns_shell.pdbx_CC_half                                  ? 
_reflns_shell.pdbx_CC_star                                  ? 
_reflns_shell.pdbx_R_split                                  ? 
_reflns_shell.pdbx_percent_possible_ellipsoidal             ? 
_reflns_shell.pdbx_percent_possible_spherical               ? 
_reflns_shell.pdbx_percent_possible_ellipsoidal_anomalous   ? 
_reflns_shell.pdbx_percent_possible_spherical_anomalous     ? 
_reflns_shell.pdbx_redundancy_anomalous                     ? 
_reflns_shell.pdbx_CC_half_anomalous                        ? 
_reflns_shell.pdbx_absDiff_over_sigma_anomalous             ? 
_reflns_shell.pdbx_percent_possible_anomalous               ? 
# 
_refine.aniso_B[1][1]                            ? 
_refine.aniso_B[1][2]                            ? 
_refine.aniso_B[1][3]                            ? 
_refine.aniso_B[2][2]                            ? 
_refine.aniso_B[2][3]                            ? 
_refine.aniso_B[3][3]                            ? 
_refine.B_iso_max                                ? 
_refine.B_iso_mean                               39.51 
_refine.B_iso_min                                ? 
_refine.correlation_coeff_Fo_to_Fc               ? 
_refine.correlation_coeff_Fo_to_Fc_free          ? 
_refine.details                                  ? 
_refine.diff_density_max                         ? 
_refine.diff_density_max_esd                     ? 
_refine.diff_density_min                         ? 
_refine.diff_density_min_esd                     ? 
_refine.diff_density_rms                         ? 
_refine.diff_density_rms_esd                     ? 
_refine.entry_id                                 7SOO 
_refine.pdbx_refine_id                           'X-RAY DIFFRACTION' 
_refine.ls_abs_structure_details                 ? 
_refine.ls_abs_structure_Flack                   ? 
_refine.ls_abs_structure_Flack_esd               ? 
_refine.ls_abs_structure_Rogers                  ? 
_refine.ls_abs_structure_Rogers_esd              ? 
_refine.ls_d_res_high                            1.65 
_refine.ls_d_res_low                             36.18 
_refine.ls_extinction_coef                       ? 
_refine.ls_extinction_coef_esd                   ? 
_refine.ls_extinction_expression                 ? 
_refine.ls_extinction_method                     ? 
_refine.ls_goodness_of_fit_all                   ? 
_refine.ls_goodness_of_fit_all_esd               ? 
_refine.ls_goodness_of_fit_obs                   ? 
_refine.ls_goodness_of_fit_obs_esd               ? 
_refine.ls_hydrogen_treatment                    ? 
_refine.ls_matrix_type                           ? 
_refine.ls_number_constraints                    ? 
_refine.ls_number_parameters                     ? 
_refine.ls_number_reflns_all                     ? 
_refine.ls_number_reflns_obs                     12117 
_refine.ls_number_reflns_R_free                  1212 
_refine.ls_number_reflns_R_work                  10905 
_refine.ls_number_restraints                     ? 
_refine.ls_percent_reflns_obs                    98.68 
_refine.ls_percent_reflns_R_free                 10.00 
_refine.ls_R_factor_all                          ? 
_refine.ls_R_factor_obs                          0.2072 
_refine.ls_R_factor_R_free                       0.2244 
_refine.ls_R_factor_R_free_error                 ? 
_refine.ls_R_factor_R_free_error_details         ? 
_refine.ls_R_factor_R_work                       0.2052 
_refine.ls_R_Fsqd_factor_obs                     ? 
_refine.ls_R_I_factor_obs                        ? 
_refine.ls_redundancy_reflns_all                 ? 
_refine.ls_redundancy_reflns_obs                 ? 
_refine.ls_restrained_S_all                      ? 
_refine.ls_restrained_S_obs                      ? 
_refine.ls_shift_over_esd_max                    ? 
_refine.ls_shift_over_esd_mean                   ? 
_refine.ls_structure_factor_coef                 ? 
_refine.ls_weighting_details                     ? 
_refine.ls_weighting_scheme                      ? 
_refine.ls_wR_factor_all                         ? 
_refine.ls_wR_factor_obs                         ? 
_refine.ls_wR_factor_R_free                      ? 
_refine.ls_wR_factor_R_work                      ? 
_refine.occupancy_max                            ? 
_refine.occupancy_min                            ? 
_refine.solvent_model_details                    'FLAT BULK SOLVENT MODEL' 
_refine.solvent_model_param_bsol                 ? 
_refine.solvent_model_param_ksol                 ? 
_refine.pdbx_R_complete                          ? 
_refine.ls_R_factor_gt                           ? 
_refine.ls_goodness_of_fit_gt                    ? 
_refine.ls_goodness_of_fit_ref                   ? 
_refine.ls_shift_over_su_max                     ? 
_refine.ls_shift_over_su_max_lt                  ? 
_refine.ls_shift_over_su_mean                    ? 
_refine.ls_shift_over_su_mean_lt                 ? 
_refine.pdbx_ls_sigma_I                          ? 
_refine.pdbx_ls_sigma_F                          1.37 
_refine.pdbx_ls_sigma_Fsqd                       ? 
_refine.pdbx_data_cutoff_high_absF               ? 
_refine.pdbx_data_cutoff_high_rms_absF           ? 
_refine.pdbx_data_cutoff_low_absF                ? 
_refine.pdbx_isotropic_thermal_model             ? 
_refine.pdbx_ls_cross_valid_method               'FREE R-VALUE' 
_refine.pdbx_method_to_determine_struct          'MOLECULAR REPLACEMENT' 
_refine.pdbx_starting_model                      1ZH5 
_refine.pdbx_stereochemistry_target_values       'GeoStd + Monomer Library + CDL v1.2' 
_refine.pdbx_R_Free_selection_details            ? 
_refine.pdbx_stereochem_target_val_spec_case     ? 
_refine.pdbx_overall_ESU_R                       ? 
_refine.pdbx_overall_ESU_R_Free                  ? 
_refine.pdbx_solvent_vdw_probe_radii             1.1100 
_refine.pdbx_solvent_ion_probe_radii             ? 
_refine.pdbx_solvent_shrinkage_radii             0.9000 
_refine.pdbx_real_space_R                        ? 
_refine.pdbx_density_correlation                 ? 
_refine.pdbx_pd_number_of_powder_patterns        ? 
_refine.pdbx_pd_number_of_points                 ? 
_refine.pdbx_pd_meas_number_of_points            ? 
_refine.pdbx_pd_proc_ls_prof_R_factor            ? 
_refine.pdbx_pd_proc_ls_prof_wR_factor           ? 
_refine.pdbx_pd_Marquardt_correlation_coeff      ? 
_refine.pdbx_pd_Fsqrd_R_factor                   ? 
_refine.pdbx_pd_ls_matrix_band_width             ? 
_refine.pdbx_overall_phase_error                 25.4708 
_refine.pdbx_overall_SU_R_free_Cruickshank_DPI   ? 
_refine.pdbx_overall_SU_R_free_Blow_DPI          ? 
_refine.pdbx_overall_SU_R_Blow_DPI               ? 
_refine.pdbx_TLS_residual_ADP_flag               ? 
_refine.pdbx_diffrn_id                           1 
_refine.overall_SU_B                             ? 
_refine.overall_SU_ML                            0.2214 
_refine.overall_SU_R_Cruickshank_DPI             ? 
_refine.overall_SU_R_free                        ? 
_refine.overall_FOM_free_R_set                   ? 
_refine.overall_FOM_work_R_set                   ? 
_refine.pdbx_average_fsc_overall                 ? 
_refine.pdbx_average_fsc_work                    ? 
_refine.pdbx_average_fsc_free                    ? 
# 
_refine_hist.pdbx_refine_id                   'X-RAY DIFFRACTION' 
_refine_hist.cycle_id                         LAST 
_refine_hist.details                          ? 
_refine_hist.d_res_high                       1.65 
_refine_hist.d_res_low                        36.18 
_refine_hist.number_atoms_solvent             48 
_refine_hist.number_atoms_total               793 
_refine_hist.number_reflns_all                ? 
_refine_hist.number_reflns_obs                ? 
_refine_hist.number_reflns_R_free             ? 
_refine_hist.number_reflns_R_work             ? 
_refine_hist.R_factor_all                     ? 
_refine_hist.R_factor_obs                     ? 
_refine_hist.R_factor_R_free                  ? 
_refine_hist.R_factor_R_work                  ? 
_refine_hist.pdbx_number_residues_total       ? 
_refine_hist.pdbx_B_iso_mean_ligand           ? 
_refine_hist.pdbx_B_iso_mean_solvent          ? 
_refine_hist.pdbx_number_atoms_protein        724 
_refine_hist.pdbx_number_atoms_nucleic_acid   0 
_refine_hist.pdbx_number_atoms_ligand         21 
_refine_hist.pdbx_number_atoms_lipid          ? 
_refine_hist.pdbx_number_atoms_carb           ? 
_refine_hist.pdbx_pseudo_atom_details         ? 
# 
loop_
_refine_ls_restr.pdbx_refine_id 
_refine_ls_restr.criterion 
_refine_ls_restr.dev_ideal 
_refine_ls_restr.dev_ideal_target 
_refine_ls_restr.number 
_refine_ls_restr.rejects 
_refine_ls_restr.type 
_refine_ls_restr.weight 
_refine_ls_restr.pdbx_restraint_function 
'X-RAY DIFFRACTION' ? 0.0052 ? 756  ? f_bond_d           ? ? 
'X-RAY DIFFRACTION' ? 0.7943 ? 1029 ? f_angle_d          ? ? 
'X-RAY DIFFRACTION' ? 0.0488 ? 114  ? f_chiral_restr     ? ? 
'X-RAY DIFFRACTION' ? 0.0077 ? 130  ? f_plane_restr      ? ? 
'X-RAY DIFFRACTION' ? 5.2121 ? 99   ? f_dihedral_angle_d ? ? 
# 
loop_
_refine_ls_shell.pdbx_refine_id 
_refine_ls_shell.d_res_high 
_refine_ls_shell.d_res_low 
_refine_ls_shell.number_reflns_all 
_refine_ls_shell.number_reflns_obs 
_refine_ls_shell.number_reflns_R_free 
_refine_ls_shell.number_reflns_R_work 
_refine_ls_shell.percent_reflns_obs 
_refine_ls_shell.percent_reflns_R_free 
_refine_ls_shell.R_factor_all 
_refine_ls_shell.R_factor_obs 
_refine_ls_shell.R_factor_R_free 
_refine_ls_shell.R_factor_R_free_error 
_refine_ls_shell.R_factor_R_work 
_refine_ls_shell.redundancy_reflns_all 
_refine_ls_shell.redundancy_reflns_obs 
_refine_ls_shell.wR_factor_all 
_refine_ls_shell.wR_factor_obs 
_refine_ls_shell.wR_factor_R_free 
_refine_ls_shell.wR_factor_R_work 
_refine_ls_shell.pdbx_R_complete 
_refine_ls_shell.pdbx_total_number_of_bins_used 
_refine_ls_shell.pdbx_phase_error 
_refine_ls_shell.pdbx_fsc_work 
_refine_ls_shell.pdbx_fsc_free 
'X-RAY DIFFRACTION' 1.65 1.72  . . 127 1143 96.21 . . . 0.3983 . 0.3575 . . . . . . . . . . . 
'X-RAY DIFFRACTION' 1.72 1.79  . . 134 1209 99.70 . . . 0.2606 . 0.2635 . . . . . . . . . . . 
'X-RAY DIFFRACTION' 1.79 1.89  . . 133 1200 99.85 . . . 0.2957 . 0.2419 . . . . . . . . . . . 
'X-RAY DIFFRACTION' 1.89 2.01  . . 134 1199 99.78 . . . 0.2696 . 0.2242 . . . . . . . . . . . 
'X-RAY DIFFRACTION' 2.01 2.16  . . 135 1214 99.19 . . . 0.2575 . 0.1945 . . . . . . . . . . . 
'X-RAY DIFFRACTION' 2.16 2.38  . . 131 1177 96.67 . . . 0.2361 . 0.1996 . . . . . . . . . . . 
'X-RAY DIFFRACTION' 2.38 2.72  . . 134 1209 97.96 . . . 0.2093 . 0.2179 . . . . . . . . . . . 
'X-RAY DIFFRACTION' 2.72 3.43  . . 138 1244 99.42 . . . 0.2159 . 0.2070 . . . . . . . . . . . 
'X-RAY DIFFRACTION' 3.43 36.18 . . 146 1310 99.25 . . . 0.2107 . 0.1918 . . . . . . . . . . . 
# 
_struct.entry_id                     7SOO 
_struct.title                        'LaM domain of human LARP1' 
_struct.pdbx_model_details           ? 
_struct.pdbx_formula_weight          ? 
_struct.pdbx_formula_weight_method   ? 
_struct.pdbx_model_type_details      ? 
_struct.pdbx_CASP_flag               N 
# 
_struct_keywords.entry_id        7SOO 
_struct_keywords.text            'Winged helix fold, RNA binding domain, RNA BINDING PROTEIN' 
_struct_keywords.pdbx_keywords   'RNA BINDING PROTEIN' 
# 
loop_
_struct_asym.id 
_struct_asym.pdbx_blank_PDB_chainid_flag 
_struct_asym.pdbx_modified 
_struct_asym.entity_id 
_struct_asym.details 
A N N 1 ? 
B N N 2 ? 
C N N 2 ? 
D N N 2 ? 
E N N 2 ? 
F N N 3 ? 
G N N 4 ? 
# 
loop_
_struct_conf.conf_type_id 
_struct_conf.id 
_struct_conf.pdbx_PDB_helix_id 
_struct_conf.beg_label_comp_id 
_struct_conf.beg_label_asym_id 
_struct_conf.beg_label_seq_id 
_struct_conf.pdbx_beg_PDB_ins_code 
_struct_conf.end_label_comp_id 
_struct_conf.end_label_asym_id 
_struct_conf.end_label_seq_id 
_struct_conf.pdbx_end_PDB_ins_code 
_struct_conf.beg_auth_comp_id 
_struct_conf.beg_auth_asym_id 
_struct_conf.beg_auth_seq_id 
_struct_conf.end_auth_comp_id 
_struct_conf.end_auth_asym_id 
_struct_conf.end_auth_seq_id 
_struct_conf.pdbx_PDB_helix_class 
_struct_conf.details 
_struct_conf.pdbx_PDB_helix_length 
HELX_P HELX_P1 AA1 SER A 11 ? PHE A 27 ? SER A 322 PHE A 338 1 ? 17 
HELX_P HELX_P2 AA2 SER A 28 ? GLU A 33 ? SER A 339 GLU A 344 1 ? 6  
HELX_P HELX_P3 AA3 ASP A 35 ? LYS A 41 ? ASP A 346 LYS A 352 1 ? 7  
HELX_P HELX_P4 AA4 ILE A 50 ? SER A 55 ? ILE A 361 SER A 366 1 ? 6  
HELX_P HELX_P5 AA5 PHE A 56 ? ALA A 61 ? PHE A 367 ALA A 372 1 ? 6  
HELX_P HELX_P6 AA6 ASP A 65 ? LYS A 74 ? ASP A 376 LYS A 385 1 ? 10 
HELX_P HELX_P7 AA7 GLU A 91 ? TRP A 95 ? GLU A 402 TRP A 406 5 ? 5  
# 
_struct_conf_type.id          HELX_P 
_struct_conf_type.criteria    ? 
_struct_conf_type.reference   ? 
# 
_struct_conn.id                            metalc1 
_struct_conn.conn_type_id                  metalc 
_struct_conn.pdbx_leaving_atom_flag        ? 
_struct_conn.pdbx_PDB_id                   ? 
_struct_conn.ptnr1_label_asym_id           F 
_struct_conn.ptnr1_label_comp_id           NA 
_struct_conn.ptnr1_label_seq_id            . 
_struct_conn.ptnr1_label_atom_id           NA 
_struct_conn.pdbx_ptnr1_label_alt_id       ? 
_struct_conn.pdbx_ptnr1_PDB_ins_code       ? 
_struct_conn.pdbx_ptnr1_standard_comp_id   ? 
_struct_conn.ptnr1_symmetry                1_555 
_struct_conn.ptnr2_label_asym_id           G 
_struct_conn.ptnr2_label_comp_id           HOH 
_struct_conn.ptnr2_label_seq_id            . 
_struct_conn.ptnr2_label_atom_id           O 
_struct_conn.pdbx_ptnr2_label_alt_id       ? 
_struct_conn.pdbx_ptnr2_PDB_ins_code       ? 
_struct_conn.ptnr1_auth_asym_id            A 
_struct_conn.ptnr1_auth_comp_id            NA 
_struct_conn.ptnr1_auth_seq_id             505 
_struct_conn.ptnr2_auth_asym_id            A 
_struct_conn.ptnr2_auth_comp_id            HOH 
_struct_conn.ptnr2_auth_seq_id             623 
_struct_conn.ptnr2_symmetry                1_555 
_struct_conn.pdbx_ptnr3_label_atom_id      ? 
_struct_conn.pdbx_ptnr3_label_seq_id       ? 
_struct_conn.pdbx_ptnr3_label_comp_id      ? 
_struct_conn.pdbx_ptnr3_label_asym_id      ? 
_struct_conn.pdbx_ptnr3_label_alt_id       ? 
_struct_conn.pdbx_ptnr3_PDB_ins_code       ? 
_struct_conn.details                       ? 
_struct_conn.pdbx_dist_value               3.069 
_struct_conn.pdbx_value_order              ? 
_struct_conn.pdbx_role                     ? 
# 
_struct_conn_type.id          metalc 
_struct_conn_type.criteria    ? 
_struct_conn_type.reference   ? 
# 
_struct_sheet.id               AA1 
_struct_sheet.type             ? 
_struct_sheet.number_strands   3 
_struct_sheet.details          ? 
# 
loop_
_struct_sheet_order.sheet_id 
_struct_sheet_order.range_id_1 
_struct_sheet_order.range_id_2 
_struct_sheet_order.offset 
_struct_sheet_order.sense 
AA1 1 2 ? anti-parallel 
AA1 2 3 ? anti-parallel 
# 
loop_
_struct_sheet_range.sheet_id 
_struct_sheet_range.id 
_struct_sheet_range.beg_label_comp_id 
_struct_sheet_range.beg_label_asym_id 
_struct_sheet_range.beg_label_seq_id 
_struct_sheet_range.pdbx_beg_PDB_ins_code 
_struct_sheet_range.end_label_comp_id 
_struct_sheet_range.end_label_asym_id 
_struct_sheet_range.end_label_seq_id 
_struct_sheet_range.pdbx_end_PDB_ins_code 
_struct_sheet_range.beg_auth_comp_id 
_struct_sheet_range.beg_auth_asym_id 
_struct_sheet_range.beg_auth_seq_id 
_struct_sheet_range.end_auth_comp_id 
_struct_sheet_range.end_auth_asym_id 
_struct_sheet_range.end_auth_seq_id 
AA1 1 LEU A 48 ? PRO A 49 ? LEU A 359 PRO A 360 
AA1 2 LYS A 85 ? ARG A 88 ? LYS A 396 ARG A 399 
AA1 3 VAL A 79 ? VAL A 82 ? VAL A 390 VAL A 393 
# 
loop_
_pdbx_struct_sheet_hbond.sheet_id 
_pdbx_struct_sheet_hbond.range_id_1 
_pdbx_struct_sheet_hbond.range_id_2 
_pdbx_struct_sheet_hbond.range_1_label_atom_id 
_pdbx_struct_sheet_hbond.range_1_label_comp_id 
_pdbx_struct_sheet_hbond.range_1_label_asym_id 
_pdbx_struct_sheet_hbond.range_1_label_seq_id 
_pdbx_struct_sheet_hbond.range_1_PDB_ins_code 
_pdbx_struct_sheet_hbond.range_1_auth_atom_id 
_pdbx_struct_sheet_hbond.range_1_auth_comp_id 
_pdbx_struct_sheet_hbond.range_1_auth_asym_id 
_pdbx_struct_sheet_hbond.range_1_auth_seq_id 
_pdbx_struct_sheet_hbond.range_2_label_atom_id 
_pdbx_struct_sheet_hbond.range_2_label_comp_id 
_pdbx_struct_sheet_hbond.range_2_label_asym_id 
_pdbx_struct_sheet_hbond.range_2_label_seq_id 
_pdbx_struct_sheet_hbond.range_2_PDB_ins_code 
_pdbx_struct_sheet_hbond.range_2_auth_atom_id 
_pdbx_struct_sheet_hbond.range_2_auth_comp_id 
_pdbx_struct_sheet_hbond.range_2_auth_asym_id 
_pdbx_struct_sheet_hbond.range_2_auth_seq_id 
AA1 1 2 N LEU A 48 ? N LEU A 359 O VAL A 86 ? O VAL A 397 
AA1 2 3 O LYS A 85 ? O LYS A 396 N VAL A 82 ? N VAL A 393 
# 
_atom_sites.entry_id                    7SOO 
_atom_sites.Cartn_transf_matrix[1][1]   ? 
_atom_sites.Cartn_transf_matrix[1][2]   ? 
_atom_sites.Cartn_transf_matrix[1][3]   ? 
_atom_sites.Cartn_transf_matrix[2][1]   ? 
_atom_sites.Cartn_transf_matrix[2][2]   ? 
_atom_sites.Cartn_transf_matrix[2][3]   ? 
_atom_sites.Cartn_transf_matrix[3][1]   ? 
_atom_sites.Cartn_transf_matrix[3][2]   ? 
_atom_sites.Cartn_transf_matrix[3][3]   ? 
_atom_sites.Cartn_transf_vector[1]      ? 
_atom_sites.Cartn_transf_vector[2]      ? 
_atom_sites.Cartn_transf_vector[3]      ? 
_atom_sites.fract_transf_matrix[1][1]   -0.00979364 
_atom_sites.fract_transf_matrix[1][2]   0.02338065 
_atom_sites.fract_transf_matrix[1][3]   0.01025033 
_atom_sites.fract_transf_matrix[2][1]   -0.00477864 
_atom_sites.fract_transf_matrix[2][2]   -0.01001300 
_atom_sites.fract_transf_matrix[2][3]   0.01827357 
_atom_sites.fract_transf_matrix[3][1]   0.01587645 
_atom_sites.fract_transf_matrix[3][2]   0.00389454 
_atom_sites.fract_transf_matrix[3][3]   0.00628579 
_atom_sites.fract_transf_vector[1]      0.047542 
_atom_sites.fract_transf_vector[2]      0.470597 
_atom_sites.fract_transf_vector[3]      0.427633 
_atom_sites.solution_primary            ? 
_atom_sites.solution_secondary          ? 
_atom_sites.solution_hydrogens          ? 
_atom_sites.special_details             ? 
# 
loop_
_atom_type.symbol 
_atom_type.scat_dispersion_real 
_atom_type.scat_dispersion_imag 
_atom_type.scat_Cromer_Mann_a1 
_atom_type.scat_Cromer_Mann_a2 
_atom_type.scat_Cromer_Mann_a3 
_atom_type.scat_Cromer_Mann_a4 
_atom_type.scat_Cromer_Mann_b1 
_atom_type.scat_Cromer_Mann_b2 
_atom_type.scat_Cromer_Mann_b3 
_atom_type.scat_Cromer_Mann_b4 
_atom_type.scat_Cromer_Mann_c 
_atom_type.scat_source 
_atom_type.scat_dispersion_source 
C  ? ? 3.54356 2.42580 ? ? 25.62398 1.50364  ? ? 0.0 
;2-Gaussian fit: Grosse-Kunstleve RW, Sauter NK, Adams PD: Newsletter of the IUCr Commission on Crystallographic Computing 2004, 3, 22-31.
;
? 
N  ? ? 4.01032 2.96436 ? ? 19.97189 1.75589  ? ? 0.0 
;2-Gaussian fit: Grosse-Kunstleve RW, Sauter NK, Adams PD: Newsletter of the IUCr Commission on Crystallographic Computing 2004, 3, 22-31.
;
? 
NA ? ? 9.38062 1.54875 ? ? 3.38349  72.32734 ? ? 0.0 
;2-Gaussian fit: Grosse-Kunstleve RW, Sauter NK, Adams PD: Newsletter of the IUCr Commission on Crystallographic Computing 2004, 3, 22-31.
;
? 
O  ? ? 4.49882 3.47563 ? ? 15.80542 1.70748  ? ? 0.0 
;2-Gaussian fit: Grosse-Kunstleve RW, Sauter NK, Adams PD: Newsletter of the IUCr Commission on Crystallographic Computing 2004, 3, 22-31.
;
? 
S  ? ? 9.55732 6.39887 ? ? 1.23737  29.19336 ? ? 0.0 
;2-Gaussian fit: Grosse-Kunstleve RW, Sauter NK, Adams PD: Newsletter of the IUCr Commission on Crystallographic Computing 2004, 3, 22-31.
;
? 
# 
loop_
_atom_site.group_PDB 
_atom_site.id 
_atom_site.type_symbol 
_atom_site.label_atom_id 
_atom_site.label_alt_id 
_atom_site.label_comp_id 
_atom_site.label_asym_id 
_atom_site.label_entity_id 
_atom_site.label_seq_id 
_atom_site.pdbx_PDB_ins_code 
_atom_site.Cartn_x 
_atom_site.Cartn_y 
_atom_site.Cartn_z 
_atom_site.occupancy 
_atom_site.B_iso_or_equiv 
_atom_site.pdbx_formal_charge 
_atom_site.auth_seq_id 
_atom_site.auth_comp_id 
_atom_site.auth_asym_id 
_atom_site.auth_atom_id 
_atom_site.pdbx_PDB_model_num 
ATOM   1   N  N   . SER A 1 11 ? 15.74172  14.51571  -3.26695  1.000 52.41190  ? 322 SER A N   1 
ATOM   2   C  CA  . SER A 1 11 ? 14.99754  14.92508  -4.45839  1.000 67.45847  ? 322 SER A CA  1 
ATOM   3   C  C   . SER A 1 11 ? 13.96905  13.85582  -4.81051  1.000 60.56284  ? 322 SER A C   1 
ATOM   4   O  O   . SER A 1 11 ? 12.82930  13.88251  -4.31162  1.000 41.47358  ? 322 SER A O   1 
ATOM   5   C  CB  . SER A 1 11 ? 15.94383  15.17210  -5.63705  1.000 66.09689  ? 322 SER A CB  1 
ATOM   6   N  N   . GLN A 1 12 ? 14.37009  12.91015  -5.67009  1.000 62.11429  ? 323 GLN A N   1 
ATOM   7   C  CA  . GLN A 1 12 ? 13.55992  11.70794  -5.83045  1.000 51.83557  ? 323 GLN A CA  1 
ATOM   8   C  C   . GLN A 1 12 ? 13.64813  10.82733  -4.59312  1.000 39.33974  ? 323 GLN A C   1 
ATOM   9   O  O   . GLN A 1 12 ? 12.68341  10.12509  -4.27136  1.000 37.09152  ? 323 GLN A O   1 
ATOM   10  C  CB  . GLN A 1 12 ? 13.95916  10.92762  -7.08361  1.000 57.42107  ? 323 GLN A CB  1 
ATOM   11  C  CG  . GLN A 1 12 ? 12.76072  10.21344  -7.70722  1.000 54.30875  ? 323 GLN A CG  1 
ATOM   12  C  CD  . GLN A 1 12 ? 13.07758  9.46087   -8.99020  1.000 72.43311  ? 323 GLN A CD  1 
ATOM   13  O  OE1 . GLN A 1 12 ? 14.23722  9.18228   -9.29835  1.000 69.18156  ? 323 GLN A OE1 1 
ATOM   14  N  NE2 . GLN A 1 12 ? 12.03272  9.11058   -9.73834  1.000 57.13017  ? 323 GLN A NE2 1 
ATOM   15  N  N   . GLU A 1 13 ? 14.77080  10.88806  -3.86369  1.000 36.61271  ? 324 GLU A N   1 
ATOM   16  C  CA  . GLU A 1 13 ? 14.82542  10.26830  -2.53930  1.000 35.70252  ? 324 GLU A CA  1 
ATOM   17  C  C   . GLU A 1 13 ? 13.79817  10.88581  -1.59342  1.000 33.98475  ? 324 GLU A C   1 
ATOM   18  O  O   . GLU A 1 13 ? 13.14690  10.17564  -0.81540  1.000 30.50623  ? 324 GLU A O   1 
ATOM   19  C  CB  . GLU A 1 13 ? 16.23566  10.39272  -1.95260  1.000 38.59575  ? 324 GLU A CB  1 
ATOM   20  C  CG  . GLU A 1 13 ? 17.28014  9.42347   -2.51825  1.000 42.55972  ? 324 GLU A CG  1 
ATOM   21  C  CD  . GLU A 1 13 ? 16.75944  8.00603   -2.71741  1.000 45.96022  ? 324 GLU A CD  1 
ATOM   22  O  OE1 . GLU A 1 13 ? 16.20286  7.42067   -1.75974  1.000 50.72774  ? 324 GLU A OE1 1 
ATOM   23  O  OE2 . GLU A 1 13 ? 16.92157  7.47140   -3.83152  1.000 62.27235  ? 324 GLU A OE2 1 
ATOM   24  N  N   . LEU A 1 14 ? 13.63182  12.21084  -1.63889  1.000 32.26099  ? 325 LEU A N   1 
ATOM   25  C  CA  . LEU A 1 14 ? 12.62904  12.83103  -0.78015  1.000 33.56694  ? 325 LEU A CA  1 
ATOM   26  C  C   . LEU A 1 14 ? 11.22563  12.42939  -1.20656  1.000 30.65784  ? 325 LEU A C   1 
ATOM   27  O  O   . LEU A 1 14 ? 10.38752  12.09641  -0.36707  1.000 30.06038  ? 325 LEU A O   1 
ATOM   28  C  CB  . LEU A 1 14 ? 12.76911  14.34925  -0.80479  1.000 34.48118  ? 325 LEU A CB  1 
ATOM   29  C  CG  . LEU A 1 14 ? 11.68580  15.07801  -0.00481  1.000 35.25273  ? 325 LEU A CG  1 
ATOM   30  C  CD1 . LEU A 1 14 ? 11.58881  14.55616  1.42715   1.000 37.39674  ? 325 LEU A CD1 1 
ATOM   31  C  CD2 . LEU A 1 14 ? 11.92084  16.58157  -0.01642  1.000 40.32691  ? 325 LEU A CD2 1 
ATOM   32  N  N   . LEU A 1 15 ? 10.95700  12.45008  -2.51106  1.000 32.80282  ? 326 LEU A N   1 
ATOM   33  C  CA  . LEU A 1 15 ? 9.64810   12.02840  -2.99003  1.000 32.62411  ? 326 LEU A CA  1 
ATOM   34  C  C   . LEU A 1 15 ? 9.35964   10.59607  -2.57620  1.000 32.67878  ? 326 LEU A C   1 
ATOM   35  O  O   . LEU A 1 15 ? 8.25532   10.28024  -2.12193  1.000 32.62176  ? 326 LEU A O   1 
ATOM   36  C  CB  . LEU A 1 15 ? 9.58553   12.17219  -4.50916  1.000 35.60786  ? 326 LEU A CB  1 
ATOM   37  C  CG  . LEU A 1 15 ? 8.21624   12.11929  -5.17253  1.000 34.73529  ? 326 LEU A CG  1 
ATOM   38  C  CD1 . LEU A 1 15 ? 7.24008   13.09185  -4.50250  1.000 30.47718  ? 326 LEU A CD1 1 
ATOM   39  C  CD2 . LEU A 1 15 ? 8.35109   12.38831  -6.68616  1.000 34.92928  ? 326 LEU A CD2 1 
ATOM   40  N  N   . LYS A 1 16 ? 10.35339  9.71908   -2.71697  1.000 32.84364  ? 327 LYS A N   1 
ATOM   41  C  CA  . LYS A 1 16 ? 10.20059  8.33562   -2.28646  1.000 29.65478  ? 327 LYS A CA  1 
ATOM   42  C  C   . LYS A 1 16 ? 9.81783   8.24934   -0.81101  1.000 32.29293  ? 327 LYS A C   1 
ATOM   43  O  O   . LYS A 1 16 ? 8.98776   7.41738   -0.42740  1.000 33.06984  ? 327 LYS A O   1 
ATOM   44  C  CB  . LYS A 1 16 ? 11.49960  7.57580   -2.57940  1.000 31.25882  ? 327 LYS A CB  1 
ATOM   45  C  CG  . LYS A 1 16 ? 11.52381  6.14454   -2.10229  1.000 46.01596  ? 327 LYS A CG  1 
ATOM   46  C  CD  . LYS A 1 16 ? 12.91546  5.53010   -2.20941  1.000 47.45304  ? 327 LYS A CD  1 
ATOM   47  C  CE  . LYS A 1 16 ? 13.47639  5.69242   -3.61643  1.000 50.17990  ? 327 LYS A CE  1 
ATOM   48  N  NZ  . LYS A 1 16 ? 14.81266  5.03859   -3.77717  1.000 54.15836  ? 327 LYS A NZ  1 
ATOM   49  N  N   . ASP A 1 17 ? 10.39566  9.10953   0.03434   1.000 27.20958  ? 328 ASP A N   1 
ATOM   50  C  CA  . ASP A 1 17 ? 10.06662  9.05572   1.45573   1.000 27.01486  ? 328 ASP A CA  1 
ATOM   51  C  C   . ASP A 1 17 ? 8.61257   9.44517   1.71167   1.000 32.62670  ? 328 ASP A C   1 
ATOM   52  O  O   . ASP A 1 17 ? 7.95088   8.86177   2.57865   1.000 30.44680  ? 328 ASP A O   1 
ATOM   53  C  CB  . ASP A 1 17 ? 11.00536  9.95808   2.25077   1.000 34.48014  ? 328 ASP A CB  1 
ATOM   54  C  CG  . ASP A 1 17 ? 10.94901  9.67621   3.73873   1.000 41.96800  ? 328 ASP A CG  1 
ATOM   55  O  OD1 . ASP A 1 17 ? 11.28219  8.53904   4.13379   1.000 46.76805  ? 328 ASP A OD1 1 
ATOM   56  O  OD2 . ASP A 1 17 ? 10.54153  10.57788  4.50188   1.000 38.23609  ? 328 ASP A OD2 1 
ATOM   57  N  N   . TYR A 1 18 ? 8.09052   10.42335  0.97048   1.000 29.55541  ? 329 TYR A N   1 
ATOM   58  C  CA  . TYR A 1 18 ? 6.69096   10.79872  1.15828   1.000 32.29351  ? 329 TYR A CA  1 
ATOM   59  C  C   . TYR A 1 18 ? 5.75046   9.70112   0.67444   1.000 28.42895  ? 329 TYR A C   1 
ATOM   60  O  O   . TYR A 1 18 ? 4.71040   9.44373   1.30081   1.000 32.00599  ? 329 TYR A O   1 
ATOM   61  C  CB  . TYR A 1 18 ? 6.39542   12.10416  0.42541   1.000 28.66807  ? 329 TYR A CB  1 
ATOM   62  C  CG  . TYR A 1 18 ? 6.85158   13.34836  1.16118   1.000 30.35245  ? 329 TYR A CG  1 
ATOM   63  C  CD1 . TYR A 1 18 ? 6.34265   13.67044  2.41930   1.000 33.55314  ? 329 TYR A CD1 1 
ATOM   64  C  CD2 . TYR A 1 18 ? 7.78566   14.20295  0.59521   1.000 35.93128  ? 329 TYR A CD2 1 
ATOM   65  C  CE1 . TYR A 1 18 ? 6.75551   14.81916  3.09107   1.000 32.42358  ? 329 TYR A CE1 1 
ATOM   66  C  CE2 . TYR A 1 18 ? 8.20456   15.35048  1.25757   1.000 33.90465  ? 329 TYR A CE2 1 
ATOM   67  C  CZ  . TYR A 1 18 ? 7.68920   15.65363  2.50302   1.000 34.16033  ? 329 TYR A CZ  1 
ATOM   68  O  OH  . TYR A 1 18 ? 8.12389   16.79531  3.15018   1.000 35.59360  ? 329 TYR A OH  1 
ATOM   69  N  N   . ILE A 1 19 ? 6.07389   9.08719   -0.46141  1.000 28.71527  ? 330 ILE A N   1 
ATOM   70  C  CA  . ILE A 1 19 ? 5.27141   7.98130   -0.98126  1.000 28.20088  ? 330 ILE A CA  1 
ATOM   71  C  C   . ILE A 1 19 ? 5.28035   6.82359   0.00756   1.000 30.52973  ? 330 ILE A C   1 
ATOM   72  O  O   . ILE A 1 19 ? 4.23885   6.22317   0.30064   1.000 30.42684  ? 330 ILE A O   1 
ATOM   73  C  CB  . ILE A 1 19 ? 5.79103   7.54344   -2.36142  1.000 26.96909  ? 330 ILE A CB  1 
ATOM   74  C  CG1 . ILE A 1 19 ? 5.70493   8.69739   -3.36775  1.000 31.94465  ? 330 ILE A CG1 1 
ATOM   75  C  CG2 . ILE A 1 19 ? 5.02751   6.30216   -2.87267  1.000 30.42628  ? 330 ILE A CG2 1 
ATOM   76  C  CD1 . ILE A 1 19 ? 6.50700   8.47125   -4.62041  1.000 35.20845  ? 330 ILE A CD1 1 
ATOM   77  N  N   . LYS A 1 20 ? 6.46583   6.49385   0.52861   1.000 29.29905  ? 331 LYS A N   1 
ATOM   78  C  CA  . LYS A 1 20 ? 6.59538   5.41397   1.51058   1.000 30.72633  ? 331 LYS A CA  1 
ATOM   79  C  C   . LYS A 1 20 ? 5.69964   5.65231   2.71327   1.000 32.14572  ? 331 LYS A C   1 
ATOM   80  O  O   . LYS A 1 20 ? 4.90772   4.78514   3.09510   1.000 33.86674  ? 331 LYS A O   1 
ATOM   81  C  CB  . LYS A 1 20 ? 8.05107   5.28458   1.96014   1.000 33.30367  ? 331 LYS A CB  1 
ATOM   82  C  CG  . LYS A 1 20 ? 8.35018   4.05992   2.82554   1.000 37.20608  ? 331 LYS A CG  1 
ATOM   83  C  CD  . LYS A 1 20 ? 9.66713   4.25062   3.59338   1.000 37.85723  ? 331 LYS A CD  1 
ATOM   84  C  CE  . LYS A 1 20 ? 9.98821   3.05634   4.47557   1.000 44.61910  ? 331 LYS A CE  1 
ATOM   85  N  NZ  . LYS A 1 20 ? 11.26415  3.24103   5.22102   1.000 60.59797  ? 331 LYS A NZ  1 
ATOM   86  N  N   . ARG A 1 21 ? 5.81905   6.82475   3.33280   1.000 28.73429  ? 332 ARG A N   1 
ATOM   87  C  CA  . ARG A 1 21 ? 5.04588   7.07791   4.54287   1.000 30.99938  ? 332 ARG A CA  1 
ATOM   88  C  C   . ARG A 1 21 ? 3.55349   7.07393   4.25139   1.000 31.58964  ? 332 ARG A C   1 
ATOM   89  O  O   . ARG A 1 21 ? 2.75845   6.61132   5.08024   1.000 32.44323  ? 332 ARG A O   1 
ATOM   90  C  CB  . ARG A 1 21 ? 5.47604   8.40244   5.17446   1.000 36.45089  ? 332 ARG A CB  1 
ATOM   91  C  CG  . ARG A 1 21 ? 6.91897   8.40588   5.65062   1.000 44.42540  ? 332 ARG A CG  1 
ATOM   92  N  N   . GLN A 1 22 ? 3.15584   7.55116   3.07446   1.000 31.60223  ? 333 GLN A N   1 
ATOM   93  C  CA  . GLN A 1 22 ? 1.73775   7.57827   2.73748   1.000 31.15633  ? 333 GLN A CA  1 
ATOM   94  C  C   . GLN A 1 22 ? 1.18507   6.16592   2.58449   1.000 31.45651  ? 333 GLN A C   1 
ATOM   95  O  O   . GLN A 1 22 ? 0.11661   5.84631   3.11812   1.000 32.73297  ? 333 GLN A O   1 
ATOM   96  C  CB  . GLN A 1 22 ? 1.51405   8.39072   1.46503   1.000 32.90652  ? 333 GLN A CB  1 
ATOM   97  C  CG  . GLN A 1 22 ? 0.06277   8.41728   1.00147   1.000 33.15179  ? 333 GLN A CG  1 
ATOM   98  C  CD  . GLN A 1 22 ? -0.85627  9.08675   2.01235   1.000 34.29351  ? 333 GLN A CD  1 
ATOM   99  O  OE1 . GLN A 1 22 ? -0.81770  10.29931  2.18669   1.000 37.29612  ? 333 GLN A OE1 1 
ATOM   100 N  NE2 . GLN A 1 22 ? -1.69543  8.29462   2.67372   1.000 35.44046  ? 333 GLN A NE2 1 
ATOM   101 N  N   . ILE A 1 23 ? 1.89556   5.30171   1.85602   1.000 29.36136  ? 334 ILE A N   1 
ATOM   102 C  CA  . ILE A 1 23 ? 1.38147   3.95525   1.63313   1.000 28.24531  ? 334 ILE A CA  1 
ATOM   103 C  C   . ILE A 1 23 ? 1.47049   3.13672   2.91527   1.000 33.75450  ? 334 ILE A C   1 
ATOM   104 O  O   . ILE A 1 23 ? 0.57529   2.33354   3.22060   1.000 33.89096  ? 334 ILE A O   1 
ATOM   105 C  CB  . ILE A 1 23 ? 2.12125   3.29651   0.45934   1.000 28.43290  ? 334 ILE A CB  1 
ATOM   106 C  CG1 . ILE A 1 23 ? 1.78623   4.05531   -0.82475  1.000 35.39712  ? 334 ILE A CG1 1 
ATOM   107 C  CG2 . ILE A 1 23 ? 1.74933   1.81292   0.33185   1.000 33.01178  ? 334 ILE A CG2 1 
ATOM   108 C  CD1 . ILE A 1 23 ? 2.56957   3.58158   -2.01893  1.000 31.85124  ? 334 ILE A CD1 1 
ATOM   109 N  N   . GLU A 1 24 ? 2.52551   3.34771   3.70784   1.000 32.54075  ? 335 GLU A N   1 
ATOM   110 C  CA  . GLU A 1 24 ? 2.58774   2.66230   4.99381   1.000 34.11272  ? 335 GLU A CA  1 
ATOM   111 C  C   . GLU A 1 24 ? 1.42258   3.07626   5.88291   1.000 36.05958  ? 335 GLU A C   1 
ATOM   112 O  O   . GLU A 1 24 ? 0.91881   2.25595   6.65909   1.000 33.63922  ? 335 GLU A O   1 
ATOM   113 C  CB  . GLU A 1 24 ? 3.93869   2.91330   5.67772   1.000 33.90125  ? 335 GLU A CB  1 
ATOM   114 C  CG  . GLU A 1 24 ? 5.08422   2.14667   5.00643   1.000 33.29197  ? 335 GLU A CG  1 
ATOM   115 C  CD  . GLU A 1 24 ? 6.42601   2.28943   5.72209   1.000 39.92828  ? 335 GLU A CD  1 
ATOM   116 O  OE1 . GLU A 1 24 ? 6.54827   3.17454   6.59227   1.000 46.29904  ? 335 GLU A OE1 1 
ATOM   117 O  OE2 . GLU A 1 24 ? 7.35287   1.49977   5.41663   1.000 41.68559  ? 335 GLU A OE2 1 
ATOM   118 N  N   . TYR A 1 25 ? 0.94033   4.31856   5.74790   1.000 33.55242  ? 336 TYR A N   1 
ATOM   119 C  CA  . TYR A 1 25 ? -0.22268  4.72485   6.53724   1.000 33.68090  ? 336 TYR A CA  1 
ATOM   120 C  C   . TYR A 1 25 ? -1.46281  3.92746   6.14995   1.000 35.35758  ? 336 TYR A C   1 
ATOM   121 O  O   . TYR A 1 25 ? -2.23241  3.50323   7.02084   1.000 32.61395  ? 336 TYR A O   1 
ATOM   122 C  CB  . TYR A 1 25 ? -0.51296  6.21873   6.38541   1.000 32.81663  ? 336 TYR A CB  1 
ATOM   123 C  CG  . TYR A 1 25 ? -1.78077  6.55911   7.12417   1.000 36.04447  ? 336 TYR A CG  1 
ATOM   124 C  CD1 . TYR A 1 25 ? -1.82197  6.50459   8.51062   1.000 42.98654  ? 336 TYR A CD1 1 
ATOM   125 C  CD2 . TYR A 1 25 ? -2.95951  6.83434   6.44379   1.000 37.26132  ? 336 TYR A CD2 1 
ATOM   126 C  CE1 . TYR A 1 25 ? -2.98753  6.76723   9.19934   1.000 39.50400  ? 336 TYR A CE1 1 
ATOM   127 C  CE2 . TYR A 1 25 ? -4.13640  7.10032   7.12680   1.000 38.45798  ? 336 TYR A CE2 1 
ATOM   128 C  CZ  . TYR A 1 25 ? -4.14070  7.06446   8.50409   1.000 42.39333  ? 336 TYR A CZ  1 
ATOM   129 O  OH  . TYR A 1 25 ? -5.30131  7.32734   9.19315   1.000 48.26325  ? 336 TYR A OH  1 
ATOM   130 N  N   . TYR A 1 26 ? -1.67998  3.71562   4.84497   1.000 32.31208  ? 337 TYR A N   1 
ATOM   131 C  CA  . TYR A 1 26 ? -2.84862  2.95659   4.40513   1.000 29.07612  ? 337 TYR A CA  1 
ATOM   132 C  C   . TYR A 1 26 ? -2.88760  1.58257   5.05483   1.000 31.40261  ? 337 TYR A C   1 
ATOM   133 O  O   . TYR A 1 26 ? -3.96539  1.04616   5.32005   1.000 31.68857  ? 337 TYR A O   1 
ATOM   134 C  CB  . TYR A 1 26 ? -2.83328  2.76950   2.88903   1.000 27.68718  ? 337 TYR A CB  1 
ATOM   135 C  CG  . TYR A 1 26 ? -2.97820  4.01836   2.04083   1.000 33.50719  ? 337 TYR A CG  1 
ATOM   136 C  CD1 . TYR A 1 26 ? -3.83828  5.04982   2.39101   1.000 34.69202  ? 337 TYR A CD1 1 
ATOM   137 C  CD2 . TYR A 1 26 ? -2.26799  4.13332   0.85687   1.000 33.69331  ? 337 TYR A CD2 1 
ATOM   138 C  CE1 . TYR A 1 26 ? -3.96336  6.18532   1.57187   1.000 36.99955  ? 337 TYR A CE1 1 
ATOM   139 C  CE2 . TYR A 1 26 ? -2.38460  5.24240   0.04886   1.000 33.83736  ? 337 TYR A CE2 1 
ATOM   140 C  CZ  . TYR A 1 26 ? -3.22382  6.26097   0.40234   1.000 32.97948  ? 337 TYR A CZ  1 
ATOM   141 O  OH  . TYR A 1 26 ? -3.30812  7.35013   -0.43716  1.000 38.06291  ? 337 TYR A OH  1 
ATOM   142 N  N   . PHE A 1 27 ? -1.72311  0.98791   5.28407   1.000 30.36857  ? 338 PHE A N   1 
ATOM   143 C  CA  . PHE A 1 27 ? -1.64498  -0.36110  5.81625   1.000 30.17392  ? 338 PHE A CA  1 
ATOM   144 C  C   . PHE A 1 27 ? -1.43447  -0.37218  7.31961   1.000 35.45455  ? 338 PHE A C   1 
ATOM   145 O  O   . PHE A 1 27 ? -1.17072  -1.43440  7.89523   1.000 35.91055  ? 338 PHE A O   1 
ATOM   146 C  CB  . PHE A 1 27 ? -0.53237  -1.12717  5.10026   1.000 30.86213  ? 338 PHE A CB  1 
ATOM   147 C  CG  . PHE A 1 27 ? -0.89745  -1.53364  3.70144   1.000 30.91125  ? 338 PHE A CG  1 
ATOM   148 C  CD1 . PHE A 1 27 ? -1.68515  -2.65542  3.47649   1.000 31.10130  ? 338 PHE A CD1 1 
ATOM   149 C  CD2 . PHE A 1 27 ? -0.49457  -0.76882  2.61533   1.000 30.43707  ? 338 PHE A CD2 1 
ATOM   150 C  CE1 . PHE A 1 27 ? -2.03383  -3.03869  2.19001   1.000 26.98303  ? 338 PHE A CE1 1 
ATOM   151 C  CE2 . PHE A 1 27 ? -0.84708  -1.14315  1.32450   1.000 29.54065  ? 338 PHE A CE2 1 
ATOM   152 C  CZ  . PHE A 1 27 ? -1.61778  -2.27360  1.11707   1.000 29.25038  ? 338 PHE A CZ  1 
ATOM   153 N  N   . SER A 1 28 ? -1.54786  0.78442   7.96483   1.000 32.30854  ? 339 SER A N   1 
ATOM   154 C  CA  . SER A 1 28 ? -1.46914  0.84920   9.41274   1.000 37.27586  ? 339 SER A CA  1 
ATOM   155 C  C   . SER A 1 28 ? -2.74036  0.28924   10.03393  1.000 35.81223  ? 339 SER A C   1 
ATOM   156 O  O   . SER A 1 28 ? -3.81791  0.28950   9.42478   1.000 36.31626  ? 339 SER A O   1 
ATOM   157 C  CB  . SER A 1 28 ? -1.25573  2.29254   9.87285   1.000 37.61668  ? 339 SER A CB  1 
ATOM   158 O  OG  . SER A 1 28 ? -2.43068  3.06674   9.66636   1.000 33.21678  ? 339 SER A OG  1 
ATOM   159 N  N   . VAL A 1 29 ? -2.60800  -0.20799  11.26272  1.000 37.35065  ? 340 VAL A N   1 
ATOM   160 C  CA  . VAL A 1 29 ? -3.79137  -0.65316  11.99178  1.000 40.55053  ? 340 VAL A CA  1 
ATOM   161 C  C   . VAL A 1 29 ? -4.78125  0.49463   12.14430  1.000 35.30776  ? 340 VAL A C   1 
ATOM   162 O  O   . VAL A 1 29 ? -5.99473  0.31730   11.97096  1.000 38.06694  ? 340 VAL A O   1 
ATOM   163 C  CB  . VAL A 1 29 ? -3.38308  -1.25134  13.34826  1.000 41.79021  ? 340 VAL A CB  1 
ATOM   164 C  CG1 . VAL A 1 29 ? -4.59557  -1.40715  14.25562  1.000 46.43204  ? 340 VAL A CG1 1 
ATOM   165 C  CG2 . VAL A 1 29 ? -2.69239  -2.58930  13.12674  1.000 44.95561  ? 340 VAL A CG2 1 
ATOM   166 N  N   . ASP A 1 30 ? -4.27673  1.69825   12.43285  1.000 39.53533  ? 341 ASP A N   1 
ATOM   167 C  CA  . ASP A 1 30 ? -5.15192  2.85494   12.58885  1.000 39.06387  ? 341 ASP A CA  1 
ATOM   168 C  C   . ASP A 1 30 ? -6.02046  3.06933   11.35469  1.000 39.27618  ? 341 ASP A C   1 
ATOM   169 O  O   . ASP A 1 30 ? -7.23304  3.28151   11.46648  1.000 42.11069  ? 341 ASP A O   1 
ATOM   170 C  CB  . ASP A 1 30 ? -4.32338  4.10293   12.89184  1.000 44.65067  ? 341 ASP A CB  1 
ATOM   171 C  CG  . ASP A 1 30 ? -5.07590  5.10626   13.73478  1.000 66.20166  ? 341 ASP A CG  1 
ATOM   172 O  OD1 . ASP A 1 30 ? -5.10414  4.95082   14.97562  1.000 73.70460  ? 341 ASP A OD1 1 
ATOM   173 O  OD2 . ASP A 1 30 ? -5.63370  6.05805   13.15114  1.000 70.73499  ? 341 ASP A OD2 1 
ATOM   174 N  N   . ASN A 1 31 ? -5.42263  3.02132   10.16326  1.000 37.22202  ? 342 ASN A N   1 
ATOM   175 C  CA  . ASN A 1 31 ? -6.23326  3.19781   8.96303   1.000 34.10817  ? 342 ASN A CA  1 
ATOM   176 C  C   . ASN A 1 31 ? -7.09602  1.97618   8.69168   1.000 32.83501  ? 342 ASN A C   1 
ATOM   177 O  O   . ASN A 1 31 ? -8.27118  2.10401   8.33190   1.000 32.84936  ? 342 ASN A O   1 
ATOM   178 C  CB  . ASN A 1 31 ? -5.36037  3.47691   7.74535   1.000 32.10486  ? 342 ASN A CB  1 
ATOM   179 C  CG  . ASN A 1 31 ? -6.19600  3.71661   6.49581   1.000 33.73470  ? 342 ASN A CG  1 
ATOM   180 O  OD1 . ASN A 1 31 ? -7.02373  4.62697   6.46708   1.000 34.10276  ? 342 ASN A OD1 1 
ATOM   181 N  ND2 . ASN A 1 31 ? -6.00571  2.88655   5.47287   1.000 31.38115  ? 342 ASN A ND2 1 
ATOM   182 N  N   . LEU A 1 32 ? -6.52725  0.78303   8.84441   1.000 31.50066  ? 343 LEU A N   1 
ATOM   183 C  CA  . LEU A 1 32 ? -7.25985  -0.42228  8.46452   1.000 30.55295  ? 343 LEU A CA  1 
ATOM   184 C  C   . LEU A 1 32 ? -8.51650  -0.62476  9.30465   1.000 33.84774  ? 343 LEU A C   1 
ATOM   185 O  O   . LEU A 1 32 ? -9.50996  -1.16896  8.80572   1.000 33.11088  ? 343 LEU A O   1 
ATOM   186 C  CB  . LEU A 1 32 ? -6.33227  -1.63264  8.56411   1.000 33.64499  ? 343 LEU A CB  1 
ATOM   187 C  CG  . LEU A 1 32 ? -5.35197  -1.76445  7.39565   1.000 35.74362  ? 343 LEU A CG  1 
ATOM   188 C  CD1 . LEU A 1 32 ? -4.37186  -2.90616  7.66968   1.000 34.42893  ? 343 LEU A CD1 1 
ATOM   189 C  CD2 . LEU A 1 32 ? -6.07732  -1.95919  6.05928   1.000 37.25643  ? 343 LEU A CD2 1 
ATOM   190 N  N   . GLU A 1 33 ? -8.52083  -0.16536  10.55788  1.000 35.07477  ? 344 GLU A N   1 
ATOM   191 C  CA  . GLU A 1 33 ? -9.71080  -0.35710  11.37868  1.000 39.68580  ? 344 GLU A CA  1 
ATOM   192 C  C   . GLU A 1 33 ? -10.92404 0.37311   10.81469  1.000 41.77080  ? 344 GLU A C   1 
ATOM   193 O  O   . GLU A 1 33 ? -12.05691 -0.02818  11.09590  1.000 39.16013  ? 344 GLU A O   1 
ATOM   194 C  CB  . GLU A 1 33 ? -9.44658  0.09124   12.81447  1.000 41.68733  ? 344 GLU A CB  1 
ATOM   195 C  CG  . GLU A 1 33 ? -8.65497  -0.91904  13.63032  1.000 42.99798  ? 344 GLU A CG  1 
ATOM   196 C  CD  . GLU A 1 33 ? -8.26742  -0.39249  15.00069  1.000 57.30752  ? 344 GLU A CD  1 
ATOM   197 O  OE1 . GLU A 1 33 ? -8.37259  0.83270   15.22216  1.000 52.44038  ? 344 GLU A OE1 1 
ATOM   198 O  OE2 . GLU A 1 33 ? -7.85892  -1.20756  15.85459  1.000 54.72615  ? 344 GLU A OE2 1 
ATOM   199 N  N   . ARG A 1 34 ? -10.71763 1.41545   10.00396  1.000 36.32996  ? 345 ARG A N   1 
ATOM   200 C  CA  . ARG A 1 34 ? -11.81961 2.17720   9.43824   1.000 37.52346  ? 345 ARG A CA  1 
ATOM   201 C  C   . ARG A 1 34 ? -11.88912 2.16649   7.91566   1.000 34.88425  ? 345 ARG A C   1 
ATOM   202 O  O   . ARG A 1 34 ? -12.91349 2.58519   7.36742   1.000 38.31998  ? 345 ARG A O   1 
ATOM   203 C  CB  . ARG A 1 34 ? -11.75903 3.64038   9.91147   1.000 48.50363  ? 345 ARG A CB  1 
ATOM   204 C  CG  . ARG A 1 34 ? -10.45256 4.32833   9.57820   1.000 51.41830  ? 345 ARG A CG  1 
ATOM   205 C  CD  . ARG A 1 34 ? -10.61420 5.83102   9.42985   1.000 73.61505  ? 345 ARG A CD  1 
ATOM   206 N  NE  . ARG A 1 34 ? -10.75192 6.21063   8.02840   1.000 74.43764  ? 345 ARG A NE  1 
ATOM   207 C  CZ  . ARG A 1 34 ? -9.82684  6.85582   7.33160   1.000 75.69127  ? 345 ARG A CZ  1 
ATOM   208 N  NH1 . ARG A 1 34 ? -8.66945  7.20307   7.87282   1.000 66.21849  ? 345 ARG A NH1 1 
ATOM   209 N  NH2 . ARG A 1 34 ? -10.06618 7.15458   6.05771   1.000 84.63079  ? 345 ARG A NH2 1 
ATOM   210 N  N   . ASP A 1 35 ? -10.85568 1.69060   7.21664   1.000 33.90199  ? 346 ASP A N   1 
ATOM   211 C  CA  . ASP A 1 35 ? -10.79177 1.80058   5.75576   1.000 30.69528  ? 346 ASP A CA  1 
ATOM   212 C  C   . ASP A 1 35 ? -11.40016 0.54883   5.12070   1.000 31.08720  ? 346 ASP A C   1 
ATOM   213 O  O   . ASP A 1 35 ? -10.71500 -0.34227  4.60996   1.000 32.51282  ? 346 ASP A O   1 
ATOM   214 C  CB  . ASP A 1 35 ? -9.35312  2.03824   5.31118   1.000 31.90509  ? 346 ASP A CB  1 
ATOM   215 C  CG  . ASP A 1 35 ? -9.24477  2.44910   3.85395   1.000 38.95326  ? 346 ASP A CG  1 
ATOM   216 O  OD1 . ASP A 1 35 ? -10.26440 2.38072   3.13399   1.000 36.98669  ? 346 ASP A OD1 1 
ATOM   217 O  OD2 . ASP A 1 35 ? -8.13298  2.83643   3.43231   1.000 36.72297  ? 346 ASP A OD2 1 
ATOM   218 N  N   . PHE A 1 36 ? -12.73074 0.50220   5.13029   1.000 32.28999  ? 347 PHE A N   1 
ATOM   219 C  CA  . PHE A 1 36 ? -13.41914 -0.66908  4.59660   1.000 32.70898  ? 347 PHE A CA  1 
ATOM   220 C  C   . PHE A 1 36 ? -13.23012 -0.80165  3.08724   1.000 34.95649  ? 347 PHE A C   1 
ATOM   221 O  O   . PHE A 1 36 ? -13.12642 -1.92095  2.57593   1.000 32.21579  ? 347 PHE A O   1 
ATOM   222 C  CB  . PHE A 1 36 ? -14.88971 -0.60556  4.97400   1.000 33.17686  ? 347 PHE A CB  1 
ATOM   223 C  CG  . PHE A 1 36 ? -15.10733 -0.34812  6.43021   1.000 36.96706  ? 347 PHE A CG  1 
ATOM   224 C  CD1 . PHE A 1 36 ? -14.49573 -1.15302  7.38341   1.000 33.78618  ? 347 PHE A CD1 1 
ATOM   225 C  CD2 . PHE A 1 36 ? -15.89542 0.70452   6.85425   1.000 39.42702  ? 347 PHE A CD2 1 
ATOM   226 C  CE1 . PHE A 1 36 ? -14.67929 -0.91735  8.72809   1.000 39.07464  ? 347 PHE A CE1 1 
ATOM   227 C  CE2 . PHE A 1 36 ? -16.08521 0.93979   8.19972   1.000 40.19868  ? 347 PHE A CE2 1 
ATOM   228 C  CZ  . PHE A 1 36 ? -15.47983 0.13207   9.13619   1.000 38.85072  ? 347 PHE A CZ  1 
ATOM   229 N  N   . PHE A 1 37 ? -13.16101 0.31568   2.35866   1.000 33.95504  ? 348 PHE A N   1 
ATOM   230 C  CA  . PHE A 1 37 ? -12.91078 0.23741   0.92155   1.000 36.32637  ? 348 PHE A CA  1 
ATOM   231 C  C   . PHE A 1 37 ? -11.63491 -0.54258  0.62293   1.000 33.69477  ? 348 PHE A C   1 
ATOM   232 O  O   . PHE A 1 37 ? -11.62646 -1.44844  -0.22003  1.000 36.85254  ? 348 PHE A O   1 
ATOM   233 C  CB  . PHE A 1 37 ? -12.83853 1.64552   0.32561   1.000 41.82921  ? 348 PHE A CB  1 
ATOM   234 C  CG  . PHE A 1 37 ? -12.49129 1.67086   -1.13990  1.000 45.84482  ? 348 PHE A CG  1 
ATOM   235 C  CD1 . PHE A 1 37 ? -11.17119 1.63065   -1.56347  1.000 47.94304  ? 348 PHE A CD1 1 
ATOM   236 C  CD2 . PHE A 1 37 ? -13.49091 1.73299   -2.09541  1.000 48.79940  ? 348 PHE A CD2 1 
ATOM   237 C  CE1 . PHE A 1 37 ? -10.85686 1.64716   -2.91655  1.000 47.10788  ? 348 PHE A CE1 1 
ATOM   238 C  CE2 . PHE A 1 37 ? -13.18081 1.75749   -3.44361  1.000 52.54354  ? 348 PHE A CE2 1 
ATOM   239 C  CZ  . PHE A 1 37 ? -11.86375 1.70856   -3.85181  1.000 48.61278  ? 348 PHE A CZ  1 
ATOM   240 N  N   . LEU A 1 38 ? -10.53957 -0.19957  1.30295   1.000 32.29632  ? 349 LEU A N   1 
ATOM   241 C  CA  . LEU A 1 38 ? -9.27091  -0.86330  1.04117   1.000 31.25501  ? 349 LEU A CA  1 
ATOM   242 C  C   . LEU A 1 38 ? -9.36555  -2.35271  1.33430   1.000 34.91311  ? 349 LEU A C   1 
ATOM   243 O  O   . LEU A 1 38 ? -8.87539  -3.18327  0.55906   1.000 35.48582  ? 349 LEU A O   1 
ATOM   244 C  CB  . LEU A 1 38 ? -8.17272  -0.21020  1.87782   1.000 31.84233  ? 349 LEU A CB  1 
ATOM   245 C  CG  . LEU A 1 38 ? -6.74511  -0.65143  1.58772   1.000 37.05835  ? 349 LEU A CG  1 
ATOM   246 C  CD1 . LEU A 1 38 ? -6.33038  -0.15065  0.21639   1.000 39.77870  ? 349 LEU A CD1 1 
ATOM   247 C  CD2 . LEU A 1 38 ? -5.81345  -0.11365  2.67320   1.000 35.27444  ? 349 LEU A CD2 1 
ATOM   248 N  N   . ARG A 1 39 ? -10.03355 -2.71050  2.42985   1.000 28.22674  ? 350 ARG A N   1 
ATOM   249 C  CA  . ARG A 1 39 ? -10.10754 -4.11644  2.81729   1.000 27.36076  ? 350 ARG A CA  1 
ATOM   250 C  C   . ARG A 1 39 ? -11.03918 -4.90281  1.90562   1.000 29.83275  ? 350 ARG A C   1 
ATOM   251 O  O   . ARG A 1 39 ? -10.83715 -6.10705  1.70452   1.000 30.12294  ? 350 ARG A O   1 
ATOM   252 C  CB  . ARG A 1 39 ? -10.55544 -4.21815  4.28067   1.000 30.48493  ? 350 ARG A CB  1 
ATOM   253 C  CG  . ARG A 1 39 ? -9.52491  -3.64136  5.24748   1.000 28.64259  ? 350 ARG A CG  1 
ATOM   254 C  CD  . ARG A 1 39 ? -10.12020 -3.34150  6.63108   1.000 28.75816  ? 350 ARG A CD  1 
ATOM   255 N  NE  . ARG A 1 39 ? -10.65844 -4.52877  7.29215   1.000 29.11219  ? 350 ARG A NE  1 
ATOM   256 C  CZ  . ARG A 1 39 ? -11.32014 -4.50158  8.44494   1.000 31.38956  ? 350 ARG A CZ  1 
ATOM   257 N  NH1 . ARG A 1 39 ? -11.49655 -3.37045  9.11662   1.000 35.17602  ? 350 ARG A NH1 1 
ATOM   258 N  NH2 . ARG A 1 39 ? -11.82867 -5.63280  8.93648   1.000 32.48661  ? 350 ARG A NH2 1 
ATOM   259 N  N   . ARG A 1 40 ? -12.06822 -4.25071  1.35552   1.000 32.75416  ? 351 ARG A N   1 
ATOM   260 C  CA  . ARG A 1 40 ? -12.94262 -4.91977  0.39691   1.000 38.07373  ? 351 ARG A CA  1 
ATOM   261 C  C   . ARG A 1 40 ? -12.21642 -5.24721  -0.89910  1.000 35.44431  ? 351 ARG A C   1 
ATOM   262 O  O   . ARG A 1 40 ? -12.65820 -6.13347  -1.64297  1.000 38.62488  ? 351 ARG A O   1 
ATOM   263 C  CB  . ARG A 1 40 ? -14.17562 -4.05480  0.10758   1.000 36.65049  ? 351 ARG A CB  1 
ATOM   264 C  CG  . ARG A 1 40 ? -15.07839 -3.79680  1.31479   1.000 34.22216  ? 351 ARG A CG  1 
ATOM   265 C  CD  . ARG A 1 40 ? -16.48452 -3.38094  0.90512   1.000 41.77770  ? 351 ARG A CD  1 
ATOM   266 N  NE  . ARG A 1 40 ? -16.52929 -1.96950  0.53238   1.000 50.26687  ? 351 ARG A NE  1 
ATOM   267 C  CZ  . ARG A 1 40 ? -16.34700 -1.49928  -0.69583  1.000 53.31276  ? 351 ARG A CZ  1 
ATOM   268 N  NH1 . ARG A 1 40 ? -16.16124 -2.30634  -1.72756  1.000 58.74562  ? 351 ARG A NH1 1 
ATOM   269 N  NH2 . ARG A 1 40 ? -16.36106 -0.18366  -0.89662  1.000 51.48859  ? 351 ARG A NH2 1 
ATOM   270 N  N   . LYS A 1 41 ? -11.11227 -4.55796  -1.17694  1.000 34.80373  ? 352 LYS A N   1 
ATOM   271 C  CA  . LYS A 1 41 ? -10.32657 -4.77775  -2.38135  1.000 34.38253  ? 352 LYS A CA  1 
ATOM   272 C  C   . LYS A 1 41 ? -9.22750  -5.82004  -2.20188  1.000 36.03255  ? 352 LYS A C   1 
ATOM   273 O  O   . LYS A 1 41 ? -8.60020  -6.21114  -3.19343  1.000 34.90714  ? 352 LYS A O   1 
ATOM   274 C  CB  . LYS A 1 41 ? -9.72640  -3.44356  -2.85076  1.000 36.19938  ? 352 LYS A CB  1 
ATOM   275 C  CG  . LYS A 1 41 ? -10.74885 -2.48481  -3.44361  1.000 41.82505  ? 352 LYS A CG  1 
ATOM   276 C  CD  . LYS A 1 41 ? -11.83686 -3.25960  -4.17804  1.000 46.08332  ? 352 LYS A CD  1 
ATOM   277 C  CE  . LYS A 1 41 ? -12.46414 -2.46388  -5.30603  1.000 69.10097  ? 352 LYS A CE  1 
ATOM   278 N  NZ  . LYS A 1 41 ? -13.02862 -1.19126  -4.79976  1.000 67.19451  ? 352 LYS A NZ  1 
ATOM   279 N  N   . MET A 1 42 ? -8.98361  -6.29288  -0.97685  1.000 37.29351  ? 353 MET A N   1 
ATOM   280 C  CA  . MET A 1 42 ? -7.95238  -7.29858  -0.75864  1.000 31.32972  ? 353 MET A CA  1 
ATOM   281 C  C   . MET A 1 42 ? -8.41400  -8.68618  -1.18450  1.000 33.96194  ? 353 MET A C   1 
ATOM   282 O  O   . MET A 1 42 ? -9.59322  -9.02749  -1.09049  1.000 36.16637  ? 353 MET A O   1 
ATOM   283 C  CB  . MET A 1 42 ? -7.53144  -7.35854  0.71361   1.000 32.44570  ? 353 MET A CB  1 
ATOM   284 C  CG  . MET A 1 42 ? -7.13454  -6.04703  1.33221   1.000 32.29445  ? 353 MET A CG  1 
ATOM   285 S  SD  . MET A 1 42 ? -6.92282  -6.25751  3.12817   1.000 34.17483  ? 353 MET A SD  1 
ATOM   286 C  CE  . MET A 1 42 ? -6.02630  -4.75347  3.54696   1.000 34.59703  ? 353 MET A CE  1 
ATOM   287 N  N   . ASP A 1 43 ? -7.46301  -9.49274  -1.65437  1.000 34.38512  ? 354 ASP A N   1 
ATOM   288 C  CA  . ASP A 1 43 ? -7.74674  -10.91050 -1.80744  1.000 39.85147  ? 354 ASP A CA  1 
ATOM   289 C  C   . ASP A 1 43 ? -7.66640  -11.57797 -0.43666  1.000 36.92349  ? 354 ASP A C   1 
ATOM   290 O  O   . ASP A 1 43 ? -7.43652  -10.92420 0.58484   1.000 39.59604  ? 354 ASP A O   1 
ATOM   291 C  CB  . ASP A 1 43 ? -6.82355  -11.54614 -2.85405  1.000 39.62177  ? 354 ASP A CB  1 
ATOM   292 C  CG  . ASP A 1 43 ? -5.36120  -11.65796 -2.41366  1.000 40.07380  ? 354 ASP A CG  1 
ATOM   293 O  OD1 . ASP A 1 43 ? -5.02994  -11.60201 -1.21334  1.000 39.61059  ? 354 ASP A OD1 1 
ATOM   294 O  OD2 . ASP A 1 43 ? -4.50780  -11.82429 -3.31075  1.000 44.48885  ? 354 ASP A OD2 1 
ATOM   295 N  N   . ALA A 1 44 ? -7.85966  -12.89926 -0.40647  1.000 35.54605  ? 355 ALA A N   1 
ATOM   296 C  CA  . ALA A 1 44 ? -7.94997  -13.60454 0.86850   1.000 37.25045  ? 355 ALA A CA  1 
ATOM   297 C  C   . ALA A 1 44 ? -6.64849  -13.57206 1.66266   1.000 38.43349  ? 355 ALA A C   1 
ATOM   298 O  O   . ALA A 1 44 ? -6.68357  -13.73637 2.88650   1.000 41.23016  ? 355 ALA A O   1 
ATOM   299 C  CB  . ALA A 1 44 ? -8.37471  -15.05569 0.63605   1.000 43.38377  ? 355 ALA A CB  1 
ATOM   300 N  N   . ASP A 1 45 ? -5.50722  -13.37895 1.00088   1.000 40.60586  ? 356 ASP A N   1 
ATOM   301 C  CA  . ASP A 1 45 ? -4.21705  -13.26897 1.67279   1.000 39.50539  ? 356 ASP A CA  1 
ATOM   302 C  C   . ASP A 1 45 ? -3.87715  -11.83832 2.08296   1.000 36.35456  ? 356 ASP A C   1 
ATOM   303 O  O   . ASP A 1 45 ? -2.79099  -11.60777 2.62994   1.000 35.88141  ? 356 ASP A O   1 
ATOM   304 C  CB  . ASP A 1 45 ? -3.10328  -13.82680 0.77703   1.000 44.64292  ? 356 ASP A CB  1 
ATOM   305 C  CG  . ASP A 1 45 ? -3.29366  -15.29712 0.46935   1.000 52.57223  ? 356 ASP A CG  1 
ATOM   306 O  OD1 . ASP A 1 45 ? -3.48687  -16.07027 1.42594   1.000 49.07580  ? 356 ASP A OD1 1 
ATOM   307 O  OD2 . ASP A 1 45 ? -3.25038  -15.67803 -0.71922  1.000 59.36078  ? 356 ASP A OD2 1 
ATOM   308 N  N   . GLY A 1 46 ? -4.77778  -10.88405 1.84836   1.000 35.81753  ? 357 GLY A N   1 
ATOM   309 C  CA  . GLY A 1 46 ? -4.54315  -9.49661  2.19325   1.000 34.15353  ? 357 GLY A CA  1 
ATOM   310 C  C   . GLY A 1 46 ? -3.88768  -8.66845  1.11180   1.000 33.06256  ? 357 GLY A C   1 
ATOM   311 O  O   . GLY A 1 46 ? -3.63708  -7.47816  1.33636   1.000 31.90597  ? 357 GLY A O   1 
ATOM   312 N  N   . PHE A 1 47 ? -3.61934  -9.25033  -0.05589  1.000 32.88200  ? 358 PHE A N   1 
ATOM   313 C  CA  . PHE A 1 47 ? -2.91720  -8.54861  -1.11989  1.000 35.13237  ? 358 PHE A CA  1 
ATOM   314 C  C   . PHE A 1 47 ? -3.83434  -7.59222  -1.86555  1.000 35.88471  ? 358 PHE A C   1 
ATOM   315 O  O   . PHE A 1 47 ? -5.00561  -7.88898  -2.11102  1.000 35.69823  ? 358 PHE A O   1 
ATOM   316 C  CB  . PHE A 1 47 ? -2.32554  -9.54304  -2.12134  1.000 32.12229  ? 358 PHE A CB  1 
ATOM   317 C  CG  . PHE A 1 47 ? -1.04283  -10.18886 -1.66469  1.000 36.43888  ? 358 PHE A CG  1 
ATOM   318 C  CD1 . PHE A 1 47 ? 0.12320   -9.44545  -1.57362  1.000 37.24707  ? 358 PHE A CD1 1 
ATOM   319 C  CD2 . PHE A 1 47 ? -0.99537  -11.53870 -1.35311  1.000 42.50949  ? 358 PHE A CD2 1 
ATOM   320 C  CE1 . PHE A 1 47 ? 1.30363   -10.01895 -1.17139  1.000 34.77824  ? 358 PHE A CE1 1 
ATOM   321 C  CE2 . PHE A 1 47 ? 0.18861   -12.12411 -0.94444  1.000 43.07438  ? 358 PHE A CE2 1 
ATOM   322 C  CZ  . PHE A 1 47 ? 1.34178   -11.36134 -0.85588  1.000 37.27441  ? 358 PHE A CZ  1 
ATOM   323 N  N   . LEU A 1 48 ? -3.27581  -6.44906  -2.24756  1.000 34.06164  ? 359 LEU A N   1 
ATOM   324 C  CA  . LEU A 1 48 ? -3.85743  -5.44321  -3.11070  1.000 34.17098  ? 359 LEU A CA  1 
ATOM   325 C  C   . LEU A 1 48 ? -2.92038  -5.21618  -4.28756  1.000 29.18553  ? 359 LEU A C   1 
ATOM   326 O  O   . LEU A 1 48 ? -1.70136  -5.34754  -4.13625  1.000 31.25604  ? 359 LEU A O   1 
ATOM   327 C  CB  . LEU A 1 48 ? -4.06281  -4.11750  -2.36689  1.000 37.69769  ? 359 LEU A CB  1 
ATOM   328 C  CG  . LEU A 1 48 ? -5.09155  -4.22211  -1.24828  1.000 43.31394  ? 359 LEU A CG  1 
ATOM   329 C  CD1 . LEU A 1 48 ? -4.76585  -3.26260  -0.12945  1.000 44.42292  ? 359 LEU A CD1 1 
ATOM   330 C  CD2 . LEU A 1 48 ? -6.46668  -3.94869  -1.80990  1.000 43.91629  ? 359 LEU A CD2 1 
ATOM   331 N  N   . PRO A 1 49 ? -3.44815  -4.89494  -5.47008  1.000 31.46094  ? 360 PRO A N   1 
ATOM   332 C  CA  . PRO A 1 49 ? -2.56156  -4.52651  -6.58548  1.000 32.75847  ? 360 PRO A CA  1 
ATOM   333 C  C   . PRO A 1 49 ? -1.87044  -3.20225  -6.29281  1.000 30.71037  ? 360 PRO A C   1 
ATOM   334 O  O   . PRO A 1 49 ? -2.50820  -2.23635  -5.87252  1.000 31.37309  ? 360 PRO A O   1 
ATOM   335 C  CB  . PRO A 1 49 ? -3.50995  -4.40797  -7.78837  1.000 34.70212  ? 360 PRO A CB  1 
ATOM   336 C  CG  . PRO A 1 49 ? -4.82270  -4.97010  -7.35370  1.000 34.69268  ? 360 PRO A CG  1 
ATOM   337 C  CD  . PRO A 1 49 ? -4.87128  -4.87377  -5.84960  1.000 30.27020  ? 360 PRO A CD  1 
ATOM   338 N  N   . ILE A 1 50 ? -0.55300  -3.16167  -6.51380  1.000 32.06659  ? 361 ILE A N   1 
ATOM   339 C  CA  . ILE A 1 50 ? 0.16124   -1.90490  -6.31824  1.000 31.18137  ? 361 ILE A CA  1 
ATOM   340 C  C   . ILE A 1 50 ? -0.38256  -0.83009  -7.25241  1.000 29.99084  ? 361 ILE A C   1 
ATOM   341 O  O   . ILE A 1 50 ? -0.39012  0.35195   -6.89720  1.000 29.25297  ? 361 ILE A O   1 
ATOM   342 C  CB  . ILE A 1 50 ? 1.67971   -2.10543  -6.49312  1.000 30.93349  ? 361 ILE A CB  1 
ATOM   343 C  CG1 . ILE A 1 50 ? 2.21680   -2.97022  -5.34822  1.000 32.79890  ? 361 ILE A CG1 1 
ATOM   344 C  CG2 . ILE A 1 50 ? 2.41435   -0.76160  -6.50720  1.000 33.65988  ? 361 ILE A CG2 1 
ATOM   345 C  CD1 . ILE A 1 50 ? 3.63393   -3.46390  -5.55547  1.000 38.50475  ? 361 ILE A CD1 1 
ATOM   346 N  N   . THR A 1 51 ? -0.86818  -1.20736  -8.44654  1.000 30.37760  ? 362 THR A N   1 
ATOM   347 C  CA  . THR A 1 51 ? -1.43161  -0.16566  -9.30903  1.000 30.30973  ? 362 THR A CA  1 
ATOM   348 C  C   . THR A 1 51 ? -2.73307  0.41570   -8.75960  1.000 31.79985  ? 362 THR A C   1 
ATOM   349 O  O   . THR A 1 51 ? -3.06626  1.56117   -9.09009  1.000 31.73314  ? 362 THR A O   1 
ATOM   350 C  CB  . THR A 1 51 ? -1.64184  -0.68146  -10.73701 1.000 32.71578  ? 362 THR A CB  1 
ATOM   351 O  OG1 . THR A 1 51 ? -2.50147  -1.83791  -10.74177 1.000 34.60991  ? 362 THR A OG1 1 
ATOM   352 C  CG2 . THR A 1 51 ? -0.29445  -0.99158  -11.38031 1.000 34.05307  ? 362 THR A CG2 1 
ATOM   353 N  N   . LEU A 1 52 ? -3.47181  -0.32995  -7.92653  1.000 29.64012  ? 363 LEU A N   1 
ATOM   354 C  CA  . LEU A 1 52 ? -4.62845  0.25694   -7.25340  1.000 28.88090  ? 363 LEU A CA  1 
ATOM   355 C  C   . LEU A 1 52 ? -4.18906  1.31647   -6.24699  1.000 27.95607  ? 363 LEU A C   1 
ATOM   356 O  O   . LEU A 1 52 ? -4.74859  2.42067   -6.20542  1.000 30.92528  ? 363 LEU A O   1 
ATOM   357 C  CB  . LEU A 1 52 ? -5.46591  -0.83795  -6.57455  1.000 29.24432  ? 363 LEU A CB  1 
ATOM   358 C  CG  . LEU A 1 52 ? -6.58405  -0.29035  -5.68035  1.000 34.78524  ? 363 LEU A CG  1 
ATOM   359 C  CD1 . LEU A 1 52 ? -7.66095  0.39653   -6.51061  1.000 36.85776  ? 363 LEU A CD1 1 
ATOM   360 C  CD2 . LEU A 1 52 ? -7.19167  -1.38846  -4.81225  1.000 36.33752  ? 363 LEU A CD2 1 
ATOM   361 N  N   . ILE A 1 53 ? -3.17477  1.00122   -5.44002  1.000 28.81229  ? 364 ILE A N   1 
ATOM   362 C  CA  . ILE A 1 53 ? -2.62732  1.98330   -4.50772  1.000 29.29395  ? 364 ILE A CA  1 
ATOM   363 C  C   . ILE A 1 53 ? -2.14896  3.20415   -5.27769  1.000 31.47827  ? 364 ILE A C   1 
ATOM   364 O  O   . ILE A 1 53 ? -2.35363  4.34360   -4.86225  1.000 31.56104  ? 364 ILE A O   1 
ATOM   365 C  CB  . ILE A 1 53 ? -1.48083  1.36308   -3.68882  1.000 29.49670  ? 364 ILE A CB  1 
ATOM   366 C  CG1 . ILE A 1 53 ? -1.95093  0.14655   -2.87486  1.000 33.53759  ? 364 ILE A CG1 1 
ATOM   367 C  CG2 . ILE A 1 53 ? -0.85139  2.40747   -2.77146  1.000 36.35445  ? 364 ILE A CG2 1 
ATOM   368 C  CD1 . ILE A 1 53 ? -3.07365  0.46543   -1.91008  1.000 39.52104  ? 364 ILE A CD1 1 
ATOM   369 N  N   . ALA A 1 54 ? -1.51641  2.97580   -6.43065  1.000 29.69238  ? 365 ALA A N   1 
ATOM   370 C  CA  . ALA A 1 54 ? -0.99550  4.09535   -7.21092  1.000 29.28773  ? 365 ALA A CA  1 
ATOM   371 C  C   . ALA A 1 54 ? -2.09844  5.03780   -7.66071  1.000 30.87510  ? 365 ALA A C   1 
ATOM   372 O  O   . ALA A 1 54 ? -1.84763  6.23526   -7.87390  1.000 31.77731  ? 365 ALA A O   1 
ATOM   373 C  CB  . ALA A 1 54 ? -0.23695  3.55750   -8.42398  1.000 28.21094  ? 365 ALA A CB  1 
ATOM   374 N  N   . SER A 1 55 ? -3.32178  4.52659   -7.81522  1.000 27.83631  ? 366 SER A N   1 
ATOM   375 C  CA  . SER A 1 55 ? -4.44576  5.34035   -8.26133  1.000 32.11958  ? 366 SER A CA  1 
ATOM   376 C  C   . SER A 1 55 ? -5.04629  6.19791   -7.15395  1.000 36.09956  ? 366 SER A C   1 
ATOM   377 O  O   . SER A 1 55 ? -5.86762  7.07654   -7.44854  1.000 33.97050  ? 366 SER A O   1 
ATOM   378 C  CB  . SER A 1 55 ? -5.54085  4.44145   -8.85065  1.000 36.55746  ? 366 SER A CB  1 
ATOM   379 O  OG  . SER A 1 55 ? -6.33752  3.84460   -7.82557  1.000 33.93168  ? 366 SER A OG  1 
ATOM   380 N  N   . PHE A 1 56 ? -4.67452  5.96921   -5.89840  1.000 34.30368  ? 367 PHE A N   1 
ATOM   381 C  CA  . PHE A 1 56 ? -5.26785  6.73730   -4.81260  1.000 33.81950  ? 367 PHE A CA  1 
ATOM   382 C  C   . PHE A 1 56 ? -4.79978  8.18652   -4.89254  1.000 35.27991  ? 367 PHE A C   1 
ATOM   383 O  O   . PHE A 1 56 ? -3.63660  8.46275   -5.20819  1.000 33.92231  ? 367 PHE A O   1 
ATOM   384 C  CB  . PHE A 1 56 ? -4.89912  6.13286   -3.45705  1.000 35.22899  ? 367 PHE A CB  1 
ATOM   385 C  CG  . PHE A 1 56 ? -5.53599  4.78671   -3.18401  1.000 36.92652  ? 367 PHE A CG  1 
ATOM   386 C  CD1 . PHE A 1 56 ? -6.56287  4.30154   -3.97918  1.000 35.88679  ? 367 PHE A CD1 1 
ATOM   387 C  CD2 . PHE A 1 56 ? -5.08993  4.00244   -2.12955  1.000 37.63572  ? 367 PHE A CD2 1 
ATOM   388 C  CE1 . PHE A 1 56 ? -7.14572  3.07185   -3.72377  1.000 43.95297  ? 367 PHE A CE1 1 
ATOM   389 C  CE2 . PHE A 1 56 ? -5.67320  2.77754   -1.86216  1.000 38.13971  ? 367 PHE A CE2 1 
ATOM   390 C  CZ  . PHE A 1 56 ? -6.69964  2.30536   -2.66870  1.000 40.50894  ? 367 PHE A CZ  1 
ATOM   391 N  N   . HIS A 1 57 ? -5.71546  9.11136   -4.59203  1.000 32.75933  ? 368 HIS A N   1 
ATOM   392 C  CA  . HIS A 1 57 ? -5.46362  10.52537  -4.86016  1.000 38.91581  ? 368 HIS A CA  1 
ATOM   393 C  C   . HIS A 1 57 ? -4.17370  11.01759  -4.20884  1.000 36.46262  ? 368 HIS A C   1 
ATOM   394 O  O   . HIS A 1 57 ? -3.39051  11.73345  -4.84110  1.000 34.88841  ? 368 HIS A O   1 
ATOM   395 C  CB  . HIS A 1 57 ? -6.65842  11.35891  -4.39807  1.000 44.72863  ? 368 HIS A CB  1 
ATOM   396 C  CG  . HIS A 1 57 ? -7.69412  11.56081  -5.46039  1.000 63.43567  ? 368 HIS A CG  1 
ATOM   397 N  ND1 . HIS A 1 57 ? -8.21922  10.51849  -6.19458  1.000 70.77179  ? 368 HIS A ND1 1 
ATOM   398 C  CD2 . HIS A 1 57 ? -8.30439  12.68241  -5.91098  1.000 71.15918  ? 368 HIS A CD2 1 
ATOM   399 C  CE1 . HIS A 1 57 ? -9.10783  10.98907  -7.05165  1.000 61.75454  ? 368 HIS A CE1 1 
ATOM   400 N  NE2 . HIS A 1 57 ? -9.17697  12.29963  -6.90106  1.000 77.91382  ? 368 HIS A NE2 1 
ATOM   401 N  N   . ARG A 1 58 ? -3.92041  10.63905  -2.95095  1.000 35.40637  ? 369 ARG A N   1 
ATOM   402 C  CA  . ARG A 1 58 ? -2.76041  11.19536  -2.25896  1.000 35.10824  ? 369 ARG A CA  1 
ATOM   403 C  C   . ARG A 1 58 ? -1.44075  10.63165  -2.77579  1.000 31.47682  ? 369 ARG A C   1 
ATOM   404 O  O   . ARG A 1 58 ? -0.40165  11.26528  -2.56890  1.000 34.41530  ? 369 ARG A O   1 
ATOM   405 C  CB  . ARG A 1 58 ? -2.87018  10.96710  -0.74672  1.000 33.36175  ? 369 ARG A CB  1 
ATOM   406 C  CG  . ARG A 1 58 ? -3.97823  11.76839  -0.09937  1.000 40.50048  ? 369 ARG A CG  1 
ATOM   407 C  CD  . ARG A 1 58 ? -4.01787  11.57098  1.41275   1.000 47.97894  ? 369 ARG A CD  1 
ATOM   408 N  NE  . ARG A 1 58 ? -2.85188  12.17642  2.04291   1.000 39.04721  ? 369 ARG A NE  1 
ATOM   409 C  CZ  . ARG A 1 58 ? -2.69706  13.47650  2.25648   1.000 39.39895  ? 369 ARG A CZ  1 
ATOM   410 N  NH1 . ARG A 1 58 ? -3.66084  14.34435  1.98436   1.000 44.32987  ? 369 ARG A NH1 1 
ATOM   411 N  NH2 . ARG A 1 58 ? -1.54503  13.92047  2.75398   1.000 42.64450  ? 369 ARG A NH2 1 
ATOM   412 N  N   . VAL A 1 59 ? -1.45703  9.46688   -3.42350  1.000 30.18934  ? 370 VAL A N   1 
ATOM   413 C  CA  . VAL A 1 59 ? -0.25636  8.90812   -4.05443  1.000 28.05371  ? 370 VAL A CA  1 
ATOM   414 C  C   . VAL A 1 59 ? -0.07476  9.44123   -5.46677  1.000 30.54697  ? 370 VAL A C   1 
ATOM   415 O  O   . VAL A 1 59 ? 1.02615   9.83722   -5.85825  1.000 27.51578  ? 370 VAL A O   1 
ATOM   416 C  CB  . VAL A 1 59 ? -0.31775  7.36617   -4.06004  1.000 28.00045  ? 370 VAL A CB  1 
ATOM   417 C  CG1 . VAL A 1 59 ? 0.88536   6.77353   -4.84645  1.000 28.52470  ? 370 VAL A CG1 1 
ATOM   418 C  CG2 . VAL A 1 59 ? -0.32569  6.83811   -2.63738  1.000 35.67593  ? 370 VAL A CG2 1 
ATOM   419 N  N   . GLN A 1 60 ? -1.14615  9.43073   -6.25757  1.000 28.92428  ? 371 GLN A N   1 
ATOM   420 C  CA  . GLN A 1 60 ? -1.05016  9.92753   -7.62538  1.000 28.02320  ? 371 GLN A CA  1 
ATOM   421 C  C   . GLN A 1 60 ? -0.64948  11.39376  -7.66545  1.000 30.53151  ? 371 GLN A C   1 
ATOM   422 O  O   . GLN A 1 60 ? -0.04034  11.84343  -8.64197  1.000 32.36742  ? 371 GLN A O   1 
ATOM   423 C  CB  . GLN A 1 60 ? -2.37275  9.72449   -8.35704  1.000 32.58805  ? 371 GLN A CB  1 
ATOM   424 C  CG  . GLN A 1 60 ? -2.18116  9.46065   -9.84009  1.000 42.40306  ? 371 GLN A CG  1 
ATOM   425 C  CD  . GLN A 1 60 ? -3.36981  9.86916   -10.66715 1.000 59.03825  ? 371 GLN A CD  1 
ATOM   426 O  OE1 . GLN A 1 60 ? -4.45932  9.32139   -10.51020 1.000 68.13105  ? 371 GLN A OE1 1 
ATOM   427 N  NE2 . GLN A 1 60 ? -3.17045  10.83173  -11.56474 1.000 66.85570  ? 371 GLN A NE2 1 
ATOM   428 N  N   . ALA A 1 61 ? -1.00273  12.16490  -6.63495  1.000 30.04272  ? 372 ALA A N   1 
ATOM   429 C  CA  . ALA A 1 61 ? -0.55677  13.55273  -6.59438  1.000 29.60673  ? 372 ALA A CA  1 
ATOM   430 C  C   . ALA A 1 61 ? 0.96337   13.63286  -6.55230  1.000 28.61936  ? 372 ALA A C   1 
ATOM   431 O  O   . ALA A 1 61 ? 1.56559   14.51317  -7.18247  1.000 31.29945  ? 372 ALA A O   1 
ATOM   432 C  CB  . ALA A 1 61 ? -1.16643  14.26274  -5.38789  1.000 30.66131  ? 372 ALA A CB  1 
ATOM   433 N  N   . LEU A 1 62 ? 1.59870   12.71130  -5.82409  1.000 29.18900  ? 373 LEU A N   1 
ATOM   434 C  CA  . LEU A 1 62 ? 3.04846   12.73088  -5.66596  1.000 28.81185  ? 373 LEU A CA  1 
ATOM   435 C  C   . LEU A 1 62 ? 3.76501   12.20099  -6.89570  1.000 27.01391  ? 373 LEU A C   1 
ATOM   436 O  O   . LEU A 1 62 ? 4.79473   12.75630  -7.29543  1.000 29.84507  ? 373 LEU A O   1 
ATOM   437 C  CB  . LEU A 1 62 ? 3.45565   11.91576  -4.43891  1.000 27.02675  ? 373 LEU A CB  1 
ATOM   438 C  CG  . LEU A 1 62 ? 2.94893   12.45266  -3.10471  1.000 27.02118  ? 373 LEU A CG  1 
ATOM   439 C  CD1 . LEU A 1 62 ? 3.18154   11.38744  -2.02835  1.000 31.49861  ? 373 LEU A CD1 1 
ATOM   440 C  CD2 . LEU A 1 62 ? 3.63859   13.78864  -2.75445  1.000 31.12813  ? 373 LEU A CD2 1 
ATOM   441 N  N   . THR A 1 63 ? 3.25391   11.12881  -7.50110  1.000 29.18853  ? 374 THR A N   1 
ATOM   442 C  CA  . THR A 1 63 ? 3.94044   10.56450  -8.65693  1.000 28.20284  ? 374 THR A CA  1 
ATOM   443 C  C   . THR A 1 63 ? 2.99751   9.69399   -9.47492  1.000 26.77197  ? 374 THR A C   1 
ATOM   444 O  O   . THR A 1 63 ? 2.02344   9.13879   -8.95734  1.000 30.65876  ? 374 THR A O   1 
ATOM   445 C  CB  . THR A 1 63 ? 5.16121   9.73565   -8.23166  1.000 28.69580  ? 374 THR A CB  1 
ATOM   446 O  OG1 . THR A 1 63 ? 5.95944   9.43209   -9.38371  1.000 29.13222  ? 374 THR A OG1 1 
ATOM   447 C  CG2 . THR A 1 63 ? 4.71378   8.43389   -7.58463  1.000 31.00314  ? 374 THR A CG2 1 
ATOM   448 N  N   . THR A 1 64 ? 3.30690   9.57850   -10.76843 1.000 28.52457  ? 375 THR A N   1 
ATOM   449 C  CA  . THR A 1 64 ? 2.73492   8.53529   -11.61383 1.000 30.40876  ? 375 THR A CA  1 
ATOM   450 C  C   . THR A 1 64 ? 3.79694   7.54548   -12.08674 1.000 28.75594  ? 375 THR A C   1 
ATOM   451 O  O   . THR A 1 64 ? 3.53168   6.74958   -12.99200 1.000 31.80458  ? 375 THR A O   1 
ATOM   452 C  CB  . THR A 1 64 ? 1.99307   9.13675   -12.81301 1.000 37.89980  ? 375 THR A CB  1 
ATOM   453 O  OG1 . THR A 1 64 ? 2.89818   9.86270   -13.66290 1.000 35.01701  ? 375 THR A OG1 1 
ATOM   454 C  CG2 . THR A 1 64 ? 0.90003   10.07598  -12.32989 1.000 40.85890  ? 375 THR A CG2 1 
ATOM   455 N  N   . ASP A 1 65 ? 4.97896   7.57551   -11.47338 1.000 30.75344  ? 376 ASP A N   1 
ATOM   456 C  CA  . ASP A 1 65 ? 6.11679   6.72361   -11.82469 1.000 30.81043  ? 376 ASP A CA  1 
ATOM   457 C  C   . ASP A 1 65 ? 6.00165   5.41174   -11.05469 1.000 32.81401  ? 376 ASP A C   1 
ATOM   458 O  O   . ASP A 1 65 ? 6.24484   5.37334   -9.84391  1.000 28.70587  ? 376 ASP A O   1 
ATOM   459 C  CB  . ASP A 1 65 ? 7.41154   7.45982   -11.47955 1.000 30.33767  ? 376 ASP A CB  1 
ATOM   460 C  CG  . ASP A 1 65 ? 8.66782   6.72226   -11.90888 1.000 34.78989  ? 376 ASP A CG  1 
ATOM   461 O  OD1 . ASP A 1 65 ? 8.63899   5.48452   -12.10791 1.000 35.83140  ? 376 ASP A OD1 1 
ATOM   462 O  OD2 . ASP A 1 65 ? 9.70960   7.40199   -12.01026 1.000 35.97593  ? 376 ASP A OD2 1 
ATOM   463 N  N   . ILE A 1 66 ? 5.63466   4.32959   -11.74512 1.000 30.02122  ? 377 ILE A N   1 
ATOM   464 C  CA  . ILE A 1 66 ? 5.37499   3.10095   -10.99932 1.000 31.60701  ? 377 ILE A CA  1 
ATOM   465 C  C   . ILE A 1 66 ? 6.66755   2.53066   -10.42140 1.000 34.66839  ? 377 ILE A C   1 
ATOM   466 O  O   . ILE A 1 66 ? 6.65010   1.88964   -9.36035  1.000 30.15118  ? 377 ILE A O   1 
ATOM   467 C  CB  . ILE A 1 66 ? 4.62468   2.07955   -11.87543 1.000 40.65433  ? 377 ILE A CB  1 
ATOM   468 C  CG1 . ILE A 1 66 ? 4.18367   0.88340   -11.03259 1.000 39.71121  ? 377 ILE A CG1 1 
ATOM   469 C  CG2 . ILE A 1 66 ? 5.49120   1.62172   -13.03249 1.000 39.09724  ? 377 ILE A CG2 1 
ATOM   470 C  CD1 . ILE A 1 66 ? 3.17938   1.24658   -9.94120  1.000 39.83599  ? 377 ILE A CD1 1 
ATOM   471 N  N   . SER A 1 67 ? 7.81092   2.77713   -11.07352 1.000 32.76339  ? 378 SER A N   1 
ATOM   472 C  CA  . SER A 1 67 ? 9.07631   2.29005   -10.52786 1.000 33.95324  ? 378 SER A CA  1 
ATOM   473 C  C   . SER A 1 67 ? 9.41729   3.00118   -9.22437  1.000 33.31583  ? 378 SER A C   1 
ATOM   474 O  O   . SER A 1 67 ? 9.98404   2.39889   -8.30502  1.000 30.70161  ? 378 SER A O   1 
ATOM   475 C  CB  . SER A 1 67 ? 10.20134  2.48604   -11.54385 1.000 39.15714  ? 378 SER A CB  1 
ATOM   476 O  OG  . SER A 1 67 ? 10.28016  1.39370   -12.44246 1.000 44.98957  ? 378 SER A OG  1 
ATOM   477 N  N   . LEU A 1 68 ? 9.09450   4.29012   -9.13467  1.000 29.05776  ? 379 LEU A N   1 
ATOM   478 C  CA  . LEU A 1 68 ? 9.31342   5.01569   -7.88975  1.000 25.95640  ? 379 LEU A CA  1 
ATOM   479 C  C   . LEU A 1 68 ? 8.41311   4.49564   -6.77717  1.000 31.61721  ? 379 LEU A C   1 
ATOM   480 O  O   . LEU A 1 68 ? 8.83563   4.43458   -5.61754  1.000 29.55685  ? 379 LEU A O   1 
ATOM   481 C  CB  . LEU A 1 68 ? 9.08066   6.51272   -8.10225  1.000 31.71622  ? 379 LEU A CB  1 
ATOM   482 C  CG  . LEU A 1 68 ? 9.41560   7.41136   -6.90844  1.000 37.38884  ? 379 LEU A CG  1 
ATOM   483 C  CD1 . LEU A 1 68 ? 10.88811  7.33045   -6.54211  1.000 38.30053  ? 379 LEU A CD1 1 
ATOM   484 C  CD2 . LEU A 1 68 ? 9.00443   8.84657   -7.21301  1.000 37.88985  ? 379 LEU A CD2 1 
ATOM   485 N  N   . ILE A 1 69 ? 7.16692   4.13668   -7.10638  1.000 27.73963  ? 380 ILE A N   1 
ATOM   486 C  CA  . ILE A 1 69 ? 6.25706   3.61246   -6.08802  1.000 26.62727  ? 380 ILE A CA  1 
ATOM   487 C  C   . ILE A 1 69 ? 6.77502   2.28056   -5.55919  1.000 31.02892  ? 380 ILE A C   1 
ATOM   488 O  O   . ILE A 1 69 ? 6.84967   2.05969   -4.34473  1.000 31.18946  ? 380 ILE A O   1 
ATOM   489 C  CB  . ILE A 1 69 ? 4.82621   3.50463   -6.64674  1.000 29.41918  ? 380 ILE A CB  1 
ATOM   490 C  CG1 . ILE A 1 69 ? 4.28214   4.90698   -6.95464  1.000 31.82822  ? 380 ILE A CG1 1 
ATOM   491 C  CG2 . ILE A 1 69 ? 3.92422   2.76519   -5.65114  1.000 32.24108  ? 380 ILE A CG2 1 
ATOM   492 C  CD1 . ILE A 1 69 ? 2.94446   4.92235   -7.67789  1.000 33.89810  ? 380 ILE A CD1 1 
ATOM   493 N  N   . PHE A 1 70 ? 7.18921   1.39186   -6.46377  1.000 30.05353  ? 381 PHE A N   1 
ATOM   494 C  CA  . PHE A 1 70 ? 7.80331   0.14220   -6.02817  1.000 26.48836  ? 381 PHE A CA  1 
ATOM   495 C  C   . PHE A 1 70 ? 9.03963   0.41180   -5.18382  1.000 32.92306  ? 381 PHE A C   1 
ATOM   496 O  O   . PHE A 1 70 ? 9.25307   -0.23075  -4.14796  1.000 34.70331  ? 381 PHE A O   1 
ATOM   497 C  CB  . PHE A 1 70 ? 8.19047   -0.70562  -7.24428  1.000 27.94861  ? 381 PHE A CB  1 
ATOM   498 C  CG  . PHE A 1 70 ? 7.11055   -1.62752  -7.73967  1.000 27.44468  ? 381 PHE A CG  1 
ATOM   499 C  CD1 . PHE A 1 70 ? 6.07588   -1.15426  -8.52782  1.000 33.95649  ? 381 PHE A CD1 1 
ATOM   500 C  CD2 . PHE A 1 70 ? 7.15374   -2.98345  -7.44034  1.000 35.38205  ? 381 PHE A CD2 1 
ATOM   501 C  CE1 . PHE A 1 70 ? 5.09421   -2.01838  -9.01176  1.000 33.59445  ? 381 PHE A CE1 1 
ATOM   502 C  CE2 . PHE A 1 70 ? 6.18025   -3.84324  -7.91491  1.000 37.01511  ? 381 PHE A CE2 1 
ATOM   503 C  CZ  . PHE A 1 70 ? 5.14848   -3.36588  -8.69317  1.000 33.03975  ? 381 PHE A CZ  1 
ATOM   504 N  N   . ALA A 1 71 ? 9.88149   1.34910   -5.62752  1.000 28.00155  ? 382 ALA A N   1 
ATOM   505 C  CA  . ALA A 1 71 ? 11.12446  1.61888   -4.91571  1.000 31.57225  ? 382 ALA A CA  1 
ATOM   506 C  C   . ALA A 1 71 ? 10.85203  2.11167   -3.50223  1.000 33.58997  ? 382 ALA A C   1 
ATOM   507 O  O   . ALA A 1 71 ? 11.57995  1.76329   -2.56801  1.000 34.09397  ? 382 ALA A O   1 
ATOM   508 C  CB  . ALA A 1 71 ? 11.96049  2.63884   -5.68659  1.000 36.34589  ? 382 ALA A CB  1 
ATOM   509 N  N   . ALA A 1 72 ? 9.80529   2.92082   -3.33286  1.000 29.73970  ? 383 ALA A N   1 
ATOM   510 C  CA  . ALA A 1 72 ? 9.47977   3.46401   -2.01797  1.000 37.01319  ? 383 ALA A CA  1 
ATOM   511 C  C   . ALA A 1 72 ? 9.17558   2.36633   -1.01381  1.000 36.01541  ? 383 ALA A C   1 
ATOM   512 O  O   . ALA A 1 72 ? 9.43345   2.53173   0.18385   1.000 41.65646  ? 383 ALA A O   1 
ATOM   513 C  CB  . ALA A 1 72 ? 8.29646   4.42683   -2.12865  1.000 32.72217  ? 383 ALA A CB  1 
ATOM   514 N  N   . LEU A 1 73 ? 8.66010   1.23705   -1.48610  1.000 36.31111  ? 384 LEU A N   1 
ATOM   515 C  CA  . LEU A 1 73 ? 8.17648   0.16310   -0.63106  1.000 35.36749  ? 384 LEU A CA  1 
ATOM   516 C  C   . LEU A 1 73 ? 9.20356   -0.93868  -0.41507  1.000 43.70798  ? 384 LEU A C   1 
ATOM   517 O  O   . LEU A 1 73 ? 8.97703   -1.81361  0.42830   1.000 46.13754  ? 384 LEU A O   1 
ATOM   518 C  CB  . LEU A 1 73 ? 6.90663   -0.41971  -1.24662  1.000 34.33092  ? 384 LEU A CB  1 
ATOM   519 C  CG  . LEU A 1 73 ? 5.78128   0.60229   -1.38700  1.000 37.34672  ? 384 LEU A CG  1 
ATOM   520 C  CD1 . LEU A 1 73 ? 4.52239   -0.07560  -1.86924  1.000 37.99176  ? 384 LEU A CD1 1 
ATOM   521 C  CD2 . LEU A 1 73 ? 5.54474   1.27417   -0.03920  1.000 46.00888  ? 384 LEU A CD2 1 
ATOM   522 N  N   . LYS A 1 74 ? 10.32584  -0.90554  -1.13371  1.000 49.18819  ? 385 LYS A N   1 
ATOM   523 C  CA  . LYS A 1 74 ? 11.34535  -1.94076  -0.99858  1.000 51.41650  ? 385 LYS A CA  1 
ATOM   524 C  C   . LYS A 1 74 ? 11.93283  -1.94958  0.40946   1.000 48.73574  ? 385 LYS A C   1 
ATOM   525 O  O   . LYS A 1 74 ? 12.30393  -0.90350  0.94985   1.000 54.54573  ? 385 LYS A O   1 
ATOM   526 C  CB  . LYS A 1 74 ? 12.44846  -1.72560  -2.03365  1.000 49.50144  ? 385 LYS A CB  1 
ATOM   527 N  N   . ASP A 1 75 ? 11.99928  -3.14241  1.00443   1.000 64.21813  ? 386 ASP A N   1 
ATOM   528 C  CA  . ASP A 1 75 ? 12.53480  -3.34706  2.35433   1.000 63.62887  ? 386 ASP A CA  1 
ATOM   529 C  C   . ASP A 1 75 ? 11.72766  -2.59911  3.41488   1.000 59.67893  ? 386 ASP A C   1 
ATOM   530 O  O   . ASP A 1 75 ? 12.25100  -2.25349  4.47671   1.000 56.71020  ? 386 ASP A O   1 
ATOM   531 C  CB  . ASP A 1 75 ? 14.01538  -2.95910  2.43585   1.000 68.51796  ? 386 ASP A CB  1 
ATOM   532 N  N   . SER A 1 76 ? 10.45034  -2.34655  3.13559   1.000 50.78040  ? 387 SER A N   1 
ATOM   533 C  CA  . SER A 1 76 ? 9.54931   -1.79377  4.13672   1.000 45.15780  ? 387 SER A CA  1 
ATOM   534 C  C   . SER A 1 76 ? 9.32679   -2.79004  5.26484   1.000 49.37979  ? 387 SER A C   1 
ATOM   535 O  O   . SER A 1 76 ? 9.16689   -3.99187  5.03342   1.000 57.34940  ? 387 SER A O   1 
ATOM   536 C  CB  . SER A 1 76 ? 8.20699   -1.43210  3.50037   1.000 44.11948  ? 387 SER A CB  1 
ATOM   537 O  OG  . SER A 1 76 ? 7.28321   -0.95866  4.46219   1.000 38.91746  ? 387 SER A OG  1 
ATOM   538 N  N   . LYS A 1 77 ? 9.31614   -2.28397  6.49595   1.000 47.88566  ? 388 LYS A N   1 
ATOM   539 C  CA  . LYS A 1 77 ? 8.97067   -3.12211  7.63513   1.000 47.43380  ? 388 LYS A CA  1 
ATOM   540 C  C   . LYS A 1 77 ? 7.46588   -3.24232  7.83729   1.000 50.01720  ? 388 LYS A C   1 
ATOM   541 O  O   . LYS A 1 77 ? 7.02980   -4.03554  8.67810   1.000 51.38773  ? 388 LYS A O   1 
ATOM   542 C  CB  . LYS A 1 77 ? 9.61991   -2.57311  8.90683   1.000 51.62514  ? 388 LYS A CB  1 
ATOM   543 N  N   . VAL A 1 78 ? 6.66557   -2.48310  7.09569   1.000 37.14235  ? 389 VAL A N   1 
ATOM   544 C  CA  . VAL A 1 78 ? 5.22121   -2.46766  7.28149   1.000 37.07253  ? 389 VAL A CA  1 
ATOM   545 C  C   . VAL A 1 78 ? 4.51507   -3.31259  6.23079   1.000 38.50839  ? 389 VAL A C   1 
ATOM   546 O  O   . VAL A 1 78 ? 3.56945   -4.03756  6.54330   1.000 38.75166  ? 389 VAL A O   1 
ATOM   547 C  CB  . VAL A 1 78 ? 4.69158   -1.01496  7.26899   1.000 38.64809  ? 389 VAL A CB  1 
ATOM   548 C  CG1 . VAL A 1 78 ? 3.17056   -1.00066  7.42430   1.000 37.82793  ? 389 VAL A CG1 1 
ATOM   549 C  CG2 . VAL A 1 78 ? 5.34786   -0.19968  8.37148   1.000 39.10874  ? 389 VAL A CG2 1 
ATOM   550 N  N   . VAL A 1 79 ? 4.96666   -3.23986  4.98181   1.000 37.33174  ? 390 VAL A N   1 
ATOM   551 C  CA  . VAL A 1 79 ? 4.29479   -3.92005  3.88533   1.000 36.56186  ? 390 VAL A CA  1 
ATOM   552 C  C   . VAL A 1 79 ? 5.25135   -4.89001  3.20574   1.000 37.85079  ? 390 VAL A C   1 
ATOM   553 O  O   . VAL A 1 79 ? 6.47616   -4.77672  3.30214   1.000 41.58010  ? 390 VAL A O   1 
ATOM   554 C  CB  . VAL A 1 79 ? 3.70247   -2.93459  2.86605   1.000 37.72205  ? 390 VAL A CB  1 
ATOM   555 C  CG1 . VAL A 1 79 ? 2.79272   -1.94112  3.57526   1.000 36.38600  ? 390 VAL A CG1 1 
ATOM   556 C  CG2 . VAL A 1 79 ? 4.81288   -2.20703  2.12949   1.000 36.96109  ? 390 VAL A CG2 1 
ATOM   557 N  N   . GLU A 1 80 ? 4.65634   -5.88041  2.54227   1.000 37.62921  ? 391 GLU A N   1 
ATOM   558 C  CA  . GLU A 1 80 ? 5.36639   -6.91482  1.80282   1.000 38.66199  ? 391 GLU A CA  1 
ATOM   559 C  C   . GLU A 1 80 ? 4.91469   -6.86676  0.35028   1.000 37.07023  ? 391 GLU A C   1 
ATOM   560 O  O   . GLU A 1 80 ? 3.71009   -6.84886  0.08177   1.000 37.42388  ? 391 GLU A O   1 
ATOM   561 C  CB  . GLU A 1 80 ? 5.07728   -8.29976  2.39381   1.000 38.89409  ? 391 GLU A CB  1 
ATOM   562 C  CG  . GLU A 1 80 ? 5.68112   -9.45682  1.61134   1.000 43.10815  ? 391 GLU A CG  1 
ATOM   563 C  CD  . GLU A 1 80 ? 5.15370   -10.81473 2.05945   1.000 48.12890  ? 391 GLU A CD  1 
ATOM   564 O  OE1 . GLU A 1 80 ? 4.19356   -10.85861 2.85880   1.000 45.59277  ? 391 GLU A OE1 1 
ATOM   565 O  OE2 . GLU A 1 80 ? 5.70267   -11.84156 1.60792   1.000 57.81927  ? 391 GLU A OE2 1 
ATOM   566 N  N   . ILE A 1 81 ? 5.87221   -6.84614  -0.58163  1.000 34.30944  ? 392 ILE A N   1 
ATOM   567 C  CA  . ILE A 1 81 ? 5.57745   -6.91253  -2.01230  1.000 38.46619  ? 392 ILE A CA  1 
ATOM   568 C  C   . ILE A 1 81 ? 5.82715   -8.32350  -2.51799  1.000 34.03353  ? 392 ILE A C   1 
ATOM   569 O  O   . ILE A 1 81 ? 6.90127   -8.89613  -2.28771  1.000 36.63772  ? 392 ILE A O   1 
ATOM   570 C  CB  . ILE A 1 81 ? 6.41832   -5.90948  -2.81975  1.000 37.56778  ? 392 ILE A CB  1 
ATOM   571 C  CG1 . ILE A 1 81 ? 6.09193   -4.46849  -2.44255  1.000 38.68725  ? 392 ILE A CG1 1 
ATOM   572 C  CG2 . ILE A 1 81 ? 6.25356   -6.15070  -4.32693  1.000 36.03558  ? 392 ILE A CG2 1 
ATOM   573 C  CD1 . ILE A 1 81 ? 7.06557   -3.49007  -3.06725  1.000 45.20305  ? 392 ILE A CD1 1 
ATOM   574 N  N   . VAL A 1 82 ? 4.84287   -8.87558  -3.22161  1.000 33.89484  ? 393 VAL A N   1 
ATOM   575 C  CA  . VAL A 1 82 ? 5.00618   -10.09439 -4.00308  1.000 37.01952  ? 393 VAL A CA  1 
ATOM   576 C  C   . VAL A 1 82 ? 4.56102   -9.76480  -5.42177  1.000 37.10604  ? 393 VAL A C   1 
ATOM   577 O  O   . VAL A 1 82 ? 3.37737   -9.48497  -5.65487  1.000 34.70234  ? 393 VAL A O   1 
ATOM   578 C  CB  . VAL A 1 82 ? 4.20677   -11.27205 -3.43268  1.000 38.48791  ? 393 VAL A CB  1 
ATOM   579 C  CG1 . VAL A 1 82 ? 4.33867   -12.48281 -4.32568  1.000 43.37238  ? 393 VAL A CG1 1 
ATOM   580 C  CG2 . VAL A 1 82 ? 4.68483   -11.60347 -2.02845  1.000 42.26253  ? 393 VAL A CG2 1 
ATOM   581 N  N   . ASP A 1 83 ? 5.50592   -9.78427  -6.36314  1.000 36.87412  ? 394 ASP A N   1 
ATOM   582 C  CA  . ASP A 1 83 ? 5.24815   -9.43166  -7.75404  1.000 37.46723  ? 394 ASP A CA  1 
ATOM   583 C  C   . ASP A 1 83 ? 4.52570   -8.09069  -7.86734  1.000 36.05064  ? 394 ASP A C   1 
ATOM   584 O  O   . ASP A 1 83 ? 5.10229   -7.06054  -7.51631  1.000 36.07783  ? 394 ASP A O   1 
ATOM   585 C  CB  . ASP A 1 83 ? 4.47299   -10.55651 -8.42975  1.000 41.17477  ? 394 ASP A CB  1 
ATOM   586 C  CG  . ASP A 1 83 ? 5.34842   -11.76248 -8.69795  1.000 45.99958  ? 394 ASP A CG  1 
ATOM   587 O  OD1 . ASP A 1 83 ? 6.55848   -11.56732 -8.98254  1.000 43.21156  ? 394 ASP A OD1 1 
ATOM   588 O  OD2 . ASP A 1 83 ? 4.84454   -12.89895 -8.57968  1.000 46.34136  ? 394 ASP A OD2 1 
ATOM   589 N  N   . GLU A 1 84 ? 3.27834   -8.08449  -8.34475  1.000 35.80752  ? 395 GLU A N   1 
ATOM   590 C  CA  . GLU A 1 84 ? 2.53380   -6.84195  -8.54723  1.000 34.94256  ? 395 GLU A CA  1 
ATOM   591 C  C   . GLU A 1 84 ? 1.66616   -6.45682  -7.36128  1.000 33.24566  ? 395 GLU A C   1 
ATOM   592 O  O   . GLU A 1 84 ? 0.92712   -5.46593  -7.44849  1.000 32.68725  ? 395 GLU A O   1 
ATOM   593 C  CB  . GLU A 1 84 ? 1.64592   -6.94315  -9.79278  1.000 45.48416  ? 395 GLU A CB  1 
ATOM   594 C  CG  . GLU A 1 84 ? 1.36357   -5.60194  -10.47486 1.000 53.87464  ? 395 GLU A CG  1 
ATOM   595 C  CD  . GLU A 1 84 ? -0.04647  -5.09807  -10.16965 1.000 64.27359  ? 395 GLU A CD  1 
ATOM   596 O  OE1 . GLU A 1 84 ? -1.00942  -5.85868  -10.43431 1.000 60.60229  ? 395 GLU A OE1 1 
ATOM   597 O  OE2 . GLU A 1 84 ? -0.19793  -3.96219  -9.66014  1.000 55.17296  ? 395 GLU A OE2 1 
ATOM   598 N  N   . LYS A 1 85 ? 1.74190   -7.19680  -6.26334  1.000 32.72381  ? 396 LYS A N   1 
ATOM   599 C  CA  . LYS A 1 85 ? 0.80577   -7.03160  -5.16087  1.000 31.53017  ? 396 LYS A CA  1 
ATOM   600 C  C   . LYS A 1 85 ? 1.53470   -6.61944  -3.88997  1.000 31.52702  ? 396 LYS A C   1 
ATOM   601 O  O   . LYS A 1 85 ? 2.72774   -6.88691  -3.71675  1.000 34.37814  ? 396 LYS A O   1 
ATOM   602 C  CB  . LYS A 1 85 ? 0.02686   -8.32626  -4.92389  1.000 34.81371  ? 396 LYS A CB  1 
ATOM   603 C  CG  . LYS A 1 85 ? -0.87794  -8.72881  -6.06552  1.000 37.37761  ? 396 LYS A CG  1 
ATOM   604 N  N   . VAL A 1 86 ? 0.79175   -5.97303  -2.98586  1.000 30.34284  ? 397 VAL A N   1 
ATOM   605 C  CA  . VAL A 1 86 ? 1.32901   -5.50321  -1.71719  1.000 31.54456  ? 397 VAL A CA  1 
ATOM   606 C  C   . VAL A 1 86 ? 0.31597   -5.82022  -0.62410  1.000 32.59747  ? 397 VAL A C   1 
ATOM   607 O  O   . VAL A 1 86 ? -0.89585  -5.84593  -0.86904  1.000 35.38825  ? 397 VAL A O   1 
ATOM   608 C  CB  . VAL A 1 86 ? 1.64003   -3.98778  -1.75641  1.000 31.54868  ? 397 VAL A CB  1 
ATOM   609 C  CG1 . VAL A 1 86 ? 0.37043   -3.19266  -2.05162  1.000 31.37812  ? 397 VAL A CG1 1 
ATOM   610 C  CG2 . VAL A 1 86 ? 2.28403   -3.52400  -0.44032  1.000 36.81224  ? 397 VAL A CG2 1 
ATOM   611 N  N   . ARG A 1 87 ? 0.82272   -6.09453  0.58046   1.000 33.77310  ? 398 ARG A N   1 
ATOM   612 C  CA  . ARG A 1 87 ? -0.02851  -6.37503  1.73468   1.000 29.01343  ? 398 ARG A CA  1 
ATOM   613 C  C   . ARG A 1 87 ? 0.68237   -5.95099  3.01581   1.000 34.84655  ? 398 ARG A C   1 
ATOM   614 O  O   . ARG A 1 87 ? 1.88957   -5.71338  3.02738   1.000 36.55528  ? 398 ARG A O   1 
ATOM   615 C  CB  . ARG A 1 87 ? -0.41022  -7.86293  1.79342   1.000 30.51665  ? 398 ARG A CB  1 
ATOM   616 C  CG  . ARG A 1 87 ? 0.75292   -8.80384  2.08377   1.000 35.58798  ? 398 ARG A CG  1 
ATOM   617 C  CD  . ARG A 1 87 ? 0.23489   -10.20866 2.34418   1.000 35.69413  ? 398 ARG A CD  1 
ATOM   618 N  NE  . ARG A 1 87 ? 1.29777   -11.15866 2.66139   1.000 37.66471  ? 398 ARG A NE  1 
ATOM   619 C  CZ  . ARG A 1 87 ? 1.10857   -12.46235 2.81722   1.000 42.08905  ? 398 ARG A CZ  1 
ATOM   620 N  NH1 . ARG A 1 87 ? -0.09529  -13.00488 2.70786   1.000 40.04200  ? 398 ARG A NH1 1 
ATOM   621 N  NH2 . ARG A 1 87 ? 2.15023   -13.24064 3.09612   1.000 41.60042  ? 398 ARG A NH2 1 
ATOM   622 N  N   . ARG A 1 88 ? -0.08421  -5.85373  4.10496   1.000 32.47092  ? 399 ARG A N   1 
ATOM   623 C  CA  . ARG A 1 88 ? 0.52398   -5.64015  5.41163   1.000 33.32722  ? 399 ARG A CA  1 
ATOM   624 C  C   . ARG A 1 88 ? 1.35547   -6.85535  5.80257   1.000 33.90849  ? 399 ARG A C   1 
ATOM   625 O  O   . ARG A 1 88 ? 0.92684   -7.99577  5.61801   1.000 35.96954  ? 399 ARG A O   1 
ATOM   626 C  CB  . ARG A 1 88 ? -0.55854  -5.39100  6.46225   1.000 33.13182  ? 399 ARG A CB  1 
ATOM   627 C  CG  . ARG A 1 88 ? -0.02670  -5.13895  7.87601   1.000 35.32287  ? 399 ARG A CG  1 
ATOM   628 C  CD  . ARG A 1 88 ? -1.16357  -4.69730  8.80351   1.000 37.80078  ? 399 ARG A CD  1 
ATOM   629 N  NE  . ARG A 1 88 ? -0.72860  -4.66303  10.19451  1.000 40.13138  ? 399 ARG A NE  1 
ATOM   630 C  CZ  . ARG A 1 88 ? -0.04741  -3.66621  10.74342  1.000 47.19111  ? 399 ARG A CZ  1 
ATOM   631 N  NH1 . ARG A 1 88 ? 0.25783   -2.57584  10.05752  1.000 47.09280  ? 399 ARG A NH1 1 
ATOM   632 N  NH2 . ARG A 1 88 ? 0.33797   -3.76558  12.01214  1.000 47.87669  ? 399 ARG A NH2 1 
ATOM   633 N  N   . ARG A 1 89 ? 2.55640   -6.60907  6.34276   1.000 36.07186  ? 400 ARG A N   1 
ATOM   634 C  CA  . ARG A 1 89 ? 3.43493   -7.71484  6.72867   1.000 39.27881  ? 400 ARG A CA  1 
ATOM   635 C  C   . ARG A 1 89 ? 2.83856   -8.53682  7.86317   1.000 42.34081  ? 400 ARG A C   1 
ATOM   636 O  O   . ARG A 1 89 ? 2.87160   -9.77242  7.83223   1.000 43.18184  ? 400 ARG A O   1 
ATOM   637 C  CB  . ARG A 1 89 ? 4.81240   -7.20324  7.15752   1.000 43.22577  ? 400 ARG A CB  1 
ATOM   638 C  CG  . ARG A 1 89 ? 5.61806   -6.48573  6.10809   1.000 49.73263  ? 400 ARG A CG  1 
ATOM   639 C  CD  . ARG A 1 89 ? 7.11136   -6.67146  6.35722   1.000 51.06436  ? 400 ARG A CD  1 
ATOM   640 N  NE  . ARG A 1 89 ? 7.81701   -6.94256  5.11227   1.000 52.18829  ? 400 ARG A NE  1 
ATOM   641 C  CZ  . ARG A 1 89 ? 8.49795   -8.05057  4.86381   1.000 56.13447  ? 400 ARG A CZ  1 
ATOM   642 N  NH1 . ARG A 1 89 ? 8.59310   -9.01932  5.76191   1.000 61.62773  ? 400 ARG A NH1 1 
ATOM   643 N  NH2 . ARG A 1 89 ? 9.09158   -8.19451  3.68238   1.000 67.18597  ? 400 ARG A NH2 1 
ATOM   644 N  N   . GLU A 1 90 ? 2.32398   -7.87114  8.89114   1.000 41.03021  ? 401 GLU A N   1 
ATOM   645 C  CA  . GLU A 1 90 ? 1.90079   -8.54937  10.10957  1.000 43.33244  ? 401 GLU A CA  1 
ATOM   646 C  C   . GLU A 1 90 ? 0.42937   -8.93155  10.00685  1.000 42.78429  ? 401 GLU A C   1 
ATOM   647 O  O   . GLU A 1 90 ? -0.42795  -8.06597  9.80008   1.000 38.36702  ? 401 GLU A O   1 
ATOM   648 C  CB  . GLU A 1 90 ? 2.14655   -7.66216  11.32623  1.000 46.13700  ? 401 GLU A CB  1 
ATOM   649 C  CG  . GLU A 1 90 ? 1.20702   -7.92229  12.48652  1.000 53.43960  ? 401 GLU A CG  1 
ATOM   650 C  CD  . GLU A 1 90 ? 1.39704   -6.92844  13.60198  1.000 53.38417  ? 401 GLU A CD  1 
ATOM   651 O  OE1 . GLU A 1 90 ? 2.48501   -6.93259  14.21493  1.000 68.18202  ? 401 GLU A OE1 1 
ATOM   652 O  OE2 . GLU A 1 90 ? 0.46747   -6.13438  13.85637  1.000 61.62099  ? 401 GLU A OE2 1 
ATOM   653 N  N   . GLU A 1 91 ? 0.14643   -10.22761 10.15312  1.000 42.10515  ? 402 GLU A N   1 
ATOM   654 C  CA  . GLU A 1 91 ? -1.20026  -10.79773 10.14541  1.000 44.97843  ? 402 GLU A CA  1 
ATOM   655 C  C   . GLU A 1 91 ? -2.09333  -10.19928 9.05072   1.000 39.17807  ? 402 GLU A C   1 
ATOM   656 O  O   . GLU A 1 91 ? -3.18086  -9.69526  9.34643   1.000 40.81971  ? 402 GLU A O   1 
ATOM   657 C  CB  . GLU A 1 91 ? -1.85812  -10.65314 11.51341  1.000 50.19126  ? 402 GLU A CB  1 
ATOM   658 C  CG  . GLU A 1 91 ? -0.92234  -10.82592 12.69199  1.000 59.70665  ? 402 GLU A CG  1 
ATOM   659 C  CD  . GLU A 1 91 ? -1.64472  -10.69952 14.01971  1.000 62.04035  ? 402 GLU A CD  1 
ATOM   660 O  OE1 . GLU A 1 91 ? -2.38950  -11.63331 14.38227  1.000 74.13332  ? 402 GLU A OE1 1 
ATOM   661 O  OE2 . GLU A 1 91 ? -1.46813  -9.66637  14.69824  1.000 73.90812  ? 402 GLU A OE2 1 
ATOM   662 N  N   . PRO A 1 92 ? -1.67770  -10.26692 7.78120   1.000 37.25928  ? 403 PRO A N   1 
ATOM   663 C  CA  . PRO A 1 92 ? -2.49001  -9.63590  6.72667   1.000 38.18345  ? 403 PRO A CA  1 
ATOM   664 C  C   . PRO A 1 92 ? -3.85245  -10.27282 6.55186   1.000 35.26446  ? 403 PRO A C   1 
ATOM   665 O  O   . PRO A 1 92 ? -4.79357  -9.58902  6.12318   1.000 37.77124  ? 403 PRO A O   1 
ATOM   666 C  CB  . PRO A 1 92 ? -1.63974  -9.81010  5.46066   1.000 37.40399  ? 403 PRO A CB  1 
ATOM   667 C  CG  . PRO A 1 92 ? -0.69930  -10.93120 5.76323   1.000 38.58175  ? 403 PRO A CG  1 
ATOM   668 C  CD  . PRO A 1 92 ? -0.46951  -10.92102 7.24614   1.000 37.85179  ? 403 PRO A CD  1 
ATOM   669 N  N   . GLU A 1 93 ? -3.98144  -11.56614 6.86316   1.000 36.89199  ? 404 GLU A N   1 
ATOM   670 C  CA  . GLU A 1 93 ? -5.20024  -12.30370 6.56222   1.000 41.68027  ? 404 GLU A CA  1 
ATOM   671 C  C   . GLU A 1 93 ? -6.38592  -11.89768 7.42853   1.000 38.38108  ? 404 GLU A C   1 
ATOM   672 O  O   . GLU A 1 93 ? -7.51265  -12.27717 7.10414   1.000 39.38808  ? 404 GLU A O   1 
ATOM   673 C  CB  . GLU A 1 93 ? -4.95261  -13.80619 6.70656   1.000 42.67196  ? 404 GLU A CB  1 
ATOM   674 N  N   . LYS A 1 94 ? -6.17399  -11.15331 8.51531   1.000 39.30891  ? 405 LYS A N   1 
ATOM   675 C  CA  . LYS A 1 94 ? -7.29417  -10.76660 9.36674   1.000 38.82895  ? 405 LYS A CA  1 
ATOM   676 C  C   . LYS A 1 94 ? -8.08766  -9.58809  8.81187   1.000 34.51835  ? 405 LYS A C   1 
ATOM   677 O  O   . LYS A 1 94 ? -9.20499  -9.33593  9.28611   1.000 37.40515  ? 405 LYS A O   1 
ATOM   678 C  CB  . LYS A 1 94 ? -6.79010  -10.45093 10.78045  1.000 47.78239  ? 405 LYS A CB  1 
ATOM   679 C  CG  . LYS A 1 94 ? -6.43784  -8.99478  11.03426  1.000 46.67206  ? 405 LYS A CG  1 
ATOM   680 C  CD  . LYS A 1 94 ? -5.83174  -8.81328  12.42550  1.000 50.42533  ? 405 LYS A CD  1 
ATOM   681 N  N   . TRP A 1 95 ? -7.56650  -8.90044  7.80697   1.000 33.10677  ? 406 TRP A N   1 
ATOM   682 C  CA  . TRP A 1 95 ? -8.14965  -7.64706  7.33628   1.000 34.03445  ? 406 TRP A CA  1 
ATOM   683 C  C   . TRP A 1 95 ? -9.09252  -7.72012  6.12837   1.000 32.83258  ? 406 TRP A C   1 
ATOM   684 O  O   . TRP A 1 95 ? -9.92722  -6.81801  5.98034   1.000 30.19376  ? 406 TRP A O   1 
ATOM   685 C  CB  . TRP A 1 95 ? -7.02031  -6.66659  7.02627   1.000 35.74170  ? 406 TRP A CB  1 
ATOM   686 C  CG  . TRP A 1 95 ? -6.24962  -6.29511  8.24634   1.000 34.02203  ? 406 TRP A CG  1 
ATOM   687 C  CD1 . TRP A 1 95 ? -4.96455  -6.63534  8.54215   1.000 35.07194  ? 406 TRP A CD1 1 
ATOM   688 C  CD2 . TRP A 1 95 ? -6.72968  -5.53216  9.35722   1.000 36.63536  ? 406 TRP A CD2 1 
ATOM   689 N  NE1 . TRP A 1 95 ? -4.60604  -6.11836  9.76551   1.000 40.15052  ? 406 TRP A NE1 1 
ATOM   690 C  CE2 . TRP A 1 95 ? -5.67234  -5.43496  10.28650  1.000 36.90036  ? 406 TRP A CE2 1 
ATOM   691 C  CE3 . TRP A 1 95 ? -7.94187  -4.90404  9.64581   1.000 33.52950  ? 406 TRP A CE3 1 
ATOM   692 C  CZ2 . TRP A 1 95 ? -5.79579  -4.74488  11.49165  1.000 41.82490  ? 406 TRP A CZ2 1 
ATOM   693 C  CZ3 . TRP A 1 95 ? -8.06403  -4.21750  10.84156  1.000 35.01917  ? 406 TRP A CZ3 1 
ATOM   694 C  CH2 . TRP A 1 95 ? -6.99436  -4.14070  11.74970  1.000 40.56395  ? 406 TRP A CH2 1 
ATOM   695 N  N   . PRO A 1 96 ? -9.01290  -8.71262  5.22985   1.000 31.52572  ? 407 PRO A N   1 
ATOM   696 C  CA  . PRO A 1 96 ? -9.89038  -8.67147  4.04907   1.000 31.56780  ? 407 PRO A CA  1 
ATOM   697 C  C   . PRO A 1 96 ? -11.36854 -8.71918  4.42125   1.000 29.16736  ? 407 PRO A C   1 
ATOM   698 O  O   . PRO A 1 96 ? -11.76281 -9.31834  5.42426   1.000 32.45445  ? 407 PRO A O   1 
ATOM   699 C  CB  . PRO A 1 96 ? -9.47802  -9.91345  3.25639   1.000 31.41127  ? 407 PRO A CB  1 
ATOM   700 C  CG  . PRO A 1 96 ? -8.06923  -10.09886 3.60912   1.000 30.04933  ? 407 PRO A CG  1 
ATOM   701 C  CD  . PRO A 1 96 ? -7.95643  -9.72658  5.05989   1.000 34.38009  ? 407 PRO A CD  1 
ATOM   702 N  N   . LEU A 1 97 ? -12.18185 -8.06194  3.60089   1.000 29.76156  ? 408 LEU A N   1 
ATOM   703 C  CA  . LEU A 1 97 ? -13.62846 -8.02352  3.74496   1.000 29.43625  ? 408 LEU A CA  1 
ATOM   704 C  C   . LEU A 1 97 ? -14.30180 -8.41655  2.43884   1.000 35.85437  ? 408 LEU A C   1 
ATOM   705 O  O   . LEU A 1 97 ? -13.72661 -8.23816  1.35685   1.000 33.36320  ? 408 LEU A O   1 
ATOM   706 C  CB  . LEU A 1 97 ? -14.08376 -6.61210  4.15326   1.000 28.99563  ? 408 LEU A CB  1 
ATOM   707 C  CG  . LEU A 1 97 ? -13.75104 -6.18167  5.57994   1.000 33.18736  ? 408 LEU A CG  1 
ATOM   708 C  CD1 . LEU A 1 97 ? -13.98345 -4.66434  5.75940   1.000 30.77608  ? 408 LEU A CD1 1 
ATOM   709 C  CD2 . LEU A 1 97 ? -14.54479 -6.99990  6.58710   1.000 33.58243  ? 408 LEU A CD2 1 
ATOM   710 N  N   . PRO A 1 98 ? -15.53484 -8.91979  2.49859   1.000 32.93457  ? 409 PRO A N   1 
ATOM   711 C  CA  . PRO A 1 98 ? -16.27786 -9.21318  1.25606   1.000 34.68893  ? 409 PRO A CA  1 
ATOM   712 C  C   . PRO A 1 98 ? -16.39142 -7.96835  0.40052   1.000 33.56455  ? 409 PRO A C   1 
ATOM   713 O  O   . PRO A 1 98 ? -16.55990 -6.86045  0.93043   1.000 35.80027  ? 409 PRO A O   1 
ATOM   714 C  CB  . PRO A 1 98 ? -17.65014 -9.67126  1.75732   1.000 35.16576  ? 409 PRO A CB  1 
ATOM   715 C  CG  . PRO A 1 98 ? -17.36409 -10.25372 3.14913   1.000 35.21323  ? 409 PRO A CG  1 
ATOM   716 C  CD  . PRO A 1 98 ? -16.28071 -9.34402  3.70208   1.000 33.60357  ? 409 PRO A CD  1 
ATOM   717 N  N   . PRO A 1 99 ? -16.27509 -8.10329  -0.92737  1.000 32.60231  ? 410 PRO A N   1 
ATOM   718 C  CA  . PRO A 1 99 ? -16.17766 -6.93417  -1.81127  1.000 38.13467  ? 410 PRO A CA  1 
ATOM   719 C  C   . PRO A 1 99 ? -17.41695 -6.05437  -1.81363  1.000 40.53611  ? 410 PRO A C   1 
ATOM   720 O  O   . PRO A 1 99 ? -18.51905 -6.50454  -1.51685  1.000 40.84047  ? 410 PRO A O   1 
ATOM   721 C  CB  . PRO A 1 99 ? -15.95854 -7.55040  -3.20617  1.000 39.63894  ? 410 PRO A CB  1 
ATOM   722 C  CG  . PRO A 1 99 ? -16.28085 -8.98672  -3.08073  1.000 41.40268  ? 410 PRO A CG  1 
ATOM   723 C  CD  . PRO A 1 99 ? -16.04020 -9.36446  -1.64514  1.000 41.95350  ? 410 PRO A CD  1 
ATOM   724 O  OXT . PRO A 1 99 ? -17.32702 -4.86262  -2.11319  1.000 45.35258  ? 410 PRO A OXT 1 
HETATM 725 S  S   . SO4 B 2 .  ? 1.29527   -0.17450  12.55209  1.000 67.54964  ? 501 SO4 A S   1 
HETATM 726 O  O1  . SO4 B 2 .  ? -0.12368  0.16301   12.63411  1.000 45.16725  ? 501 SO4 A O1  1 
HETATM 727 O  O2  . SO4 B 2 .  ? 1.71216   -0.25511  11.14937  1.000 56.90101  ? 501 SO4 A O2  1 
HETATM 728 O  O3  . SO4 B 2 .  ? 1.52469   -1.46365  13.20885  1.000 58.55061  ? 501 SO4 A O3  1 
HETATM 729 O  O4  . SO4 B 2 .  ? 2.07723   0.86224   13.22221  1.000 62.20621  ? 501 SO4 A O4  1 
HETATM 730 S  S   . SO4 C 2 .  ? -8.51416  5.04895   0.33437   1.000 84.40883  ? 502 SO4 A S   1 
HETATM 731 O  O1  . SO4 C 2 .  ? -9.51673  6.05254   0.69001   1.000 76.73322  ? 502 SO4 A O1  1 
HETATM 732 O  O2  . SO4 C 2 .  ? -9.15555  3.74806   0.17532   1.000 63.07765  ? 502 SO4 A O2  1 
HETATM 733 O  O3  . SO4 C 2 .  ? -7.87652  5.42739   -0.92019  1.000 65.10516  ? 502 SO4 A O3  1 
HETATM 734 O  O4  . SO4 C 2 .  ? -7.51156  4.95010   1.39216   1.000 53.83211  ? 502 SO4 A O4  1 
HETATM 735 S  S   . SO4 D 2 .  ? -6.55414  9.10341   -0.68015  1.000 55.14788  ? 503 SO4 A S   1 
HETATM 736 O  O1  . SO4 D 2 .  ? -7.13583  10.44426  -0.62962  1.000 61.50604  ? 503 SO4 A O1  1 
HETATM 737 O  O2  . SO4 D 2 .  ? -7.52970  8.17237   -1.25262  1.000 56.88729  ? 503 SO4 A O2  1 
HETATM 738 O  O3  . SO4 D 2 .  ? -5.36201  9.12473   -1.52765  1.000 52.30382  ? 503 SO4 A O3  1 
HETATM 739 O  O4  . SO4 D 2 .  ? -6.20880  8.68640   0.67552   1.000 55.31778  ? 503 SO4 A O4  1 
HETATM 740 S  S   . SO4 E 2 .  ? -16.77353 -0.51985  -4.73022  1.000 108.69265 ? 504 SO4 A S   1 
HETATM 741 O  O1  . SO4 E 2 .  ? -18.14181 -0.22240  -4.31422  1.000 91.32307  ? 504 SO4 A O1  1 
HETATM 742 O  O2  . SO4 E 2 .  ? -16.75705 -1.73963  -5.53455  1.000 100.39532 ? 504 SO4 A O2  1 
HETATM 743 O  O3  . SO4 E 2 .  ? -16.25107 0.59139   -5.52119  1.000 93.88968  ? 504 SO4 A O3  1 
HETATM 744 O  O4  . SO4 E 2 .  ? -15.93843 -0.70903  -3.54818  1.000 85.09192  ? 504 SO4 A O4  1 
HETATM 745 NA NA  . NA  F 3 .  ? -6.86672  1.35928   -10.24377 1.000 52.99865  ? 505 NA  A NA  1 
HETATM 746 O  O   . HOH G 4 .  ? 8.63537   -11.14571 6.88443   1.000 63.22454  ? 601 HOH A O   1 
HETATM 747 O  O   . HOH G 4 .  ? 5.76363   5.03654   8.02840   1.000 48.28217  ? 602 HOH A O   1 
HETATM 748 O  O   . HOH G 4 .  ? 12.55019  6.97868   2.62017   1.000 51.66146  ? 603 HOH A O   1 
HETATM 749 O  O   . HOH G 4 .  ? -8.44082  -13.83015 4.69653   1.000 45.26452  ? 604 HOH A O   1 
HETATM 750 O  O   . HOH G 4 .  ? -19.96921 -8.52554  -0.90205  1.000 35.02472  ? 605 HOH A O   1 
HETATM 751 O  O   . HOH G 4 .  ? -1.55869  2.03602   13.65734  1.000 45.93435  ? 606 HOH A O   1 
HETATM 752 O  O   . HOH G 4 .  ? -12.19261 -8.94340  -0.65291  1.000 48.14973  ? 607 HOH A O   1 
HETATM 753 O  O   . HOH G 4 .  ? 7.73509   -7.24246  -7.58711  1.000 33.75804  ? 608 HOH A O   1 
HETATM 754 O  O   . HOH G 4 .  ? -8.59885  3.21563   14.06270  1.000 54.10467  ? 609 HOH A O   1 
HETATM 755 O  O   . HOH G 4 .  ? 9.24973   0.63306   7.07973   1.000 50.09411  ? 610 HOH A O   1 
HETATM 756 O  O   . HOH G 4 .  ? -2.27448  -6.82192  11.32697  1.000 38.89563  ? 611 HOH A O   1 
HETATM 757 O  O   . HOH G 4 .  ? -14.85773 4.34747   8.01218   1.000 53.24093  ? 612 HOH A O   1 
HETATM 758 O  O   . HOH G 4 .  ? 7.36916   11.61659  -10.12415 1.000 32.63161  ? 613 HOH A O   1 
HETATM 759 O  O   . HOH G 4 .  ? -2.73163  -6.48138  3.76459   1.000 38.57238  ? 614 HOH A O   1 
HETATM 760 O  O   . HOH G 4 .  ? 9.91066   1.77966   -15.14286 1.000 47.01447  ? 615 HOH A O   1 
HETATM 761 O  O   . HOH G 4 .  ? 3.52917   11.32098  2.94257   1.000 40.61655  ? 616 HOH A O   1 
HETATM 762 O  O   . HOH G 4 .  ? -8.30862  8.11314   -3.90333  1.000 44.80586  ? 617 HOH A O   1 
HETATM 763 O  O   . HOH G 4 .  ? 2.25543   1.78445   9.35192   1.000 41.22122  ? 618 HOH A O   1 
HETATM 764 O  O   . HOH G 4 .  ? 0.26196   7.02829   -9.49642  1.000 32.30039  ? 619 HOH A O   1 
HETATM 765 O  O   . HOH G 4 .  ? 5.42729   9.36428   -14.72419 1.000 47.55220  ? 620 HOH A O   1 
HETATM 766 O  O   . HOH G 4 .  ? 3.10107   -4.83155  9.17745   1.000 39.26668  ? 621 HOH A O   1 
HETATM 767 O  O   . HOH G 4 .  ? -1.09516  -15.52875 3.44125   1.000 51.62487  ? 622 HOH A O   1 
HETATM 768 O  O   . HOH G 4 .  ? -5.20968  -1.09479  -11.05040 1.000 36.88199  ? 623 HOH A O   1 
HETATM 769 O  O   . HOH G 4 .  ? -6.90296  6.20648   4.12600   1.000 45.83291  ? 624 HOH A O   1 
HETATM 770 O  O   . HOH G 4 .  ? -11.68253 -8.45428  8.12049   1.000 28.28917  ? 625 HOH A O   1 
HETATM 771 O  O   . HOH G 4 .  ? -3.55154  2.55861   -11.74308 1.000 40.27637  ? 626 HOH A O   1 
HETATM 772 O  O   . HOH G 4 .  ? -12.67971 -2.84484  11.70534  1.000 42.29426  ? 627 HOH A O   1 
HETATM 773 O  O   . HOH G 4 .  ? 8.65048   -6.69523  0.24881   1.000 42.15097  ? 628 HOH A O   1 
HETATM 774 O  O   . HOH G 4 .  ? -2.06598  -13.58497 7.74891   1.000 49.77381  ? 629 HOH A O   1 
HETATM 775 O  O   . HOH G 4 .  ? 8.24762   -10.38697 -5.53561  1.000 46.50108  ? 630 HOH A O   1 
HETATM 776 O  O   . HOH G 4 .  ? 1.12332   -9.97483  -9.06330  1.000 47.07467  ? 631 HOH A O   1 
HETATM 777 O  O   . HOH G 4 .  ? -3.42602  9.93947   4.51308   1.000 44.74951  ? 632 HOH A O   1 
HETATM 778 O  O   . HOH G 4 .  ? 5.30820   11.43388  -12.11828 1.000 38.86377  ? 633 HOH A O   1 
HETATM 779 O  O   . HOH G 4 .  ? 17.46133  12.47784  -4.74284  1.000 52.41048  ? 634 HOH A O   1 
HETATM 780 O  O   . HOH G 4 .  ? 1.44800   -16.30078 2.64469   1.000 55.62029  ? 635 HOH A O   1 
HETATM 781 O  O   . HOH G 4 .  ? -8.18777  7.15438   11.10494  1.000 60.41882  ? 636 HOH A O   1 
HETATM 782 O  O   . HOH G 4 .  ? -14.54129 2.94329   3.72959   1.000 45.64186  ? 637 HOH A O   1 
HETATM 783 O  O   . HOH G 4 .  ? -10.95240 -6.82470  12.00452  1.000 62.52073  ? 638 HOH A O   1 
HETATM 784 O  O   . HOH G 4 .  ? -5.84856  6.34786   -12.01858 1.000 47.28138  ? 639 HOH A O   1 
HETATM 785 O  O   . HOH G 4 .  ? -0.43340  5.10822   12.07177  1.000 57.14464  ? 640 HOH A O   1 
HETATM 786 O  O   . HOH G 4 .  ? -11.56185 9.20149   -0.19677  1.000 64.55840  ? 641 HOH A O   1 
HETATM 787 O  O   . HOH G 4 .  ? 13.51419  3.79358   -9.01155  1.000 50.34002  ? 642 HOH A O   1 
HETATM 788 O  O   . HOH G 4 .  ? -13.69495 -12.31582 2.93096   1.000 41.13122  ? 643 HOH A O   1 
HETATM 789 O  O   . HOH G 4 .  ? -15.43717 -12.74285 0.78711   1.000 39.32856  ? 644 HOH A O   1 
HETATM 790 O  O   . HOH G 4 .  ? -6.88794  13.14023  4.47383   1.000 62.74066  ? 645 HOH A O   1 
HETATM 791 O  O   . HOH G 4 .  ? -6.85851  -2.85700  -9.68194  1.000 42.28019  ? 646 HOH A O   1 
HETATM 792 O  O   . HOH G 4 .  ? -4.04367  -5.72792  14.83646  1.000 54.63892  ? 647 HOH A O   1 
HETATM 793 O  O   . HOH G 4 .  ? 0.22917   -12.97860 -4.64442  1.000 57.49114  ? 648 HOH A O   1 
# 
loop_
_atom_site_anisotrop.id 
_atom_site_anisotrop.type_symbol 
_atom_site_anisotrop.pdbx_label_atom_id 
_atom_site_anisotrop.pdbx_label_alt_id 
_atom_site_anisotrop.pdbx_label_comp_id 
_atom_site_anisotrop.pdbx_label_asym_id 
_atom_site_anisotrop.pdbx_label_seq_id 
_atom_site_anisotrop.pdbx_PDB_ins_code 
_atom_site_anisotrop.U[1][1] 
_atom_site_anisotrop.U[2][2] 
_atom_site_anisotrop.U[3][3] 
_atom_site_anisotrop.U[1][2] 
_atom_site_anisotrop.U[1][3] 
_atom_site_anisotrop.U[2][3] 
_atom_site_anisotrop.pdbx_auth_seq_id 
_atom_site_anisotrop.pdbx_auth_comp_id 
_atom_site_anisotrop.pdbx_auth_asym_id 
_atom_site_anisotrop.pdbx_auth_atom_id 
1   N N   . SER A 11 ? 0.61135 0.71657 0.66350 -0.05473 0.12256  -0.03458 322 SER A N   
2   C CA  . SER A 11 ? 0.83105 0.89269 0.83938 -0.06197 0.12393  -0.03071 322 SER A CA  
3   C C   . SER A 11 ? 0.76039 0.79683 0.74389 -0.04637 0.11843  -0.03326 322 SER A C   
4   O O   . SER A 11 ? 0.52652 0.54478 0.50449 -0.04093 0.10001  -0.03346 322 SER A O   
5   C CB  . SER A 11 ? 0.81711 0.88214 0.81213 -0.07538 0.14666  -0.02735 322 SER A CB  
6   N N   . GLN A 12 ? 0.78475 0.82063 0.75467 -0.03996 0.13551  -0.03662 323 GLN A N   
7   C CA  . GLN A 12 ? 0.66667 0.68320 0.61965 -0.02439 0.13036  -0.04099 323 GLN A CA  
8   C C   . GLN A 12 ? 0.48706 0.53020 0.47746 -0.00771 0.12241  -0.04426 323 GLN A C   
9   O O   . GLN A 12 ? 0.46690 0.49379 0.44861 0.00192  0.10888  -0.04492 323 GLN A O   
10  C CB  . GLN A 12 ? 0.75075 0.75493 0.67606 -0.02285 0.15180  -0.04691 323 GLN A CB  
11  C CG  . GLN A 12 ? 0.73915 0.70180 0.62253 -0.01840 0.14159  -0.04854 323 GLN A CG  
12  C CD  . GLN A 12 ? 0.98710 0.93124 0.83378 -0.01972 0.16293  -0.05736 323 GLN A CD  
13  O OE1 . GLN A 12 ? 0.93318 0.90070 0.79471 -0.01775 0.18886  -0.06546 323 GLN A OE1 
14  N NE2 . GLN A 12 ? 0.82273 0.72575 0.62221 -0.02362 0.15242  -0.05705 323 GLN A NE2 
15  N N   . GLU A 13 ? 0.42485 0.50926 0.45699 -0.00642 0.12836  -0.04435 324 GLU A N   
16  C CA  . GLU A 13 ? 0.39373 0.50338 0.45942 0.00459  0.11487  -0.04328 324 GLU A CA  
17  C C   . GLU A 13 ? 0.37711 0.47782 0.43634 -0.00154 0.09373  -0.04128 324 GLU A C   
18  O O   . GLU A 13 ? 0.33223 0.43249 0.39436 0.00682  0.08072  -0.04068 324 GLU A O   
19  C CB  . GLU A 13 ? 0.39909 0.55615 0.51121 0.00335  0.12147  -0.04141 324 GLU A CB  
20  C CG  . GLU A 13 ? 0.43416 0.61124 0.57167 0.01679  0.14112  -0.04495 324 GLU A CG  
21  C CD  . GLU A 13 ? 0.48745 0.64264 0.61619 0.03659  0.14002  -0.04882 324 GLU A CD  
22  O OE1 . GLU A 13 ? 0.54601 0.69958 0.68183 0.04427  0.12002  -0.04392 324 GLU A OE1 
23  O OE2 . GLU A 13 ? 0.70491 0.84343 0.81773 0.04269  0.15978  -0.05722 324 GLU A OE2 
24  N N   . LEU A 14 ? 0.36058 0.45334 0.41184 -0.01676 0.09100  -0.04082 325 LEU A N   
25  C CA  . LEU A 14 ? 0.38138 0.46449 0.42952 -0.02114 0.07426  -0.04276 325 LEU A CA  
26  C C   . LEU A 14 ? 0.36463 0.41377 0.38644 -0.01419 0.06589  -0.04298 325 LEU A C   
27  O O   . LEU A 14 ? 0.35529 0.40595 0.38092 -0.00958 0.05449  -0.04522 325 LEU A O   
28  C CB  . LEU A 14 ? 0.39508 0.47164 0.44342 -0.03768 0.07336  -0.04349 325 LEU A CB  
29  C CG  . LEU A 14 ? 0.40972 0.47252 0.45719 -0.04082 0.05911  -0.04932 325 LEU A CG  
30  C CD1 . LEU A 14 ? 0.42226 0.51239 0.48625 -0.03736 0.05148  -0.05464 325 LEU A CD1 
31  C CD2 . LEU A 14 ? 0.47624 0.52864 0.52737 -0.05658 0.05814  -0.05124 325 LEU A CD2 
32  N N   . LEU A 15 ? 0.41086 0.43070 0.40481 -0.01555 0.07116  -0.04013 326 LEU A N   
33  C CA  . LEU A 15 ? 0.42704 0.41578 0.39674 -0.01058 0.06071  -0.03890 326 LEU A CA  
34  C C   . LEU A 15 ? 0.42464 0.41946 0.39754 0.00252  0.05801  -0.04081 326 LEU A C   
35  O O   . LEU A 15 ? 0.42696 0.41403 0.39849 0.00596  0.04512  -0.04090 326 LEU A O   
36  C CB  . LEU A 15 ? 0.48721 0.44466 0.42106 -0.01705 0.06636  -0.03440 326 LEU A CB  
37  C CG  . LEU A 15 ? 0.49708 0.41897 0.40374 -0.01766 0.05106  -0.03007 326 LEU A CG  
38  C CD1 . LEU A 15 ? 0.43838 0.35616 0.36346 -0.01941 0.03398  -0.02862 326 LEU A CD1 
39  C CD2 . LEU A 15 ? 0.52336 0.41526 0.38854 -0.02931 0.05616  -0.02374 326 LEU A CD2 
40  N N   . LYS A 16 ? 0.41935 0.42851 0.40005 0.00975  0.07028  -0.04214 327 LYS A N   
41  C CA  . LYS A 16 ? 0.37569 0.38790 0.36316 0.02254  0.06657  -0.04263 327 LYS A CA  
42  C C   . LYS A 16 ? 0.39457 0.42842 0.40399 0.02304  0.05248  -0.04019 327 LYS A C   
43  O O   . LYS A 16 ? 0.40898 0.43420 0.41332 0.02768  0.04235  -0.03836 327 LYS A O   
44  C CB  . LYS A 16 ? 0.38520 0.41337 0.38913 0.03167  0.08266  -0.04507 327 LYS A CB  
45  C CG  . LYS A 16 ? 0.56693 0.59686 0.58461 0.04630  0.07801  -0.04434 327 LYS A CG  
46  C CD  . LYS A 16 ? 0.56713 0.61976 0.61611 0.05765  0.09294  -0.04674 327 LYS A CD  
47  C CE  . LYS A 16 ? 0.61170 0.65207 0.64284 0.05630  0.11676  -0.05600 327 LYS A CE  
48  N NZ  . LYS A 16 ? 0.64154 0.70665 0.70958 0.06946  0.13515  -0.06130 327 LYS A NZ  
49  N N   . ASP A 17 ? 0.31392 0.37526 0.34464 0.01558  0.05170  -0.04032 328 ASP A N   
50  C CA  . ASP A 17 ? 0.29991 0.38198 0.34455 0.01249  0.03964  -0.03938 328 ASP A CA  
51  C C   . ASP A 17 ? 0.38095 0.44679 0.41192 0.00804  0.03083  -0.04305 328 ASP A C   
52  O O   . ASP A 17 ? 0.35054 0.42359 0.38272 0.00804  0.02244  -0.04187 328 ASP A O   
53  C CB  . ASP A 17 ? 0.37730 0.48985 0.44294 0.00245  0.04039  -0.04066 328 ASP A CB  
54  C CG  . ASP A 17 ? 0.46020 0.59787 0.53653 -0.00238 0.02854  -0.03870 328 ASP A CG  
55  O OD1 . ASP A 17 ? 0.51417 0.66307 0.59974 0.00497  0.02285  -0.03038 328 ASP A OD1 
56  O OD2 . ASP A 17 ? 0.41179 0.55546 0.48553 -0.01416 0.02476  -0.04564 328 ASP A OD2 
57  N N   . TYR A 18 ? 0.35259 0.39748 0.37290 0.00368  0.03225  -0.04654 329 TYR A N   
58  C CA  . TYR A 18 ? 0.39290 0.42467 0.40944 0.00189  0.02366  -0.05015 329 TYR A CA  
59  C C   . TYR A 18 ? 0.35473 0.36840 0.35704 0.00852  0.01730  -0.04577 329 TYR A C   
60  O O   . TYR A 18 ? 0.39704 0.41484 0.40420 0.00784  0.01007  -0.04727 329 TYR A O   
61  C CB  . TYR A 18 ? 0.35498 0.36602 0.36826 -0.00318 0.02336  -0.05221 329 TYR A CB  
62  C CG  . TYR A 18 ? 0.36635 0.39061 0.39629 -0.01187 0.02595  -0.05962 329 TYR A CG  
63  C CD1 . TYR A 18 ? 0.39640 0.43758 0.44089 -0.01513 0.02349  -0.06973 329 TYR A CD1 
64  C CD2 . TYR A 18 ? 0.43920 0.45797 0.46806 -0.01901 0.03181  -0.05758 329 TYR A CD2 
65  C CE1 . TYR A 18 ? 0.37546 0.42467 0.43182 -0.02456 0.02616  -0.07949 329 TYR A CE1 
66  C CE2 . TYR A 18 ? 0.40595 0.43307 0.44919 -0.02891 0.03294  -0.06487 329 TYR A CE2 
67  C CZ  . TYR A 18 ? 0.40027 0.44105 0.45662 -0.03127 0.02977  -0.07672 329 TYR A CZ  
68  O OH  . TYR A 18 ? 0.41324 0.45858 0.48057 -0.04252 0.03127  -0.08662 329 TYR A OH  
69  N N   . ILE A 19 ? 0.37134 0.36457 0.35514 0.01307  0.02089  -0.04160 330 ILE A N   
70  C CA  . ILE A 19 ? 0.37751 0.34973 0.34426 0.01753  0.01430  -0.03847 330 ILE A CA  
71  C C   . ILE A 19 ? 0.39840 0.38620 0.37541 0.02164  0.01082  -0.03606 330 ILE A C   
72  O O   . ILE A 19 ? 0.39973 0.38232 0.37404 0.02037  0.00137  -0.03382 330 ILE A O   
73  C CB  . ILE A 19 ? 0.37916 0.32570 0.31983 0.01994  0.02189  -0.03783 330 ILE A CB  
74  C CG1 . ILE A 19 ? 0.45379 0.38203 0.37793 0.01187  0.02275  -0.03659 330 ILE A CG1 
75  C CG2 . ILE A 19 ? 0.43812 0.35967 0.35827 0.02314  0.01466  -0.03660 330 ILE A CG2 
76  C CD1 . ILE A 19 ? 0.51051 0.42055 0.40670 0.01008  0.03567  -0.03736 330 ILE A CD1 
77  N N   . LYS A 20 ? 0.37158 0.37934 0.36230 0.02542  0.01704  -0.03468 331 LYS A N   
78  C CA  . LYS A 20 ? 0.38148 0.40310 0.38288 0.02838  0.01066  -0.02870 331 LYS A CA  
79  C C   . LYS A 20 ? 0.39181 0.43096 0.39862 0.01880  0.00200  -0.02798 331 LYS A C   
80  O O   . LYS A 20 ? 0.41698 0.45124 0.41858 0.01697  -0.00612 -0.02298 331 LYS A O   
81  C CB  . LYS A 20 ? 0.39896 0.44486 0.42157 0.03282  0.01571  -0.02573 331 LYS A CB  
82  C CG  . LYS A 20 ? 0.44097 0.49666 0.47604 0.03748  0.00621  -0.01573 331 LYS A CG  
83  C CD  . LYS A 20 ? 0.42866 0.51840 0.49135 0.03776  0.00568  -0.01071 331 LYS A CD  
84  C CE  . LYS A 20 ? 0.50667 0.60508 0.58357 0.04183  -0.00806 0.00305  331 LYS A CE  
85  N NZ  . LYS A 20 ? 0.68732 0.82102 0.79411 0.04124  -0.01267 0.01036  331 LYS A NZ  
86  N N   . ARG A 21 ? 0.33861 0.39799 0.35517 0.01109  0.00493  -0.03404 332 ARG A N   
87  C CA  . ARG A 21 ? 0.35955 0.43818 0.38011 0.00086  0.00084  -0.03709 332 ARG A CA  
88  C C   . ARG A 21 ? 0.37303 0.43804 0.38920 -0.00049 -0.00222 -0.04031 332 ARG A C   
89  O O   . ARG A 21 ? 0.37967 0.45671 0.39631 -0.00741 -0.00576 -0.03909 332 ARG A O   
90  C CB  . ARG A 21 ? 0.41891 0.51692 0.44914 -0.00736 0.00619  -0.04693 332 ARG A CB  
91  C CG  . ARG A 21 ? 0.51032 0.62888 0.54876 -0.00953 0.00641  -0.04258 332 ARG A CG  
92  N N   . GLN A 22 ? 0.38237 0.42376 0.39461 0.00449  -0.00188 -0.04286 333 GLN A N   
93  C CA  . GLN A 22 ? 0.37973 0.41039 0.39367 0.00339  -0.00795 -0.04417 333 GLN A CA  
94  C C   . GLN A 22 ? 0.39093 0.41073 0.39355 0.00350  -0.01575 -0.03538 333 GLN A C   
95  O O   . GLN A 22 ? 0.40138 0.43111 0.41122 -0.00254 -0.02004 -0.03490 333 GLN A O   
96  C CB  . GLN A 22 ? 0.41154 0.41717 0.42160 0.00708  -0.01018 -0.04517 333 GLN A CB  
97  C CG  . GLN A 22 ? 0.41618 0.41100 0.43243 0.00643  -0.02059 -0.04392 333 GLN A CG  
98  C CD  . GLN A 22 ? 0.41240 0.43239 0.45822 0.00332  -0.01857 -0.05307 333 GLN A CD  
99  O OE1 . GLN A 22 ? 0.44348 0.46755 0.50605 0.00430  -0.01439 -0.06166 333 GLN A OE1 
100 N NE2 . GLN A 22 ? 0.41925 0.45531 0.47201 -0.00125 -0.02037 -0.05220 333 GLN A NE2 
101 N N   . ILE A 23 ? 0.37675 0.37587 0.36296 0.00964  -0.01659 -0.02943 334 ILE A N   
102 C CA  . ILE A 23 ? 0.37252 0.35406 0.34661 0.00942  -0.02480 -0.02233 334 ILE A CA  
103 C C   . ILE A 23 ? 0.43361 0.43465 0.41426 0.00437  -0.02767 -0.01544 334 ILE A C   
104 O O   . ILE A 23 ? 0.43730 0.43533 0.41507 -0.00259 -0.03550 -0.00957 334 ILE A O   
105 C CB  . ILE A 23 ? 0.39191 0.34224 0.34617 0.01785  -0.02257 -0.02167 334 ILE A CB  
106 C CG1 . ILE A 23 ? 0.49231 0.42102 0.43159 0.01728  -0.02261 -0.02594 334 ILE A CG1 
107 C CG2 . ILE A 23 ? 0.46139 0.38948 0.40343 0.01792  -0.03085 -0.01585 334 ILE A CG2 
108 C CD1 . ILE A 23 ? 0.46538 0.36522 0.37961 0.02271  -0.01589 -0.02859 334 ILE A CD1 
109 N N   . GLU A 24 ? 0.40840 0.43057 0.39743 0.00522  -0.02303 -0.01441 335 GLU A N   
110 C CA  . GLU A 24 ? 0.42094 0.46249 0.41270 -0.00298 -0.02865 -0.00527 335 GLU A CA  
111 C C   . GLU A 24 ? 0.43724 0.50088 0.43196 -0.01740 -0.02797 -0.00895 335 GLU A C   
112 O O   . GLU A 24 ? 0.40596 0.47671 0.39547 -0.02798 -0.03393 0.00015  335 GLU A O   
113 C CB  . GLU A 24 ? 0.40816 0.47083 0.40910 -0.00141 -0.02677 -0.00255 335 GLU A CB  
114 C CG  . GLU A 24 ? 0.40436 0.45043 0.41016 0.01321  -0.02765 0.00342  335 GLU A CG  
115 C CD  . GLU A 24 ? 0.47416 0.54583 0.49711 0.01479  -0.02892 0.00894  335 GLU A CD  
116 O OE1 . GLU A 24 ? 0.54465 0.64410 0.57041 0.00347  -0.02814 0.00584  335 GLU A OE1 
117 O OE2 . GLU A 24 ? 0.49476 0.55881 0.53030 0.02719  -0.03112 0.01574  335 GLU A OE2 
118 N N   . TYR A 25 ? 0.39900 0.47240 0.40345 -0.01828 -0.02020 -0.02231 336 TYR A N   
119 C CA  . TYR A 25 ? 0.39010 0.48599 0.40363 -0.02991 -0.01614 -0.02940 336 TYR A CA  
120 C C   . TYR A 25 ? 0.41453 0.50015 0.42874 -0.03346 -0.02298 -0.02358 336 TYR A C   
121 O O   . TYR A 25 ? 0.37274 0.47777 0.38866 -0.04679 -0.02210 -0.02110 336 TYR A O   
122 C CB  . TYR A 25 ? 0.37080 0.47474 0.40135 -0.02701 -0.00707 -0.04601 336 TYR A CB  
123 C CG  . TYR A 25 ? 0.39849 0.52606 0.44496 -0.03643 -0.00049 -0.05579 336 TYR A CG  
124 C CD1 . TYR A 25 ? 0.47832 0.63538 0.51959 -0.05118 0.00745  -0.06010 336 TYR A CD1 
125 C CD2 . TYR A 25 ? 0.40899 0.53114 0.47563 -0.03207 -0.00265 -0.05967 336 TYR A CD2 
126 C CE1 . TYR A 25 ? 0.42104 0.60285 0.47708 -0.06091 0.01760  -0.07122 336 TYR A CE1 
127 C CE2 . TYR A 25 ? 0.40777 0.55658 0.49688 -0.03966 0.00537  -0.06954 336 TYR A CE2 
128 C CZ  . TYR A 25 ? 0.44935 0.62846 0.53294 -0.05394 0.01761  -0.07659 336 TYR A CZ  
129 O OH  . TYR A 25 ? 0.50630 0.71496 0.61252 -0.06245 0.02989  -0.08900 336 TYR A OH  
130 N N   . TYR A 26 ? 0.38701 0.44284 0.39787 -0.02429 -0.02993 -0.02121 337 TYR A N   
131 C CA  . TYR A 26 ? 0.34967 0.39430 0.36078 -0.02954 -0.03922 -0.01535 337 TYR A CA  
132 C C   . TYR A 26 ? 0.38408 0.42678 0.38230 -0.03945 -0.04545 -0.00224 337 TYR A C   
133 O O   . TYR A 26 ? 0.38364 0.43360 0.38679 -0.05133 -0.04982 0.00242  337 TYR A O   
134 C CB  . TYR A 26 ? 0.34871 0.35600 0.34727 -0.02066 -0.04790 -0.01349 337 TYR A CB  
135 C CG  . TYR A 26 ? 0.42124 0.42304 0.42884 -0.01360 -0.04698 -0.02147 337 TYR A CG  
136 C CD1 . TYR A 26 ? 0.41882 0.44395 0.45536 -0.01535 -0.04434 -0.02909 337 TYR A CD1 
137 C CD2 . TYR A 26 ? 0.44056 0.41186 0.42778 -0.00579 -0.04881 -0.02101 337 TYR A CD2 
138 C CE1 . TYR A 26 ? 0.44816 0.46291 0.49474 -0.00843 -0.04702 -0.03354 337 TYR A CE1 
139 C CE2 . TYR A 26 ? 0.44407 0.40658 0.43502 -0.00211 -0.05042 -0.02464 337 TYR A CE2 
140 C CZ  . TYR A 26 ? 0.41650 0.39892 0.43764 -0.00303 -0.05133 -0.02951 337 TYR A CZ  
141 O OH  . TYR A 26 ? 0.48395 0.45260 0.50966 0.00090  -0.05607 -0.03032 337 TYR A OH  
142 N N   . PHE A 27 ? 0.37435 0.39895 0.38056 -0.02557 0.04282  -0.01221 338 PHE A N   
143 C CA  . PHE A 27 ? 0.37567 0.41074 0.36007 -0.02354 0.03744  -0.00453 338 PHE A CA  
144 C C   . PHE A 27 ? 0.43015 0.50024 0.41672 -0.03053 0.03294  -0.01477 338 PHE A C   
145 O O   . PHE A 27 ? 0.43582 0.52020 0.40842 -0.02870 0.02835  -0.00425 338 PHE A O   
146 C CB  . PHE A 27 ? 0.38920 0.41604 0.36739 -0.01596 0.03990  0.00955  338 PHE A CB  
147 C CG  . PHE A 27 ? 0.40603 0.40101 0.36745 -0.00829 0.04342  0.01906  338 PHE A CG  
148 C CD1 . PHE A 27 ? 0.42043 0.40071 0.36057 -0.00539 0.03884  0.02399  338 PHE A CD1 
149 C CD2 . PHE A 27 ? 0.40278 0.38396 0.36974 -0.00506 0.05111  0.02276  338 PHE A CD2 
150 C CE1 . PHE A 27 ? 0.38351 0.33686 0.30487 0.00024  0.03981  0.02806  338 PHE A CE1 
151 C CE2 . PHE A 27 ? 0.40731 0.36380 0.35130 0.00194  0.05342  0.03072  338 PHE A CE2 
152 C CZ  . PHE A 27 ? 0.41616 0.35934 0.33588 0.00428  0.04670  0.03099  338 PHE A CZ  
153 N N   . SER A 28 ? 0.37972 0.46429 0.38356 -0.03824 0.03434  -0.03505 339 SER A N   
154 C CA  . SER A 28 ? 0.43196 0.55320 0.43114 -0.04570 0.02993  -0.04937 339 SER A CA  
155 C C   . SER A 28 ? 0.41759 0.54584 0.39728 -0.04572 0.03086  -0.04787 339 SER A C   
156 O O   . SER A 28 ? 0.43100 0.53668 0.41218 -0.04257 0.03501  -0.04421 339 SER A O   
157 C CB  . SER A 28 ? 0.42430 0.55584 0.44912 -0.05467 0.03248  -0.07760 339 SER A CB  
158 O OG  . SER A 28 ? 0.37069 0.48417 0.40724 -0.05441 0.04033  -0.08942 339 SER A OG  
159 N N   . VAL A 29 ? 0.43106 0.59462 0.39348 -0.04950 0.02665  -0.04845 340 VAL A N   
160 C CA  . VAL A 29 ? 0.47273 0.64928 0.41873 -0.05077 0.03061  -0.04656 340 VAL A CA  
161 C C   . VAL A 29 ? 0.40235 0.57631 0.36288 -0.05415 0.03990  -0.07196 340 VAL A C   
162 O O   . VAL A 29 ? 0.43984 0.60398 0.40253 -0.05198 0.04608  -0.06753 340 VAL A O   
163 C CB  . VAL A 29 ? 0.48142 0.70239 0.40403 -0.05431 0.02540  -0.04141 340 VAL A CB  
164 C CG1 . VAL A 29 ? 0.53851 0.78042 0.44528 -0.05730 0.03363  -0.04425 340 VAL A CG1 
165 C CG2 . VAL A 29 ? 0.52513 0.74326 0.43971 -0.04782 0.01811  -0.00896 340 VAL A CG2 
166 N N   . ASP A 30 ? 0.44782 0.62954 0.42480 -0.05945 0.04127  -0.09927 341 ASP A N   
167 C CA  . ASP A 30 ? 0.43660 0.61292 0.43472 -0.06130 0.05192  -0.12574 341 ASP A CA  
168 C C   . ASP A 30 ? 0.44471 0.58268 0.46493 -0.05390 0.05656  -0.11367 341 ASP A C   
169 O O   . ASP A 30 ? 0.47783 0.61471 0.50748 -0.05143 0.06464  -0.11857 341 ASP A O   
170 C CB  . ASP A 30 ? 0.49803 0.67978 0.51871 -0.06868 0.05190  -0.15661 341 ASP A CB  
171 C CG  . ASP A 30 ? 0.76298 0.95699 0.79539 -0.07272 0.06318  -0.19274 341 ASP A CG  
172 O OD1 . ASP A 30 ? 0.85393 1.08671 0.85980 -0.07826 0.06361  -0.21000 341 ASP A OD1 
173 O OD2 . ASP A 30 ? 0.81776 0.98352 0.88634 -0.06951 0.07238  -0.20346 341 ASP A OD2 
174 N N   . ASN A 31 ? 0.42519 0.53497 0.45411 -0.04988 0.05165  -0.09700 342 ASN A N   
175 C CA  . ASN A 31 ? 0.39122 0.46949 0.43525 -0.04282 0.05341  -0.08346 342 ASN A CA  
176 C C   . ASN A 31 ? 0.38286 0.45819 0.40653 -0.03929 0.04930  -0.06277 342 ASN A C   
177 O O   . ASN A 31 ? 0.38146 0.44874 0.41793 -0.03624 0.05118  -0.05961 342 ASN A O   
178 C CB  . ASN A 31 ? 0.37137 0.42379 0.42467 -0.03942 0.05083  -0.07040 342 ASN A CB  
179 C CG  . ASN A 31 ? 0.39761 0.42237 0.46179 -0.03195 0.05086  -0.05496 342 ASN A CG  
180 O OD1 . ASN A 31 ? 0.39484 0.41421 0.48670 -0.03007 0.05592  -0.06284 342 ASN A OD1 
181 N ND2 . ASN A 31 ? 0.38017 0.38923 0.42293 -0.02710 0.04493  -0.03354 342 ASN A ND2 
182 N N   . LEU A 32 ? 0.37254 0.45426 0.37008 -0.03978 0.04332  -0.04799 343 LEU A N   
183 C CA  . LEU A 32 ? 0.36813 0.44065 0.35209 -0.03764 0.03914  -0.02858 343 LEU A CA  
184 C C   . LEU A 32 ? 0.40214 0.49446 0.38946 -0.04102 0.04438  -0.03126 343 LEU A C   
185 O O   . LEU A 32 ? 0.39454 0.47639 0.38714 -0.04041 0.04200  -0.02009 343 LEU A O   
186 C CB  . LEU A 32 ? 0.41393 0.48801 0.37641 -0.03669 0.03385  -0.01276 343 LEU A CB  
187 C CG  . LEU A 32 ? 0.44987 0.49860 0.40962 -0.03100 0.03056  -0.00484 343 LEU A CG  
188 C CD1 . LEU A 32 ? 0.43593 0.49017 0.38203 -0.02840 0.02755  0.00901  343 LEU A CD1 
189 C CD2 . LEU A 32 ? 0.47969 0.49775 0.43813 -0.02701 0.02757  0.00243  343 LEU A CD2 
190 N N   . GLU A 33 ? 0.40800 0.53112 0.39357 -0.04510 0.05195  -0.04724 344 GLU A N   
191 C CA  . GLU A 33 ? 0.45803 0.60376 0.44609 -0.04762 0.06081  -0.04901 344 GLU A CA  
192 C C   . GLU A 33 ? 0.47770 0.61176 0.49764 -0.04432 0.06593  -0.05583 344 GLU A C   
193 O O   . GLU A 33 ? 0.43746 0.58383 0.46661 -0.04541 0.07142  -0.04941 344 GLU A O   
194 C CB  . GLU A 33 ? 0.47506 0.65898 0.44988 -0.05203 0.06944  -0.06870 344 GLU A CB  
195 C CG  . GLU A 33 ? 0.49426 0.70290 0.43657 -0.05519 0.06425  -0.05329 344 GLU A CG  
196 C CD  . GLU A 33 ? 0.66784 0.91874 0.59085 -0.06012 0.06932  -0.07488 344 GLU A CD  
197 O OE1 . GLU A 33 ? 0.60044 0.85498 0.53708 -0.06164 0.07614  -0.10731 344 GLU A OE1 
198 O OE2 . GLU A 33 ? 0.63459 0.91546 0.52928 -0.06239 0.06616  -0.05949 344 GLU A OE2 
199 N N   . ARG A 34 ? 0.40907 0.52106 0.45025 -0.04000 0.06429  -0.06526 345 ARG A N   
200 C CA  . ARG A 34 ? 0.41570 0.51788 0.49215 -0.03486 0.06779  -0.06814 345 ARG A CA  
201 C C   . ARG A 34 ? 0.38980 0.46114 0.47451 -0.02977 0.05539  -0.05010 345 ARG A C   
202 O O   . ARG A 34 ? 0.42533 0.49222 0.53843 -0.02510 0.05427  -0.04553 345 ARG A O   
203 C CB  . ARG A 34 ? 0.54443 0.65028 0.64822 -0.03277 0.07979  -0.09565 345 ARG A CB  
204 C CG  . ARG A 34 ? 0.58696 0.67600 0.69071 -0.03381 0.07634  -0.10375 345 ARG A CG  
205 C CD  . ARG A 34 ? 0.85800 0.93372 1.00531 -0.02991 0.08543  -0.12255 345 ARG A CD  
206 N NE  . ARG A 34 ? 0.87115 0.91682 1.04033 -0.02264 0.07875  -0.10096 345 ARG A NE  
207 C CZ  . ARG A 34 ? 0.89063 0.91459 1.07070 -0.02218 0.07670  -0.09670 345 ARG A CZ  
208 N NH1 . ARG A 34 ? 0.77061 0.79822 0.94718 -0.02955 0.07948  -0.11415 345 ARG A NH1 
209 N NH2 . ARG A 34 ? 1.00632 1.00746 1.20180 -0.01469 0.07131  -0.07287 345 ARG A NH2 
210 N N   . ASP A 35 ? 0.39134 0.44467 0.45211 -0.02985 0.04629  -0.03913 346 ASP A N   
211 C CA  . ASP A 35 ? 0.35923 0.38592 0.42113 -0.02456 0.03649  -0.02428 346 ASP A CA  
212 C C   . ASP A 35 ? 0.37193 0.39224 0.41699 -0.02601 0.02473  -0.00834 346 ASP A C   
213 O O   . ASP A 35 ? 0.40365 0.41049 0.42119 -0.02666 0.01834  -0.00002 346 ASP A O   
214 C CB  . ASP A 35 ? 0.38397 0.39642 0.43186 -0.02343 0.03645  -0.02306 346 ASP A CB  
215 C CG  . ASP A 35 ? 0.48048 0.46927 0.53030 -0.01706 0.03085  -0.00829 346 ASP A CG  
216 O OD1 . ASP A 35 ? 0.45524 0.43916 0.51094 -0.01375 0.02295  0.00209  346 ASP A OD1 
217 O OD2 . ASP A 35 ? 0.45704 0.43546 0.50281 -0.01564 0.03417  -0.00573 346 ASP A OD2 
218 N N   . PHE A 36 ? 0.37662 0.40681 0.44344 -0.02660 0.02223  -0.00562 347 PHE A N   
219 C CA  . PHE A 36 ? 0.38609 0.41236 0.44434 -0.03080 0.00989  0.00633  347 PHE A CA  
220 C C   . PHE A 36 ? 0.42770 0.43063 0.46987 -0.02722 -0.00499 0.01601  347 PHE A C   
221 O O   . PHE A 36 ? 0.40462 0.39553 0.42390 -0.03114 -0.01447 0.02049  347 PHE A O   
222 C CB  . PHE A 36 ? 0.37355 0.42076 0.46625 -0.03307 0.01079  0.00711  347 PHE A CB  
223 C CG  . PHE A 36 ? 0.40853 0.48191 0.51413 -0.03519 0.02885  -0.00392 347 PHE A CG  
224 C CD1 . PHE A 36 ? 0.37358 0.45638 0.45376 -0.04101 0.03587  -0.00440 347 PHE A CD1 
225 C CD2 . PHE A 36 ? 0.42186 0.51193 0.56425 -0.03037 0.03959  -0.01359 347 PHE A CD2 
226 C CE1 . PHE A 36 ? 0.42959 0.54112 0.51394 -0.04299 0.05233  -0.01433 347 PHE A CE1 
227 C CE2 . PHE A 36 ? 0.42078 0.53686 0.56973 -0.03204 0.05828  -0.02757 347 PHE A CE2 
228 C CZ  . PHE A 36 ? 0.41043 0.53882 0.52690 -0.03884 0.06426  -0.02802 347 PHE A CZ  
229 N N   . PHE A 37 ? 0.41360 0.40971 0.46683 -0.01967 -0.00631 0.01937  348 PHE A N   
230 C CA  . PHE A 37 ? 0.45705 0.43531 0.48787 -0.01560 -0.01900 0.03060  348 PHE A CA  
231 C C   . PHE A 37 ? 0.44284 0.40398 0.43343 -0.01632 -0.01683 0.02917  348 PHE A C   
232 O O   . PHE A 37 ? 0.49600 0.44503 0.45919 -0.01769 -0.02747 0.03169  348 PHE A O   
233 C CB  . PHE A 37 ? 0.52142 0.49601 0.57188 -0.00656 -0.01664 0.03909  348 PHE A CB  
234 C CG  . PHE A 37 ? 0.58635 0.54681 0.60873 -0.00140 -0.02722 0.05412  348 PHE A CG  
235 C CD1 . PHE A 37 ? 0.62794 0.57326 0.62042 0.00083  -0.01950 0.05591  348 PHE A CD1 
236 C CD2 . PHE A 37 ? 0.62064 0.58719 0.64633 0.00134  -0.04484 0.06718  348 PHE A CD2 
237 C CE1 . PHE A 37 ? 0.63069 0.56627 0.59292 0.00613  -0.02628 0.07001  348 PHE A CE1 
238 C CE2 . PHE A 37 ? 0.68186 0.63999 0.67457 0.00617  -0.05482 0.08127  348 PHE A CE2 
239 C CZ  . PHE A 37 ? 0.64869 0.59085 0.60753 0.00873  -0.04408 0.08238  348 PHE A CZ  
240 N N   . LEU A 38 ? 0.42560 0.38676 0.41475 -0.01536 -0.00315 0.02337  349 LEU A N   
241 C CA  . LEU A 38 ? 0.42672 0.37512 0.38572 -0.01424 0.00045  0.02367  349 LEU A CA  
242 C C   . LEU A 38 ? 0.47977 0.42485 0.42191 -0.01922 -0.00403 0.02160  349 LEU A C   
243 O O   . LEU A 38 ? 0.50144 0.42923 0.41763 -0.01727 -0.00741 0.02293  349 LEU A O   
244 C CB  . LEU A 38 ? 0.42806 0.38429 0.39751 -0.01400 0.01365  0.01746  349 LEU A CB  
245 C CG  . LEU A 38 ? 0.50388 0.45154 0.45263 -0.01119 0.01906  0.01992  349 LEU A CG  
246 C CD1 . LEU A 38 ? 0.54730 0.47932 0.48479 -0.00464 0.02024  0.02998  349 LEU A CD1 
247 C CD2 . LEU A 38 ? 0.47038 0.43427 0.43562 -0.01402 0.02818  0.01165  349 LEU A CD2 
248 N N   . ARG A 39 ? 0.38430 0.34532 0.34288 -0.02544 -0.00268 0.01868  350 ARG A N   
249 C CA  . ARG A 39 ? 0.37749 0.33493 0.32716 -0.03067 -0.00499 0.02093  350 ARG A CA  
250 C C   . ARG A 39 ? 0.41451 0.35823 0.36076 -0.03484 -0.01883 0.02196  350 ARG A C   
251 O O   . ARG A 39 ? 0.42760 0.35515 0.36179 -0.03765 -0.02200 0.02186  350 ARG A O   
252 C CB  . ARG A 39 ? 0.40271 0.38528 0.37029 -0.03634 0.00249  0.02122  350 ARG A CB  
253 C CG  . ARG A 39 ? 0.37488 0.37364 0.33977 -0.03400 0.01335  0.01693  350 ARG A CG  
254 C CD  . ARG A 39 ? 0.36127 0.39096 0.34045 -0.03882 0.02169  0.01276  350 ARG A CD  
255 N NE  . ARG A 39 ? 0.36288 0.40165 0.34160 -0.04464 0.02234  0.02430  350 ARG A NE  
256 C CZ  . ARG A 39 ? 0.37902 0.44668 0.36696 -0.04925 0.03111  0.02493  350 ARG A CZ  
257 N NH1 . ARG A 39 ? 0.41681 0.50685 0.41287 -0.04835 0.04010  0.01005  350 ARG A NH1 
258 N NH2 . ARG A 39 ? 0.38986 0.46397 0.38051 -0.05498 0.03256  0.04044  350 ARG A NH2 
259 N N   . ARG A 40 ? 0.44452 0.39504 0.40494 -0.03551 -0.02801 0.02239  351 ARG A N   
260 C CA  . ARG A 40 ? 0.51597 0.45779 0.47288 -0.04061 -0.04520 0.02159  351 ARG A CA  
261 C C   . ARG A 40 ? 0.50319 0.42148 0.42205 -0.03592 -0.05169 0.01770  351 ARG A C   
262 O O   . ARG A 40 ? 0.55155 0.45779 0.45822 -0.04148 -0.06518 0.01118  351 ARG A O   
263 C CB  . ARG A 40 ? 0.48250 0.44308 0.46697 -0.04085 -0.05511 0.02578  351 ARG A CB  
264 C CG  . ARG A 40 ? 0.42961 0.41582 0.45485 -0.04520 -0.04713 0.02747  351 ARG A CG  
265 C CD  . ARG A 40 ? 0.50786 0.51254 0.56696 -0.04698 -0.06030 0.03209  351 ARG A CD  
266 N NE  . ARG A 40 ? 0.60890 0.62009 0.68093 -0.03590 -0.05911 0.03702  351 ARG A NE  
267 C CZ  . ARG A 40 ? 0.65639 0.65819 0.71107 -0.02941 -0.07167 0.04394  351 ARG A CZ  
268 N NH1 . ARG A 40 ? 0.74173 0.72944 0.76089 -0.03297 -0.08741 0.04279  351 ARG A NH1 
269 N NH2 . ARG A 40 ? 0.62523 0.63205 0.69905 -0.01892 -0.06748 0.05231  351 ARG A NH2 
270 N N   . LYS A 41 ? 0.50288 0.41559 0.40391 -0.02654 -0.04144 0.02009  352 LYS A N   
271 C CA  . LYS A 41 ? 0.51633 0.41045 0.37960 -0.02043 -0.04252 0.01758  352 LYS A CA  
272 C C   . LYS A 41 ? 0.54889 0.42512 0.39507 -0.01841 -0.03192 0.01091  352 LYS A C   
273 O O   . LYS A 41 ? 0.55073 0.41029 0.36529 -0.01314 -0.03056 0.00523  352 LYS A O   
274 C CB  . LYS A 41 ? 0.53910 0.43830 0.39802 -0.01123 -0.03493 0.02764  352 LYS A CB  
275 C CG  . LYS A 41 ? 0.60204 0.51390 0.47321 -0.00992 -0.04725 0.03766  352 LYS A CG  
276 C CD  . LYS A 41 ? 0.65961 0.57214 0.51920 -0.01620 -0.06894 0.03272  352 LYS A CD  
277 C CE  . LYS A 41 ? 0.95018 0.87353 0.80182 -0.01151 -0.08390 0.04564  352 LYS A CE  
278 N NZ  . LYS A 41 ? 0.90541 0.84599 0.80169 -0.00734 -0.08125 0.06015  352 LYS A NZ  
279 N N   . MET A 42 ? 0.47793 0.43766 0.50139 0.00934  0.07398  0.01126  353 MET A N   
280 C CA  . MET A 42 ? 0.41040 0.35379 0.42619 0.00867  0.07166  0.01982  353 MET A CA  
281 C C   . MET A 42 ? 0.43891 0.37702 0.47447 -0.00168 0.08160  0.02629  353 MET A C   
282 O O   . MET A 42 ? 0.45977 0.40700 0.50739 -0.00792 0.09308  0.02870  353 MET A O   
283 C CB  . MET A 42 ? 0.43584 0.37368 0.42325 0.01651  0.07488  0.03013  353 MET A CB  
284 C CG  . MET A 42 ? 0.44098 0.38190 0.40417 0.02458  0.06719  0.02259  353 MET A CG  
285 S SD  . MET A 42 ? 0.47730 0.41646 0.40472 0.03047  0.07368  0.03496  353 MET A SD  
286 C CE  . MET A 42 ? 0.49241 0.43080 0.39132 0.03607  0.05937  0.02189  353 MET A CE  
287 N N   . ASP A 43 ? 0.44797 0.37070 0.48781 -0.00378 0.07801  0.02908  354 ASP A N   
288 C CA  . ASP A 43 ? 0.51642 0.42701 0.57075 -0.01256 0.09000  0.03660  354 ASP A CA  
289 C C   . ASP A 43 ? 0.48670 0.38941 0.52681 -0.00669 0.10003  0.05466  354 ASP A C   
290 O O   . ASP A 43 ? 0.52595 0.43507 0.54345 0.00294  0.09700  0.05976  354 ASP A O   
291 C CB  . ASP A 43 ? 0.51497 0.40995 0.58053 -0.01648 0.08563  0.03221  354 ASP A CB  
292 C CG  . ASP A 43 ? 0.52932 0.41171 0.58159 -0.00498 0.07907  0.04137  354 ASP A CG  
293 O OD1 . ASP A 43 ? 0.52921 0.41203 0.56379 0.00403  0.07952  0.05444  354 ASP A OD1 
294 O OD2 . ASP A 43 ? 0.58552 0.45928 0.64558 -0.00536 0.07337  0.03596  354 ASP A OD2 
295 N N   . ALA A 44 ? 0.46983 0.35821 0.52255 -0.01324 0.11268  0.06456  355 ALA A N   
296 C CA  . ALA A 44 ? 0.49671 0.37957 0.53907 -0.00864 0.12424  0.08437  355 ALA A CA  
297 C C   . ALA A 44 ? 0.52049 0.39757 0.54224 0.00452  0.11698  0.09743  355 ALA A C   
298 O O   . ALA A 44 ? 0.56033 0.44123 0.56500 0.01062  0.12243  0.11335  355 ALA A O   
299 C CB  . ALA A 44 ? 0.57314 0.43858 0.63666 -0.01908 0.14002  0.09259  355 ALA A CB  
300 N N   . ASP A 45 ? 0.54968 0.42023 0.57292 0.00853  0.10488  0.09225  356 ASP A N   
301 C CA  . ASP A 45 ? 0.54153 0.41160 0.54790 0.02023  0.09565  0.10485  356 ASP A CA  
302 C C   . ASP A 45 ? 0.50386 0.39117 0.48628 0.02593  0.08032  0.09596  356 ASP A C   
303 O O   . ASP A 45 ? 0.50182 0.39275 0.46876 0.03369  0.07004  0.10466  356 ASP A O   
304 C CB  . ASP A 45 ? 0.60626 0.46130 0.62867 0.02215  0.09172  0.10548  356 ASP A CB  
305 C CG  . ASP A 45 ? 0.70685 0.53952 0.75113 0.01739  0.10879  0.11480  356 ASP A CG  
306 O OD1 . ASP A 45 ? 0.66511 0.49282 0.70673 0.02029  0.12009  0.13467  356 ASP A OD1 
307 O OD2 . ASP A 45 ? 0.79091 0.61032 0.85421 0.01027  0.11162  0.10222  356 ASP A OD2 
308 N N   . GLY A 46 ? 0.49421 0.39241 0.47429 0.02196  0.07910  0.07961  357 GLY A N   
309 C CA  . GLY A 46 ? 0.47619 0.38641 0.43507 0.02663  0.06713  0.06909  357 GLY A CA  
310 C C   . GLY A 46 ? 0.45950 0.37041 0.42630 0.02628  0.05261  0.05387  357 GLY A C   
311 O O   . GLY A 46 ? 0.44770 0.36593 0.39865 0.02944  0.04271  0.04443  357 GLY A O   
312 N N   . PHE A 47 ? 0.45215 0.35485 0.44236 0.02193  0.05210  0.05070  358 PHE A N   
313 C CA  . PHE A 47 ? 0.47757 0.38173 0.47558 0.02172  0.03896  0.03832  358 PHE A CA  
314 C C   . PHE A 47 ? 0.48087 0.39545 0.48713 0.01700  0.03720  0.02185  358 PHE A C   
315 O O   . PHE A 47 ? 0.47308 0.39178 0.49151 0.01063  0.04733  0.01918  358 PHE A O   
316 C CB  . PHE A 47 ? 0.43675 0.32841 0.45535 0.01871  0.04107  0.04023  358 PHE A CB  
317 C CG  . PHE A 47 ? 0.49539 0.37893 0.51020 0.02644  0.03855  0.05595  358 PHE A CG  
318 C CD1 . PHE A 47 ? 0.50641 0.39704 0.51177 0.03276  0.02348  0.05673  358 PHE A CD1 
319 C CD2 . PHE A 47 ? 0.57407 0.44375 0.59735 0.02726  0.05157  0.07116  358 PHE A CD2 
320 C CE1 . PHE A 47 ? 0.47618 0.36417 0.48106 0.04011  0.02046  0.07324  358 PHE A CE1 
321 C CE2 . PHE A 47 ? 0.58302 0.44746 0.60615 0.03606  0.04984  0.08844  358 PHE A CE2 
322 C CZ  . PHE A 47 ? 0.50881 0.38432 0.52313 0.04268  0.03378  0.08996  358 PHE A CZ  
323 N N   . LEU A 48 ? 0.45749 0.37753 0.45917 0.01995  0.02420  0.01230  359 LEU A N   
324 C CA  . LEU A 48 ? 0.45209 0.38208 0.46417 0.01736  0.02008  -0.00125 359 LEU A CA  
325 C C   . LEU A 48 ? 0.38551 0.31461 0.40880 0.01613  0.00871  -0.00694 359 LEU A C   
326 O O   . LEU A 48 ? 0.41605 0.33889 0.43265 0.02008  0.00122  -0.00194 359 LEU A O   
327 C CB  . LEU A 48 ? 0.50074 0.43624 0.49536 0.02307  0.01668  -0.00705 359 LEU A CB  
328 C CG  . LEU A 48 ? 0.57488 0.51306 0.55780 0.02475  0.02975  -0.00300 359 LEU A CG  
329 C CD1 . LEU A 48 ? 0.59896 0.53532 0.55357 0.03095  0.02664  -0.00609 359 LEU A CD1 
330 C CD2 . LEU A 48 ? 0.57217 0.52211 0.57434 0.02156  0.03834  -0.00841 359 LEU A CD2 
331 N N   . PRO A 49 ? 0.40558 0.34334 0.44645 0.01062  0.00732  -0.01593 360 PRO A N   
332 C CA  . PRO A 49 ? 0.41872 0.35787 0.46809 0.00986  -0.00347 -0.02138 360 PRO A CA  
333 C C   . PRO A 49 ? 0.39568 0.33725 0.43392 0.01653  -0.01516 -0.02437 360 PRO A C   
334 O O   . PRO A 49 ? 0.40416 0.35098 0.43690 0.01919  -0.01475 -0.02853 360 PRO A O   
335 C CB  . PRO A 49 ? 0.43262 0.38503 0.50086 0.00164  -0.00169 -0.02911 360 PRO A CB  
336 C CG  . PRO A 49 ? 0.42952 0.38640 0.50224 -0.00329 0.01053  -0.02683 360 PRO A CG  
337 C CD  . PRO A 49 ? 0.38193 0.33182 0.43638 0.00445  0.01535  -0.01987 360 PRO A CD  
338 N N   . ILE A 50 ? 0.41509 0.35218 0.45111 0.01902  -0.02461 -0.02222 361 ILE A N   
339 C CA  . ILE A 50 ? 0.40611 0.34533 0.43332 0.02294  -0.03640 -0.02569 361 ILE A CA  
340 C C   . ILE A 50 ? 0.38388 0.33229 0.42335 0.02138  -0.03964 -0.03451 361 ILE A C   
341 O O   . ILE A 50 ? 0.37689 0.32529 0.40930 0.02441  -0.04411 -0.03906 361 ILE A O   
342 C CB  . ILE A 50 ? 0.40391 0.34046 0.43096 0.02492  -0.04607 -0.02022 361 ILE A CB  
343 C CG1 . ILE A 50 ? 0.43394 0.36456 0.44771 0.02831  -0.04388 -0.00839 361 ILE A CG1 
344 C CG2 . ILE A 50 ? 0.43899 0.37898 0.46095 0.02621  -0.05901 -0.02493 361 ILE A CG2 
345 C CD1 . ILE A 50 ? 0.50443 0.43486 0.52372 0.03125  -0.05055 0.00093  361 ILE A CD1 
346 N N   . THR A 51 ? 0.38000 0.33650 0.43771 0.01625  -0.03690 -0.03681 362 THR A N   
347 C CA  . THR A 51 ? 0.37072 0.33992 0.44100 0.01538  -0.04025 -0.04201 362 THR A CA  
348 C C   . THR A 51 ? 0.38759 0.36249 0.45818 0.01769  -0.03276 -0.04346 362 THR A C   
349 O O   . THR A 51 ? 0.38194 0.36391 0.45987 0.02080  -0.03535 -0.04590 362 THR A O   
350 C CB  . THR A 51 ? 0.39160 0.37226 0.47919 0.00799  -0.04017 -0.04378 362 THR A CB  
351 O OG1 . THR A 51 ? 0.41390 0.39559 0.50553 0.00132  -0.02988 -0.04348 362 THR A OG1 
352 C CG2 . THR A 51 ? 0.40997 0.38561 0.49828 0.00753  -0.04686 -0.04320 362 THR A CG2 
353 N N   . LEU A 52 ? 0.36327 0.33529 0.42762 0.01702  -0.02238 -0.04082 363 LEU A N   
354 C CA  . LEU A 52 ? 0.35233 0.32934 0.41568 0.02087  -0.01375 -0.04151 363 LEU A CA  
355 C C   . LEU A 52 ? 0.35092 0.31614 0.39514 0.02852  -0.01586 -0.04510 363 LEU A C   
356 O O   . LEU A 52 ? 0.38631 0.35421 0.43449 0.03339  -0.01321 -0.04886 363 LEU A O   
357 C CB  . LEU A 52 ? 0.35769 0.33483 0.41864 0.01776  -0.00146 -0.03686 363 LEU A CB  
358 C CG  . LEU A 52 ? 0.42763 0.40918 0.48486 0.02305  0.00947  -0.03659 363 LEU A CG  
359 C CD1 . LEU A 52 ? 0.43925 0.44084 0.52034 0.02308  0.01199  -0.03720 363 LEU A CD1 
360 C CD2 . LEU A 52 ? 0.45017 0.42955 0.50094 0.02044  0.02147  -0.03045 363 LEU A CD2 
361 N N   . ILE A 53 ? 0.37285 0.32524 0.39665 0.02923  -0.02038 -0.04383 364 ILE A N   
362 C CA  . ILE A 53 ? 0.38959 0.33125 0.39219 0.03339  -0.02430 -0.04895 364 ILE A CA  
363 C C   . ILE A 53 ? 0.41425 0.35549 0.42629 0.03436  -0.03343 -0.05485 364 ILE A C   
364 O O   . ILE A 53 ? 0.41990 0.35415 0.42513 0.03797  -0.03152 -0.06181 364 ILE A O   
365 C CB  . ILE A 53 ? 0.40160 0.33553 0.38360 0.03215  -0.03084 -0.04417 364 ILE A CB  
366 C CG1 . ILE A 53 ? 0.45581 0.38953 0.42893 0.03191  -0.02074 -0.03572 364 ILE A CG1 
367 C CG2 . ILE A 53 ? 0.49932 0.42436 0.45763 0.03329  -0.03698 -0.05099 364 ILE A CG2 
368 C CD1 . ILE A 53 ? 0.53605 0.46916 0.49641 0.03486  -0.00800 -0.03863 364 ILE A CD1 
369 N N   . ALA A 54 ? 0.38405 0.33179 0.41234 0.03112  -0.04209 -0.05210 365 ALA A N   
370 C CA  . ALA A 54 ? 0.37526 0.32377 0.41377 0.03171  -0.05084 -0.05551 365 ALA A CA  
371 C C   . ALA A 54 ? 0.38806 0.34298 0.44208 0.03560  -0.04426 -0.05770 365 ALA A C   
372 O O   . ALA A 54 ? 0.39983 0.34967 0.45790 0.03825  -0.04786 -0.06114 365 ALA A O   
373 C CB  . ALA A 54 ? 0.35374 0.31088 0.40727 0.02764  -0.05898 -0.05113 365 ALA A CB  
374 N N   . SER A 55 ? 0.34197 0.30878 0.40691 0.03595  -0.03424 -0.05454 366 SER A N   
375 C CA  . SER A 55 ? 0.38616 0.36427 0.46997 0.04054  -0.02738 -0.05331 366 SER A CA  
376 C C   . SER A 55 ? 0.44427 0.41016 0.51718 0.04832  -0.01660 -0.05831 366 SER A C   
377 O O   . SER A 55 ? 0.40966 0.38178 0.49929 0.05464  -0.00984 -0.05681 366 SER A O   
378 C CB  . SER A 55 ? 0.42942 0.42891 0.53069 0.03642  -0.02129 -0.04724 366 SER A CB  
379 O OG  . SER A 55 ? 0.40003 0.39726 0.49196 0.03743  -0.00947 -0.04688 366 SER A OG  
380 N N   . PHE A 56 ? 0.35120 0.42848 0.52370 0.03162  -0.03965 -0.07515 367 PHE A N   
381 C CA  . PHE A 56 ? 0.34287 0.40564 0.53646 0.02978  -0.01416 -0.07703 367 PHE A CA  
382 C C   . PHE A 56 ? 0.37541 0.41519 0.54990 0.04448  -0.00949 -0.06093 367 PHE A C   
383 O O   . PHE A 56 ? 0.37974 0.39972 0.50943 0.04355  -0.01620 -0.04954 367 PHE A O   
384 C CB  . PHE A 56 ? 0.38385 0.40780 0.54690 0.00432  0.00926  -0.08341 367 PHE A CB  
385 C CG  . PHE A 56 ? 0.39746 0.42868 0.57690 -0.01269 0.01528  -0.09964 367 PHE A CG  
386 C CD1 . PHE A 56 ? 0.35056 0.42917 0.58381 -0.00906 0.00465  -0.11334 367 PHE A CD1 
387 C CD2 . PHE A 56 ? 0.43563 0.42247 0.57189 -0.03459 0.02988  -0.10039 367 PHE A CD2 
388 C CE1 . PHE A 56 ? 0.44729 0.52816 0.69457 -0.03037 0.01498  -0.13142 367 PHE A CE1 
389 C CE2 . PHE A 56 ? 0.44195 0.42214 0.58505 -0.05205 0.04077  -0.11423 367 PHE A CE2 
390 C CZ  . PHE A 56 ? 0.43732 0.46428 0.63755 -0.05162 0.03628  -0.13172 367 PHE A CZ  
391 N N   . HIS A 57 ? 0.33014 0.37071 0.54386 0.05732  0.00660  -0.06157 368 HIS A N   
392 C CA  . HIS A 57 ? 0.42144 0.43548 0.62171 0.07596  0.01193  -0.04553 368 HIS A CA  
393 C C   . HIS A 57 ? 0.42932 0.39180 0.56429 0.05636  0.02860  -0.04089 368 HIS A C   
394 O O   . HIS A 57 ? 0.42666 0.37065 0.52829 0.06303  0.02202  -0.02686 368 HIS A O   
395 C CB  . HIS A 57 ? 0.47481 0.48981 0.73488 0.09278  0.03613  -0.04974 368 HIS A CB  
396 C CG  . HIS A 57 ? 0.67279 0.73873 0.99874 0.12637  0.00759  -0.04114 368 HIS A CG  
397 N ND1 . HIS A 57 ? 0.73505 0.86011 1.09384 0.12574  -0.02628 -0.04785 368 HIS A ND1 
398 C CD2 . HIS A 57 ? 0.75803 0.82348 1.12221 0.16152  0.00445  -0.02518 368 HIS A CD2 
399 C CE1 . HIS A 57 ? 0.58873 0.75455 1.00311 0.15706  -0.05453 -0.03646 368 HIS A CE1 
400 N NE2 . HIS A 57 ? 0.80301 0.93347 1.22390 0.18256  -0.03762 -0.02022 368 HIS A NE2 
401 N N   . ARG A 58 ? 0.43187 0.36944 0.54399 0.02883  0.04911  -0.05261 369 ARG A N   
402 C CA  . ARG A 58 ? 0.46213 0.35610 0.51572 0.00684  0.05975  -0.04930 369 ARG A CA  
403 C C   . ARG A 58 ? 0.42064 0.32904 0.44629 -0.00003 0.03298  -0.04060 369 ARG A C   
404 O O   . ARG A 58 ? 0.47645 0.36326 0.46791 -0.01399 0.03561  -0.03595 369 ARG A O   
405 C CB  . ARG A 58 ? 0.46179 0.31983 0.48596 -0.02351 0.08444  -0.06263 369 ARG A CB  
406 C CG  . ARG A 58 ? 0.55453 0.38444 0.59987 -0.02198 0.12526  -0.07500 369 ARG A CG  
407 C CD  . ARG A 58 ? 0.68258 0.46287 0.67752 -0.05917 0.15518  -0.09002 369 ARG A CD  
408 N NE  . ARG A 58 ? 0.60934 0.34471 0.52958 -0.08695 0.15457  -0.08703 369 ARG A NE  
409 C CZ  . ARG A 58 ? 0.63542 0.32827 0.53329 -0.09292 0.18067  -0.09100 369 ARG A CZ  
410 N NH1 . ARG A 58 ? 0.68642 0.36768 0.63023 -0.06888 0.21351  -0.09609 369 ARG A NH1 
411 N NH2 . ARG A 58 ? 0.70904 0.37033 0.54091 -0.12373 0.17338  -0.09002 369 ARG A NH2 
412 N N   . VAL A 59 ? 0.38643 0.33031 0.43032 0.00743  0.01113  -0.04094 370 VAL A N   
413 C CA  . VAL A 59 ? 0.35912 0.31794 0.38885 0.00597  -0.00784 -0.03467 370 VAL A CA  
414 C C   . VAL A 59 ? 0.38728 0.35689 0.41647 0.02390  -0.01543 -0.02655 370 VAL A C   
415 O O   . VAL A 59 ? 0.35770 0.32102 0.36675 0.01883  -0.01433 -0.02063 370 VAL A O   
416 C CB  . VAL A 59 ? 0.34804 0.32572 0.39012 0.00408  -0.02041 -0.04066 370 VAL A CB  
417 C CG1 . VAL A 59 ? 0.35053 0.34371 0.38957 0.00792  -0.03375 -0.03615 370 VAL A CG1 
418 C CG2 . VAL A 59 ? 0.45935 0.41240 0.48377 -0.01583 -0.01355 -0.04373 370 VAL A CG2 
419 N N   . GLN A 60 ? 0.35425 0.34053 0.40421 0.04274  -0.02411 -0.02630 371 GLN A N   
420 C CA  . GLN A 60 ? 0.34828 0.33546 0.38101 0.05866  -0.03557 -0.01539 371 GLN A CA  
421 C C   . GLN A 60 ? 0.40187 0.35043 0.40775 0.06216  -0.01993 -0.00215 371 GLN A C   
422 O O   . GLN A 60 ? 0.44199 0.37467 0.41316 0.06557  -0.02115 0.00809  371 GLN A O   
423 C CB  . GLN A 60 ? 0.38762 0.40247 0.44810 0.07750  -0.05596 -0.01536 371 GLN A CB  
424 C CG  . GLN A 60 ? 0.52049 0.54237 0.54827 0.08413  -0.07788 -0.00972 371 GLN A CG  
425 C CD  . GLN A 60 ? 0.72073 0.76038 0.76207 0.10613  -0.10503 0.00019  371 GLN A CD  
426 O OE1 . GLN A 60 ? 0.80528 0.88548 0.89790 0.10952  -0.11988 -0.01012 371 GLN A OE1 
427 N NE2 . GLN A 60 ? 0.84479 0.85428 0.84113 0.12048  -0.11302 0.02119  371 GLN A NE2 
428 N N   . ALA A 61 ? 0.40065 0.32511 0.41572 0.05881  -0.00001 -0.00364 372 ALA A N   
429 C CA  . ALA A 61 ? 0.42116 0.29807 0.40569 0.05744  0.02094  0.00604  372 ALA A CA  
430 C C   . ALA A 61 ? 0.42357 0.28981 0.37403 0.03126  0.02838  0.00412  372 ALA A C   
431 O O   . ALA A 61 ? 0.47856 0.31385 0.39683 0.02945  0.03998  0.01341  372 ALA A O   
432 C CB  . ALA A 61 ? 0.44050 0.28715 0.43734 0.05281  0.04775  -0.00115 372 ALA A CB  
433 N N   . LEU A 62 ? 0.41895 0.31075 0.37935 0.01097  0.02172  -0.00704 373 LEU A N   
434 C CA  . LEU A 62 ? 0.41664 0.31306 0.36503 -0.01312 0.02439  -0.00979 373 LEU A CA  
435 C C   . LEU A 62 ? 0.38519 0.30508 0.33613 -0.00667 0.01760  -0.00702 373 LEU A C   
436 O O   . LEU A 62 ? 0.42777 0.33991 0.36629 -0.02045 0.03117  -0.00634 373 LEU A O   
437 C CB  . LEU A 62 ? 0.38382 0.29915 0.34392 -0.03258 0.01323  -0.01814 373 LEU A CB  
438 C CG  . LEU A 62 ? 0.40184 0.28328 0.34156 -0.04976 0.02568  -0.02434 373 LEU A CG  
439 C CD1 . LEU A 62 ? 0.45424 0.34962 0.39294 -0.06530 0.00803  -0.02817 373 LEU A CD1 
440 C CD2 . LEU A 62 ? 0.47636 0.32157 0.38479 -0.07450 0.04549  -0.02710 373 LEU A CD2 
441 N N   . THR A 63 ? 0.39946 0.34478 0.36480 0.00986  0.00168  -0.00857 374 THR A N   
442 C CA  . THR A 63 ? 0.38401 0.34331 0.34425 0.01248  0.00180  -0.01013 374 THR A CA  
443 C C   . THR A 63 ? 0.36276 0.33383 0.32061 0.02959  -0.01424 -0.01238 374 THR A C   
444 O O   . THR A 63 ? 0.40023 0.38494 0.37972 0.03613  -0.02757 -0.01641 374 THR A O   
445 C CB  . THR A 63 ? 0.36887 0.35896 0.36248 -0.00048 0.00214  -0.01844 374 THR A CB  
446 O OG1 . THR A 63 ? 0.37311 0.36972 0.36406 -0.00032 0.01536  -0.02269 374 THR A OG1 
447 C CG2 . THR A 63 ? 0.38220 0.39302 0.40276 0.00607  -0.01552 -0.02340 374 THR A CG2 
448 N N   . THR A 64 ? 0.39788 0.36098 0.32495 0.03197  -0.01038 -0.01206 375 THR A N   
449 C CA  . THR A 64 ? 0.42074 0.39584 0.33881 0.03870  -0.02438 -0.02013 375 THR A CA  
450 C C   . THR A 64 ? 0.39550 0.37864 0.31846 0.02950  -0.00826 -0.03409 375 THR A C   
451 O O   . THR A 64 ? 0.44278 0.42295 0.34271 0.02950  -0.01099 -0.04410 375 THR A O   
452 C CB  . THR A 64 ? 0.54106 0.49292 0.40605 0.04852  -0.03709 -0.00905 375 THR A CB  
453 O OG1 . THR A 64 ? 0.53443 0.44935 0.34670 0.04066  -0.01551 -0.00183 375 THR A OG1 
454 C CG2 . THR A 64 ? 0.57556 0.52335 0.45353 0.06477  -0.05232 0.00577  375 THR A CG2 
455 N N   . ASP A 65 ? 0.40578 0.40028 0.36243 0.02108  0.00843  -0.03622 376 ASP A N   
456 C CA  . ASP A 65 ? 0.39333 0.40140 0.37594 0.01672  0.02812  -0.04865 376 ASP A CA  
457 C C   . ASP A 65 ? 0.39627 0.42583 0.42467 0.02432  0.01563  -0.05517 376 ASP A C   
458 O O   . ASP A 65 ? 0.32634 0.37259 0.39176 0.02420  0.00379  -0.04854 376 ASP A O   
459 C CB  . ASP A 65 ? 0.37368 0.39368 0.38534 0.00466  0.04724  -0.04646 376 ASP A CB  
460 C CG  . ASP A 65 ? 0.40817 0.44977 0.46393 0.00228  0.07272  -0.05978 376 ASP A CG  
461 O OD1 . ASP A 65 ? 0.41239 0.46046 0.48858 0.01316  0.07384  -0.06958 376 ASP A OD1 
462 O OD2 . ASP A 65 ? 0.41278 0.46484 0.48931 -0.01138 0.09511  -0.06182 376 ASP A OD2 
463 N N   . ILE A 66 ? 0.45005 0.29838 0.39224 -0.03073 -0.05174 0.01570  377 ILE A N   
464 C CA  . ILE A 66 ? 0.46781 0.32108 0.41204 -0.02240 -0.05723 0.00903  377 ILE A CA  
465 C C   . ILE A 66 ? 0.49764 0.37576 0.44385 -0.00806 -0.03601 -0.00291 377 ILE A C   
466 O O   . ILE A 66 ? 0.42791 0.32485 0.39285 -0.00052 -0.03772 -0.00680 377 ILE A O   
467 C CB  . ILE A 66 ? 0.61435 0.41922 0.51111 -0.02519 -0.07793 0.01326  377 ILE A CB  
468 C CG1 . ILE A 66 ? 0.59831 0.40419 0.50635 -0.02120 -0.08603 0.01075  377 ILE A CG1 
469 C CG2 . ILE A 66 ? 0.62689 0.39871 0.45993 -0.01915 -0.06657 0.00783  377 ILE A CG2 
470 C CD1 . ILE A 66 ? 0.57022 0.40826 0.53510 -0.02860 -0.09343 0.01690  377 ILE A CD1 
471 N N   . SER A 67 ? 0.47770 0.35911 0.40807 -0.00406 -0.01555 -0.00732 378 SER A N   
472 C CA  . SER A 67 ? 0.47703 0.38984 0.42320 0.01142  0.00277  -0.01928 378 SER A CA  
473 C C   . SER A 67 ? 0.43293 0.39617 0.43675 0.01103  0.00430  -0.02447 378 SER A C   
474 O O   . SER A 67 ? 0.38564 0.37439 0.40650 0.02433  0.00446  -0.03195 378 SER A O   
475 C CB  . SER A 67 ? 0.54921 0.46252 0.47607 0.01422  0.02867  -0.02299 378 SER A CB  
476 O OG  . SER A 67 ? 0.65510 0.52872 0.52558 0.02501  0.03207  -0.02792 378 SER A OG  
477 N N   . LEU A 68 ? 0.36608 0.34035 0.39762 -0.00328 0.00300  -0.02132 379 LEU A N   
478 C CA  . LEU A 68 ? 0.29657 0.31232 0.37734 -0.00438 0.00169  -0.03086 379 LEU A CA  
479 C C   . LEU A 68 ? 0.36523 0.38659 0.44949 0.00043  -0.01257 -0.03212 379 LEU A C   
480 O O   . LEU A 68 ? 0.32196 0.37586 0.42521 0.00741  -0.01333 -0.04184 379 LEU A O   
481 C CB  . LEU A 68 ? 0.36004 0.37607 0.46894 -0.02019 0.00223  -0.02877 379 LEU A CB  
482 C CG  . LEU A 68 ? 0.40274 0.45657 0.56131 -0.02255 0.00097  -0.04421 379 LEU A CG  
483 C CD1 . LEU A 68 ? 0.39374 0.48583 0.57568 -0.01806 0.01155  -0.05583 379 LEU A CD1 
484 C CD2 . LEU A 68 ? 0.40482 0.44497 0.58985 -0.03737 -0.00146 -0.04156 379 LEU A CD2 
485 N N   . ILE A 69 ? 0.33210 0.32355 0.39833 -0.00454 -0.02427 -0.02158 380 ILE A N   
486 C CA  . ILE A 69 ? 0.31322 0.31248 0.38603 -0.00305 -0.03257 -0.01972 380 ILE A CA  
487 C C   . ILE A 69 ? 0.37675 0.37563 0.42658 0.00947  -0.03265 -0.01852 380 ILE A C   
488 O O   . ILE A 69 ? 0.36826 0.39155 0.42525 0.01489  -0.03256 -0.02100 380 ILE A O   
489 C CB  . ILE A 69 ? 0.35857 0.33027 0.42895 -0.01319 -0.04589 -0.00781 380 ILE A CB  
490 C CG1 . ILE A 69 ? 0.37735 0.35241 0.47956 -0.02173 -0.04912 -0.00840 380 ILE A CG1 
491 C CG2 . ILE A 69 ? 0.38817 0.36981 0.46703 -0.01392 -0.04927 -0.00288 380 ILE A CG2 
492 C CD1 . ILE A 69 ? 0.41032 0.36017 0.51748 -0.03030 -0.06749 0.00407  380 ILE A CD1 
493 N N   . PHE A 70 ? 0.38515 0.35336 0.40339 0.01567  -0.03313 -0.01527 381 PHE A N   
494 C CA  . PHE A 70 ? 0.34774 0.31028 0.34841 0.03120  -0.03451 -0.01486 381 PHE A CA  
495 C C   . PHE A 70 ? 0.40717 0.41284 0.43092 0.04389  -0.02803 -0.02492 381 PHE A C   
496 O O   . PHE A 70 ? 0.42669 0.44357 0.44829 0.05405  -0.03490 -0.02207 381 PHE A O   
497 C CB  . PHE A 70 ? 0.39152 0.31340 0.35700 0.03900  -0.03311 -0.01640 381 PHE A CB  
498 C CG  . PHE A 70 ? 0.41186 0.28386 0.34705 0.03180  -0.04844 -0.00757 381 PHE A CG  
499 C CD1 . PHE A 70 ? 0.50382 0.35465 0.43172 0.01464  -0.05815 -0.00251 381 PHE A CD1 
500 C CD2 . PHE A 70 ? 0.52808 0.37154 0.44474 0.04204  -0.05658 -0.00396 381 PHE A CD2 
501 C CE1 . PHE A 70 ? 0.52159 0.32796 0.42689 0.00595  -0.07696 0.00393  381 PHE A CE1 
502 C CE2 . PHE A 70 ? 0.57297 0.36730 0.46613 0.03230  -0.07288 0.00288  381 PHE A CE2 
503 C CZ  . PHE A 70 ? 0.52944 0.30751 0.41841 0.01338  -0.08366 0.00583  381 PHE A CZ  
504 N N   . ALA A 71 ? 0.32945 0.35877 0.37571 0.04225  -0.01671 -0.03507 382 ALA A N   
505 C CA  . ALA A 71 ? 0.34927 0.42334 0.42699 0.05246  -0.01382 -0.04629 382 ALA A CA  
506 C C   . ALA A 71 ? 0.35989 0.46332 0.45306 0.04928  -0.02441 -0.05057 382 ALA A C   
507 O O   . ALA A 71 ? 0.35524 0.48477 0.45540 0.06179  -0.03323 -0.05507 382 ALA A O   
508 C CB  . ALA A 71 ? 0.39343 0.48783 0.49972 0.04484  0.00200  -0.05443 382 ALA A CB  
509 N N   . ALA A 72 ? 0.31138 0.41030 0.40829 0.03423  -0.02453 -0.05023 383 ALA A N   
510 C CA  . ALA A 72 ? 0.39174 0.51678 0.49781 0.03187  -0.03005 -0.05873 383 ALA A CA  
511 C C   . ALA A 72 ? 0.39051 0.51283 0.46509 0.04134  -0.03779 -0.04869 383 ALA A C   
512 O O   . ALA A 72 ? 0.45483 0.60315 0.52478 0.04578  -0.04401 -0.05630 383 ALA A O   
513 C CB  . ALA A 72 ? 0.33577 0.45272 0.45481 0.01759  -0.02592 -0.06060 383 ALA A CB  
514 N N   . LEU A 73 ? 0.41436 0.50192 0.46337 0.04359  -0.03897 -0.03122 384 LEU A N   
515 C CA  . LEU A 73 ? 0.41678 0.49173 0.43528 0.04778  -0.04484 -0.01534 384 LEU A CA  
516 C C   . LEU A 73 ? 0.53061 0.59773 0.53236 0.06711  -0.05588 -0.00872 384 LEU A C   
517 O O   . LEU A 73 ? 0.57471 0.63004 0.54826 0.07189  -0.06344 0.00719  384 LEU A O   
518 C CB  . LEU A 73 ? 0.41943 0.45733 0.42765 0.03556  -0.04267 0.00054  384 LEU A CB  
519 C CG  . LEU A 73 ? 0.44595 0.49431 0.47875 0.01929  -0.03486 -0.00394 384 LEU A CG  
520 C CD1 . LEU A 73 ? 0.46484 0.48323 0.49544 0.00672  -0.03732 0.01283  384 LEU A CD1 
521 C CD2 . LEU A 73 ? 0.54174 0.62700 0.57939 0.01840  -0.02726 -0.01239 384 LEU A CD2 
522 N N   . LYS A 74 ? 0.53682 0.69082 0.64128 -0.02943 0.09239  -0.02111 385 LYS A N   
523 C CA  . LYS A 74 ? 0.54148 0.72662 0.68549 -0.01500 0.09162  -0.02865 385 LYS A CA  
524 C C   . LYS A 74 ? 0.48114 0.71136 0.65923 -0.00475 0.07114  -0.03137 385 LYS A C   
525 O O   . LYS A 74 ? 0.54302 0.79594 0.73352 -0.01709 0.06903  -0.04079 385 LYS A O   
526 C CB  . LYS A 74 ? 0.50636 0.70186 0.67260 -0.02569 0.11768  -0.04585 385 LYS A CB  
527 N N   . ASP A 75 ? 0.66993 0.91018 0.85988 0.01796  0.05573  -0.02302 386 ASP A N   
528 C CA  . ASP A 75 ? 0.64049 0.92138 0.85574 0.03283  0.03242  -0.02215 386 ASP A CA  
529 C C   . ASP A 75 ? 0.60113 0.87843 0.78797 0.02637  0.01678  -0.01439 386 ASP A C   
530 O O   . ASP A 75 ? 0.54566 0.86025 0.74882 0.02947  0.00005  -0.02004 386 ASP A O   
531 C CB  . ASP A 75 ? 0.66595 1.00167 0.93575 0.03070  0.03463  -0.04354 386 ASP A CB  
532 N N   . SER A 76 ? 0.51654 0.75119 0.66170 0.01772  0.02181  -0.00308 387 SER A N   
533 C CA  . SER A 76 ? 0.45680 0.68432 0.57467 0.01435  0.00949  0.00505  387 SER A CA  
534 C C   . SER A 76 ? 0.51094 0.74423 0.62106 0.03458  -0.00983 0.01986  387 SER A C   
535 O O   . SER A 76 ? 0.61832 0.83450 0.72619 0.04927  -0.01010 0.03154  387 SER A O   
536 C CB  . SER A 76 ? 0.47039 0.65380 0.55214 0.00394  0.01932  0.01385  387 SER A CB  
537 O OG  . SER A 76 ? 0.41416 0.59120 0.47333 0.00214  0.01001  0.02084  387 SER A OG  
538 N N   . LYS A 77 ? 0.48771 0.74156 0.59017 0.03476  -0.02479 0.01922  388 LYS A N   
539 C CA  . LYS A 77 ? 0.48903 0.74157 0.57166 0.05240  -0.04170 0.03606  388 LYS A CA  
540 C C   . LYS A 77 ? 0.54830 0.76073 0.59139 0.04825  -0.03631 0.05146  388 LYS A C   
541 O O   . LYS A 77 ? 0.57640 0.77813 0.59796 0.06084  -0.04479 0.06796  388 LYS A O   
542 C CB  . LYS A 77 ? 0.52754 0.82067 0.61331 0.05465  -0.06106 0.02786  388 LYS A CB  
543 N N   . VAL A 78 ? 0.39572 0.58603 0.42948 0.03156  -0.02209 0.04692  389 VAL A N   
544 C CA  . VAL A 78 ? 0.41449 0.57483 0.41927 0.02697  -0.01726 0.05805  389 VAL A CA  
545 C C   . VAL A 78 ? 0.44424 0.57303 0.44587 0.02775  -0.00749 0.06659  389 VAL A C   
546 O O   . VAL A 78 ? 0.45952 0.56783 0.44504 0.03115  -0.00677 0.07960  389 VAL A O   
547 C CB  . VAL A 78 ? 0.43779 0.59576 0.43490 0.01068  -0.01076 0.04733  389 VAL A CB  
548 C CG1 . VAL A 78 ? 0.44339 0.57557 0.41832 0.00779  -0.00539 0.05727  389 VAL A CG1 
549 C CG2 . VAL A 78 ? 0.43341 0.62084 0.43171 0.00756  -0.01993 0.03565  389 VAL A CG2 
550 N N   . VAL A 79 ? 0.42606 0.55047 0.44190 0.02303  0.00129  0.05802  390 VAL A N   
551 C CA  . VAL A 79 ? 0.42825 0.52346 0.43748 0.02116  0.00993  0.06206  390 VAL A CA  
552 C C   . VAL A 79 ? 0.43852 0.53414 0.46550 0.03023  0.01403  0.05877  390 VAL A C   
553 O O   . VAL A 79 ? 0.46950 0.59106 0.51929 0.03552  0.01273  0.05050  390 VAL A O   
554 C CB  . VAL A 79 ? 0.45102 0.53203 0.45021 0.00691  0.01828  0.05550  390 VAL A CB  
555 C CG1 . VAL A 79 ? 0.43819 0.51928 0.42503 0.00089  0.01511  0.05759  390 VAL A CG1 
556 C CG2 . VAL A 79 ? 0.43368 0.52551 0.44516 0.00035  0.02654  0.04244  390 VAL A CG2 
557 N N   . GLU A 80 ? 0.44756 0.51541 0.46678 0.03189  0.01945  0.06361  391 GLU A N   
558 C CA  . GLU A 80 ? 0.45890 0.51832 0.49177 0.04041  0.02649  0.05947  391 GLU A CA  
559 C C   . GLU A 80 ? 0.45048 0.48722 0.47079 0.02806  0.03816  0.05059  391 GLU A C   
560 O O   . GLU A 80 ? 0.46801 0.48522 0.46870 0.01928  0.03688  0.05438  391 GLU A O   
561 C CB  . GLU A 80 ? 0.46895 0.50901 0.49983 0.05408  0.02316  0.07271  391 GLU A CB  
562 C CG  . GLU A 80 ? 0.52336 0.54682 0.56773 0.06389  0.03245  0.06783  391 GLU A CG  
563 C CD  . GLU A 80 ? 0.60021 0.59129 0.63719 0.07386  0.03278  0.08145  391 GLU A CD  
564 O OE1 . GLU A 80 ? 0.57775 0.55782 0.59676 0.06971  0.02799  0.09445  391 GLU A OE1 
565 O OE2 . GLU A 80 ? 0.72435 0.69865 0.77386 0.08539  0.04028  0.07861  391 GLU A OE2 
566 N N   . ILE A 81 ? 0.41030 0.45161 0.44170 0.02734  0.04942  0.03799  392 ILE A N   
567 C CA  . ILE A 81 ? 0.47695 0.49466 0.48994 0.01677  0.06141  0.02886  392 ILE A CA  
568 C C   . ILE A 81 ? 0.42493 0.42378 0.44441 0.02542  0.06929  0.02430  392 ILE A C   
569 O O   . ILE A 81 ? 0.44450 0.45625 0.49131 0.03914  0.07374  0.02070  392 ILE A O   
570 C CB  . ILE A 81 ? 0.46178 0.49033 0.47528 0.00722  0.07408  0.01697  392 ILE A CB  
571 C CG1 . ILE A 81 ? 0.47622 0.51390 0.47980 -0.00300 0.06895  0.02064  392 ILE A CG1 
572 C CG2 . ILE A 81 ? 0.45980 0.46135 0.44803 -0.00160 0.08794  0.00768  392 ILE A CG2 
573 C CD1 . ILE A 81 ? 0.55412 0.60123 0.56216 -0.01332 0.08424  0.00962  392 ILE A CD1 
574 N N   . VAL A 82 ? 0.44062 0.40992 0.43731 0.01774  0.07079  0.02277  393 VAL A N   
575 C CA  . VAL A 82 ? 0.48855 0.43317 0.48485 0.02082  0.08192  0.01307  393 VAL A CA  
576 C C   . VAL A 82 ? 0.50592 0.43348 0.47047 0.00492  0.08897  0.00052  393 VAL A C   
577 O O   . VAL A 82 ? 0.48652 0.40411 0.42790 -0.00599 0.07903  0.00349  393 VAL A O   
578 C CB  . VAL A 82 ? 0.51456 0.43572 0.51207 0.02540  0.07683  0.02144  393 VAL A CB  
579 C CG1 . VAL A 82 ? 0.58730 0.47786 0.58280 0.02621  0.09022  0.00824  393 VAL A CG1 
580 C CG2 . VAL A 82 ? 0.55066 0.48439 0.57073 0.04308  0.06961  0.03676  393 VAL A CG2 
581 N N   . ASP A 83 ? 0.50402 0.42993 0.46710 0.00418  0.10592  -0.01374 394 ASP A N   
582 C CA  . ASP A 83 ? 0.53011 0.43828 0.45520 -0.01023 0.11451  -0.02544 394 ASP A CA  
583 C C   . ASP A 83 ? 0.51956 0.43246 0.41774 -0.02109 0.10327  -0.01637 394 ASP A C   
584 O O   . ASP A 83 ? 0.51083 0.44227 0.41770 -0.02142 0.10583  -0.01145 394 ASP A O   
585 C CB  . ASP A 83 ? 0.59355 0.47129 0.49962 -0.01503 0.11454  -0.03513 394 ASP A CB  
586 C CG  . ASP A 83 ? 0.65259 0.51730 0.57788 -0.00539 0.13260  -0.04871 394 ASP A CG  
587 O OD1 . ASP A 83 ? 0.60822 0.48553 0.54811 0.00032  0.14961  -0.05677 394 ASP A OD1 
588 O OD2 . ASP A 83 ? 0.66298 0.50512 0.59266 -0.00324 0.13117  -0.05173 394 ASP A OD2 
589 N N   . GLU A 84 ? 0.53174 0.42868 0.40010 -0.02952 0.09062  -0.01506 395 GLU A N   
590 C CA  . GLU A 84 ? 0.52887 0.42753 0.37124 -0.03634 0.07885  -0.00605 395 GLU A CA  
591 C C   . GLU A 84 ? 0.49567 0.41009 0.35742 -0.03264 0.06108  0.00810  395 GLU A C   
592 O O   . GLU A 84 ? 0.49369 0.40945 0.33882 -0.03575 0.05018  0.01565  395 GLU A O   
593 C CB  . GLU A 84 ? 0.68400 0.56148 0.48271 -0.04561 0.07198  -0.01310 395 GLU A CB  
594 C CG  . GLU A 84 ? 0.80545 0.67623 0.56531 -0.05024 0.06736  -0.00564 395 GLU A CG  
595 C CD  . GLU A 84 ? 0.93607 0.81362 0.69240 -0.04906 0.04219  0.00498  395 GLU A CD  
596 O OE1 . GLU A 84 ? 0.89091 0.76733 0.64437 -0.05216 0.02834  -0.00162 395 GLU A OE1 
597 O OE2 . GLU A 84 ? 0.81713 0.70213 0.57706 -0.04541 0.03714  0.01800  395 GLU A OE2 
598 N N   . LYS A 85 ? 0.47496 0.39922 0.36918 -0.02507 0.05904  0.01236  396 LYS A N   
599 C CA  . LYS A 85 ? 0.45131 0.38696 0.35973 -0.02312 0.04508  0.02420  396 LYS A CA  
600 C C   . LYS A 85 ? 0.43618 0.39259 0.36912 -0.01439 0.04596  0.03297  396 LYS A C   
601 O O   . LYS A 85 ? 0.46452 0.42847 0.41322 -0.00748 0.05503  0.02961  396 LYS A O   
602 C CB  . LYS A 85 ? 0.49363 0.41777 0.41136 -0.02434 0.04166  0.02278  396 LYS A CB  
603 C CG  . LYS A 85 ? 0.53831 0.44710 0.43477 -0.03538 0.03668  0.01148  396 LYS A CG  
604 N N   . VAL A 86 ? 0.41579 0.38390 0.35321 -0.01436 0.03588  0.04269  397 VAL A N   
605 C CA  . VAL A 86 ? 0.41855 0.40680 0.37320 -0.00771 0.03426  0.04966  397 VAL A CA  
606 C C   . VAL A 86 ? 0.42894 0.42007 0.38956 -0.00607 0.02647  0.05949  397 VAL A C   
607 O O   . VAL A 86 ? 0.46850 0.45300 0.42309 -0.01235 0.02171  0.06026  397 VAL A O   
608 C CB  . VAL A 86 ? 0.41716 0.41568 0.36587 -0.01196 0.03507  0.04858  397 VAL A CB  
609 C CG1 . VAL A 86 ? 0.42314 0.41370 0.35540 -0.01725 0.02754  0.05237  397 VAL A CG1 
610 C CG2 . VAL A 86 ? 0.47011 0.49182 0.43676 -0.00698 0.03280  0.05145  397 VAL A CG2 
611 N N   . ARG A 87 ? 0.43613 0.43851 0.40858 0.00245  0.02538  0.06654  398 ARG A N   
612 C CA  . ARG A 87 ? 0.37538 0.37868 0.34833 0.00368  0.02157  0.07705  398 ARG A CA  
613 C C   . ARG A 87 ? 0.44170 0.46439 0.41792 0.01182  0.01772  0.08277  398 ARG A C   
614 O O   . ARG A 87 ? 0.45579 0.49270 0.44044 0.01770  0.01676  0.07821  398 ARG A O   
615 C CB  . ARG A 87 ? 0.40094 0.38274 0.37581 0.00537  0.02560  0.08205  398 ARG A CB  
616 C CG  . ARG A 87 ? 0.46482 0.44058 0.44678 0.01913  0.02837  0.08592  398 ARG A CG  
617 C CD  . ARG A 87 ? 0.47615 0.42318 0.45689 0.02074  0.03414  0.09387  398 ARG A CD  
618 N NE  . ARG A 87 ? 0.50240 0.43887 0.48981 0.03784  0.03629  0.10002  398 ARG A NE  
619 C CZ  . ARG A 87 ? 0.56967 0.47362 0.55589 0.04248  0.04352  0.10749  398 ARG A CZ  
620 N NH1 . ARG A 87 ? 0.55361 0.43401 0.53379 0.02815  0.05057  0.10818  398 ARG A NH1 
621 N NH2 . ARG A 87 ? 0.56400 0.45880 0.55782 0.06215  0.04413  0.11391  398 ARG A NH2 
622 N N   . ARG A 88 ? 0.36055 0.40232 0.47088 -0.01865 0.01459  0.00930  399 ARG A N   
623 C CA  . ARG A 88 ? 0.35066 0.44458 0.47103 -0.00874 -0.00229 0.01161  399 ARG A CA  
624 C C   . ARG A 88 ? 0.34036 0.45580 0.49221 0.00245  0.00052  0.03779  399 ARG A C   
625 O O   . ARG A 88 ? 0.36942 0.46925 0.52800 0.00709  0.01216  0.05949  399 ARG A O   
626 C CB  . ARG A 88 ? 0.34898 0.47064 0.43923 -0.00262 -0.01364 0.01206  399 ARG A CB  
627 C CG  . ARG A 88 ? 0.35541 0.54033 0.44637 0.00733  -0.03245 0.01138  399 ARG A CG  
628 C CD  . ARG A 88 ? 0.38894 0.60189 0.44543 0.01143  -0.04021 0.00362  399 ARG A CD  
629 N NE  . ARG A 88 ? 0.39784 0.67957 0.44739 0.02180  -0.05698 0.00598  399 ARG A NE  
630 C CZ  . ARG A 88 ? 0.47414 0.79061 0.52829 0.02013  -0.07398 -0.02442 399 ARG A CZ  
631 N NH1 . ARG A 88 ? 0.47735 0.76354 0.54842 0.00856  -0.07539 -0.05759 399 ARG A NH1 
632 N NH2 . ARG A 88 ? 0.46320 0.84892 0.50697 0.02979  -0.09043 -0.02077 399 ARG A NH2 
633 N N   . ARG A 89 ? 0.34677 0.49875 0.52506 0.00676  -0.01096 0.03588  400 ARG A N   
634 C CA  . ARG A 89 ? 0.36654 0.54255 0.58334 0.01871  -0.01044 0.06336  400 ARG A CA  
635 C C   . ARG A 89 ? 0.39694 0.60851 0.60330 0.03241  -0.01861 0.09537  400 ARG A C   
636 O O   . ARG A 89 ? 0.40066 0.60564 0.63442 0.04081  -0.00867 0.12616  400 ARG A O   
637 C CB  . ARG A 89 ? 0.39262 0.60808 0.64169 0.02053  -0.02501 0.05477  400 ARG A CB  
638 C CG  . ARG A 89 ? 0.47660 0.66446 0.74855 0.00768  -0.01515 0.02987  400 ARG A CG  
639 C CD  . ARG A 89 ? 0.46411 0.68610 0.79001 0.01302  -0.02156 0.03503  400 ARG A CD  
640 N NE  . ARG A 89 ? 0.47891 0.66475 0.83926 0.00639  0.00267  0.03058  400 ARG A NE  
641 C CZ  . ARG A 89 ? 0.51423 0.69955 0.91907 0.01540  0.01539  0.04933  400 ARG A CZ  
642 N NH1 . ARG A 89 ? 0.56654 0.78329 0.99175 0.03180  0.00493  0.07938  400 ARG A NH1 
643 N NH2 . ARG A 89 ? 0.65548 0.80976 1.08752 0.00812  0.04029  0.03877  400 ARG A NH2 
644 N N   . GLU A 90 ? 0.37852 0.63079 0.54965 0.03498  -0.03569 0.08900  401 GLU A N   
645 C CA  . GLU A 90 ? 0.39578 0.69665 0.55400 0.04824  -0.04461 0.12182  401 GLU A CA  
646 C C   . GLU A 90 ? 0.40665 0.68213 0.53682 0.04678  -0.03142 0.13239  401 GLU A C   
647 O O   . GLU A 90 ? 0.36717 0.62624 0.46435 0.03836  -0.03047 0.10464  401 GLU A O   
648 C CB  . GLU A 90 ? 0.41741 0.78537 0.55022 0.05190  -0.06912 0.10648  401 GLU A CB  
649 C CG  . GLU A 90 ? 0.50704 0.92234 0.60108 0.06078  -0.07473 0.12692  401 GLU A CG  
650 C CD  . GLU A 90 ? 0.49409 0.97664 0.55763 0.06252  -0.09762 0.10024  401 GLU A CD  
651 O OE1 . GLU A 90 ? 0.65911 1.19242 0.73908 0.06834  -0.11664 0.10506  401 GLU A OE1 
652 O OE2 . GLU A 90 ? 0.60940 1.09580 0.63612 0.05802  -0.09704 0.07174  401 GLU A OE2 
653 N N   . GLU A 91 ? 0.39204 0.66469 0.54305 0.05505  -0.02138 0.17339  402 GLU A N   
654 C CA  . GLU A 91 ? 0.43957 0.69327 0.57614 0.05437  -0.00844 0.19054  402 GLU A CA  
655 C C   . GLU A 91 ? 0.39173 0.58900 0.50786 0.03992  0.00252  0.15622  402 GLU A C   
656 O O   . GLU A 91 ? 0.42188 0.62496 0.50413 0.03706  0.00171  0.14673  402 GLU A O   
657 C CB  . GLU A 91 ? 0.49702 0.81209 0.59792 0.06247  -0.01854 0.20821  402 GLU A CB  
658 C CG  . GLU A 91 ? 0.59245 0.97874 0.69740 0.07536  -0.03665 0.23339  402 GLU A CG  
659 C CD  . GLU A 91 ? 0.61423 1.06699 0.67604 0.08267  -0.04423 0.25028  402 GLU A CD  
660 O OE1 . GLU A 91 ? 0.76342 1.22320 0.83011 0.08818  -0.03268 0.29294  402 GLU A OE1 
661 O OE2 . GLU A 91 ? 0.76097 1.26069 0.78652 0.08239  -0.06058 0.21964  402 GLU A OE2 
662 N N   . PRO A 92 ? 0.37755 0.52361 0.51452 0.03109  0.01325  0.13871  403 PRO A N   
663 C CA  . PRO A 92 ? 0.41257 0.51174 0.52648 0.01725  0.02066  0.10892  403 PRO A CA  
664 C C   . PRO A 92 ? 0.38493 0.46248 0.49248 0.01483  0.03072  0.12089  403 PRO A C   
665 O O   . PRO A 92 ? 0.43216 0.49030 0.51268 0.00622  0.03048  0.10070  403 PRO A O   
666 C CB  . PRO A 92 ? 0.40787 0.46656 0.54675 0.00970  0.03200  0.09455  403 PRO A CB  
667 C CG  . PRO A 92 ? 0.40264 0.47529 0.58800 0.02052  0.03651  0.12113  403 PRO A CG  
668 C CD  . PRO A 92 ? 0.37427 0.50697 0.55697 0.03362  0.01978  0.14568  403 PRO A CD  
669 N N   . GLU A 93 ? 0.39412 0.47471 0.53290 0.02208  0.03925  0.15457  404 GLU A N   
670 C CA  . GLU A 93 ? 0.46079 0.51577 0.60710 0.01786  0.05068  0.16538  404 GLU A CA  
671 C C   . GLU A 93 ? 0.41954 0.50393 0.53484 0.01970  0.04598  0.17306  404 GLU A C   
672 O O   . GLU A 93 ? 0.43816 0.50109 0.55732 0.01390  0.05421  0.17587  404 GLU A O   
673 C CB  . GLU A 93 ? 0.45685 0.50696 0.65753 0.02518  0.06191  0.20110  404 GLU A CB  
674 N N   . LYS A 94 ? 0.42356 0.55915 0.51086 0.02727  0.03358  0.17399  405 LYS A N   
675 C CA  . LYS A 94 ? 0.41613 0.58484 0.47436 0.02969  0.03216  0.17794  405 LYS A CA  
676 C C   . LYS A 94 ? 0.37817 0.52507 0.40830 0.02008  0.02901  0.13819  405 LYS A C   
677 O O   . LYS A 94 ? 0.41426 0.57842 0.42854 0.02067  0.03157  0.13807  405 LYS A O   
678 C CB  . LYS A 94 ? 0.51311 0.75216 0.55024 0.04164  0.02059  0.19074  405 LYS A CB  
679 C CG  . LYS A 94 ? 0.50270 0.76362 0.50701 0.03998  0.00586  0.14862  405 LYS A CG  
680 C CD  . LYS A 94 ? 0.53149 0.86782 0.51663 0.05139  -0.00730 0.15895  405 LYS A CD  
681 N N   . TRP A 95 ? 0.37302 0.48353 0.40136 0.01153  0.02488  0.10796  406 TRP A N   
682 C CA  . TRP A 95 ? 0.39749 0.49139 0.40428 0.00374  0.01911  0.07386  406 TRP A CA  
683 C C   . TRP A 95 ? 0.39770 0.44226 0.40753 -0.00757 0.02525  0.06526  406 TRP A C   
684 O O   . TRP A 95 ? 0.37047 0.41012 0.36663 -0.01132 0.02055  0.04671  406 TRP A O   
685 C CB  . TRP A 95 ? 0.42130 0.51126 0.42546 0.00059  0.00939  0.04830  406 TRP A CB  
686 C CG  . TRP A 95 ? 0.38340 0.52776 0.38153 0.01010  -0.00153 0.04665  406 TRP A CG  
687 C CD1 . TRP A 95 ? 0.38492 0.54958 0.39808 0.01501  -0.00646 0.05641  406 TRP A CD1 
688 C CD2 . TRP A 95 ? 0.40819 0.59911 0.38468 0.01599  -0.00959 0.03243  406 TRP A CD2 
689 N NE1 . TRP A 95 ? 0.43437 0.65725 0.43392 0.02291  -0.01973 0.04961  406 TRP A NE1 
690 C CE2 . TRP A 95 ? 0.39554 0.63596 0.37056 0.02347  -0.02101 0.03273  406 TRP A CE2 
691 C CE3 . TRP A 95 ? 0.37170 0.56981 0.33245 0.01579  -0.00814 0.01679  406 TRP A CE3 
692 C CZ2 . TRP A 95 ? 0.44579 0.74459 0.39877 0.02993  -0.03117 0.01517  406 TRP A CZ2 
693 C CZ3 . TRP A 95 ? 0.37818 0.63171 0.32069 0.02299  -0.01544 -0.00110 406 TRP A CZ3 
694 C CH2 . TRP A 95 ? 0.43366 0.73780 0.36978 0.02955  -0.02700 -0.00338 406 TRP A CH2 
695 N N   . PRO A 96 ? 0.38629 0.39576 0.41579 -0.01334 0.03450  0.07513  407 PRO A N   
696 C CA  . PRO A 96 ? 0.40104 0.37013 0.42827 -0.02531 0.03672  0.06185  407 PRO A CA  
697 C C   . PRO A 96 ? 0.36782 0.34610 0.39432 -0.02528 0.03719  0.06796  407 PRO A C   
698 O O   . PRO A 96 ? 0.39619 0.40423 0.43269 -0.01741 0.04264  0.09048  407 PRO A O   
699 C CB  . PRO A 96 ? 0.40009 0.34031 0.45308 -0.02980 0.04786  0.06967  407 PRO A CB  
700 C CG  . PRO A 96 ? 0.37445 0.32824 0.43905 -0.02258 0.04938  0.07636  407 PRO A CG  
701 C CD  . PRO A 96 ? 0.41588 0.41848 0.47192 -0.01048 0.04170  0.09063  407 PRO A CD  
702 N N   . LEU A 97 ? 0.38620 0.34184 0.40277 -0.03410 0.03156  0.05016  408 LEU A N   
703 C CA  . LEU A 97 ? 0.37870 0.33957 0.40018 -0.03558 0.03101  0.05237  408 LEU A CA  
704 C C   . LEU A 97 ? 0.46964 0.39387 0.49880 -0.04854 0.02954  0.04516  408 LEU A C   
705 O O   . LEU A 97 ? 0.45080 0.34791 0.46893 -0.05673 0.02619  0.03176  408 LEU A O   
706 C CB  . LEU A 97 ? 0.37242 0.35051 0.37877 -0.03188 0.02164  0.03512  408 LEU A CB  
707 C CG  . LEU A 97 ? 0.41288 0.43731 0.41077 -0.01939 0.02250  0.03575  408 LEU A CG  
708 C CD1 . LEU A 97 ? 0.38214 0.41511 0.37210 -0.01732 0.01282  0.00824  408 LEU A CD1 
709 C CD2 . LEU A 97 ? 0.40346 0.46214 0.41037 -0.01261 0.03328  0.05887  408 LEU A CD2 
710 N N   . PRO A 98 ? 0.42565 0.35239 0.47332 -0.05134 0.03171  0.05279  409 PRO A N   
711 C CA  . PRO A 98 ? 0.45511 0.35287 0.51003 -0.06466 0.02633  0.04192  409 PRO A CA  
712 C C   . PRO A 98 ? 0.45358 0.33867 0.48305 -0.07003 0.01166  0.02357  409 PRO A C   
713 O O   . PRO A 98 ? 0.47953 0.38021 0.50051 -0.06325 0.00559  0.02006  409 PRO A O   
714 C CB  . PRO A 98 ? 0.44664 0.35993 0.52956 -0.06465 0.02939  0.05375  409 PRO A CB  
715 C CG  . PRO A 98 ? 0.43241 0.37661 0.52892 -0.05282 0.04348  0.07896  409 PRO A CG  
716 C CD  . PRO A 98 ? 0.41711 0.37725 0.48242 -0.04324 0.04016  0.07319  409 PRO A CD  
717 N N   . PRO A 99 ? 0.45372 0.31268 0.47233 -0.08209 0.00611  0.01167  410 PRO A N   
718 C CA  . PRO A 99 ? 0.53600 0.38425 0.52870 -0.08737 -0.00707 0.00125  410 PRO A CA  
719 C C   . PRO A 99 ? 0.56141 0.41809 0.56068 -0.08678 -0.02109 0.00175  410 PRO A C   
720 O O   . PRO A 99 ? 0.55431 0.42102 0.57642 -0.08676 -0.02197 0.00581  410 PRO A O   
721 C CB  . PRO A 99 ? 0.56673 0.39336 0.54600 -0.10124 -0.00799 -0.00963 410 PRO A CB  
722 C CG  . PRO A 99 ? 0.58084 0.40451 0.58776 -0.10409 0.00176  -0.00996 410 PRO A CG  
723 C CD  . PRO A 99 ? 0.57440 0.41487 0.60476 -0.09091 0.01374  0.00703  410 PRO A CD  
724 O OXT . PRO A 99 ? 0.62706 0.48093 0.61520 -0.08609 -0.03128 -0.00080 410 PRO A OXT 
# 
loop_
_pdbx_poly_seq_scheme.asym_id 
_pdbx_poly_seq_scheme.entity_id 
_pdbx_poly_seq_scheme.seq_id 
_pdbx_poly_seq_scheme.mon_id 
_pdbx_poly_seq_scheme.ndb_seq_num 
_pdbx_poly_seq_scheme.pdb_seq_num 
_pdbx_poly_seq_scheme.auth_seq_num 
_pdbx_poly_seq_scheme.pdb_mon_id 
_pdbx_poly_seq_scheme.auth_mon_id 
_pdbx_poly_seq_scheme.pdb_strand_id 
_pdbx_poly_seq_scheme.pdb_ins_code 
_pdbx_poly_seq_scheme.hetero 
A 1 1  MET 1  312 ?   ?   ?   A . n 
A 1 2  GLY 2  313 ?   ?   ?   A . n 
A 1 3  SER 3  314 ?   ?   ?   A . n 
A 1 4  SER 4  315 ?   ?   ?   A . n 
A 1 5  HIS 5  316 ?   ?   ?   A . n 
A 1 6  HIS 6  317 ?   ?   ?   A . n 
A 1 7  HIS 7  318 ?   ?   ?   A . n 
A 1 8  HIS 8  319 ?   ?   ?   A . n 
A 1 9  HIS 9  320 ?   ?   ?   A . n 
A 1 10 HIS 10 321 ?   ?   ?   A . n 
A 1 11 SER 11 322 322 SER SER A . n 
A 1 12 GLN 12 323 323 GLN GLN A . n 
A 1 13 GLU 13 324 324 GLU GLU A . n 
A 1 14 LEU 14 325 325 LEU LEU A . n 
A 1 15 LEU 15 326 326 LEU LEU A . n 
A 1 16 LYS 16 327 327 LYS LYS A . n 
A 1 17 ASP 17 328 328 ASP ASP A . n 
A 1 18 TYR 18 329 329 TYR TYR A . n 
A 1 19 ILE 19 330 330 ILE ILE A . n 
A 1 20 LYS 20 331 331 LYS LYS A . n 
A 1 21 ARG 21 332 332 ARG ARG A . n 
A 1 22 GLN 22 333 333 GLN GLN A . n 
A 1 23 ILE 23 334 334 ILE ILE A . n 
A 1 24 GLU 24 335 335 GLU GLU A . n 
A 1 25 TYR 25 336 336 TYR TYR A . n 
A 1 26 TYR 26 337 337 TYR TYR A . n 
A 1 27 PHE 27 338 338 PHE PHE A . n 
A 1 28 SER 28 339 339 SER SER A . n 
A 1 29 VAL 29 340 340 VAL VAL A . n 
A 1 30 ASP 30 341 341 ASP ASP A . n 
A 1 31 ASN 31 342 342 ASN ASN A . n 
A 1 32 LEU 32 343 343 LEU LEU A . n 
A 1 33 GLU 33 344 344 GLU GLU A . n 
A 1 34 ARG 34 345 345 ARG ARG A . n 
A 1 35 ASP 35 346 346 ASP ASP A . n 
A 1 36 PHE 36 347 347 PHE PHE A . n 
A 1 37 PHE 37 348 348 PHE PHE A . n 
A 1 38 LEU 38 349 349 LEU LEU A . n 
A 1 39 ARG 39 350 350 ARG ARG A . n 
A 1 40 ARG 40 351 351 ARG ARG A . n 
A 1 41 LYS 41 352 352 LYS LYS A . n 
A 1 42 MET 42 353 353 MET MET A . n 
A 1 43 ASP 43 354 354 ASP ASP A . n 
A 1 44 ALA 44 355 355 ALA ALA A . n 
A 1 45 ASP 45 356 356 ASP ASP A . n 
A 1 46 GLY 46 357 357 GLY GLY A . n 
A 1 47 PHE 47 358 358 PHE PHE A . n 
A 1 48 LEU 48 359 359 LEU LEU A . n 
A 1 49 PRO 49 360 360 PRO PRO A . n 
A 1 50 ILE 50 361 361 ILE ILE A . n 
A 1 51 THR 51 362 362 THR THR A . n 
A 1 52 LEU 52 363 363 LEU LEU A . n 
A 1 53 ILE 53 364 364 ILE ILE A . n 
A 1 54 ALA 54 365 365 ALA ALA A . n 
A 1 55 SER 55 366 366 SER SER A . n 
A 1 56 PHE 56 367 367 PHE PHE A . n 
A 1 57 HIS 57 368 368 HIS HIS A . n 
A 1 58 ARG 58 369 369 ARG ARG A . n 
A 1 59 VAL 59 370 370 VAL VAL A . n 
A 1 60 GLN 60 371 371 GLN GLN A . n 
A 1 61 ALA 61 372 372 ALA ALA A . n 
A 1 62 LEU 62 373 373 LEU LEU A . n 
A 1 63 THR 63 374 374 THR THR A . n 
A 1 64 THR 64 375 375 THR THR A . n 
A 1 65 ASP 65 376 376 ASP ASP A . n 
A 1 66 ILE 66 377 377 ILE ILE A . n 
A 1 67 SER 67 378 378 SER SER A . n 
A 1 68 LEU 68 379 379 LEU LEU A . n 
A 1 69 ILE 69 380 380 ILE ILE A . n 
A 1 70 PHE 70 381 381 PHE PHE A . n 
A 1 71 ALA 71 382 382 ALA ALA A . n 
A 1 72 ALA 72 383 383 ALA ALA A . n 
A 1 73 LEU 73 384 384 LEU LEU A . n 
A 1 74 LYS 74 385 385 LYS LYS A . n 
A 1 75 ASP 75 386 386 ASP ASP A . n 
A 1 76 SER 76 387 387 SER SER A . n 
A 1 77 LYS 77 388 388 LYS LYS A . n 
A 1 78 VAL 78 389 389 VAL VAL A . n 
A 1 79 VAL 79 390 390 VAL VAL A . n 
A 1 80 GLU 80 391 391 GLU GLU A . n 
A 1 81 ILE 81 392 392 ILE ILE A . n 
A 1 82 VAL 82 393 393 VAL VAL A . n 
A 1 83 ASP 83 394 394 ASP ASP A . n 
A 1 84 GLU 84 395 395 GLU GLU A . n 
A 1 85 LYS 85 396 396 LYS LYS A . n 
A 1 86 VAL 86 397 397 VAL VAL A . n 
A 1 87 ARG 87 398 398 ARG ARG A . n 
A 1 88 ARG 88 399 399 ARG ARG A . n 
A 1 89 ARG 89 400 400 ARG ARG A . n 
A 1 90 GLU 90 401 401 GLU GLU A . n 
A 1 91 GLU 91 402 402 GLU GLU A . n 
A 1 92 PRO 92 403 403 PRO PRO A . n 
A 1 93 GLU 93 404 404 GLU GLU A . n 
A 1 94 LYS 94 405 405 LYS LYS A . n 
A 1 95 TRP 95 406 406 TRP TRP A . n 
A 1 96 PRO 96 407 407 PRO PRO A . n 
A 1 97 LEU 97 408 408 LEU LEU A . n 
A 1 98 PRO 98 409 409 PRO PRO A . n 
A 1 99 PRO 99 410 410 PRO PRO A . n 
# 
_pdbx_contact_author.id                 2 
_pdbx_contact_author.email              kalle.gehring@mcgill.ca 
_pdbx_contact_author.name_first         Kalle 
_pdbx_contact_author.name_last          Gehring 
_pdbx_contact_author.name_mi            ? 
_pdbx_contact_author.role               'principal investigator/group leader' 
_pdbx_contact_author.identifier_ORCID   0000-0001-6500-1184 
# 
loop_
_pdbx_nonpoly_scheme.asym_id 
_pdbx_nonpoly_scheme.entity_id 
_pdbx_nonpoly_scheme.mon_id 
_pdbx_nonpoly_scheme.ndb_seq_num 
_pdbx_nonpoly_scheme.pdb_seq_num 
_pdbx_nonpoly_scheme.auth_seq_num 
_pdbx_nonpoly_scheme.pdb_mon_id 
_pdbx_nonpoly_scheme.auth_mon_id 
_pdbx_nonpoly_scheme.pdb_strand_id 
_pdbx_nonpoly_scheme.pdb_ins_code 
B 2 SO4 1  501 1  SO4 SO4 A . 
C 2 SO4 1  502 2  SO4 SO4 A . 
D 2 SO4 1  503 3  SO4 SO4 A . 
E 2 SO4 1  504 4  SO4 SO4 A . 
F 3 NA  1  505 1  NA  NA  A . 
G 4 HOH 1  601 53 HOH HOH A . 
G 4 HOH 2  602 37 HOH HOH A . 
G 4 HOH 3  603 48 HOH HOH A . 
G 4 HOH 4  604 23 HOH HOH A . 
G 4 HOH 5  605 3  HOH HOH A . 
G 4 HOH 6  606 6  HOH HOH A . 
G 4 HOH 7  607 19 HOH HOH A . 
G 4 HOH 8  608 2  HOH HOH A . 
G 4 HOH 9  609 30 HOH HOH A . 
G 4 HOH 10 610 34 HOH HOH A . 
G 4 HOH 11 611 8  HOH HOH A . 
G 4 HOH 12 612 38 HOH HOH A . 
G 4 HOH 13 613 12 HOH HOH A . 
G 4 HOH 14 614 14 HOH HOH A . 
G 4 HOH 15 615 25 HOH HOH A . 
G 4 HOH 16 616 26 HOH HOH A . 
G 4 HOH 17 617 11 HOH HOH A . 
G 4 HOH 18 618 5  HOH HOH A . 
G 4 HOH 19 619 4  HOH HOH A . 
G 4 HOH 20 620 24 HOH HOH A . 
G 4 HOH 21 621 9  HOH HOH A . 
G 4 HOH 22 622 22 HOH HOH A . 
G 4 HOH 23 623 7  HOH HOH A . 
G 4 HOH 24 624 32 HOH HOH A . 
G 4 HOH 25 625 1  HOH HOH A . 
G 4 HOH 26 626 13 HOH HOH A . 
G 4 HOH 27 627 20 HOH HOH A . 
G 4 HOH 28 628 18 HOH HOH A . 
G 4 HOH 29 629 49 HOH HOH A . 
G 4 HOH 30 630 40 HOH HOH A . 
G 4 HOH 31 631 16 HOH HOH A . 
G 4 HOH 32 632 46 HOH HOH A . 
G 4 HOH 33 633 28 HOH HOH A . 
G 4 HOH 34 634 42 HOH HOH A . 
G 4 HOH 35 635 31 HOH HOH A . 
G 4 HOH 36 636 52 HOH HOH A . 
G 4 HOH 37 637 44 HOH HOH A . 
G 4 HOH 38 638 54 HOH HOH A . 
G 4 HOH 39 639 47 HOH HOH A . 
G 4 HOH 40 640 45 HOH HOH A . 
G 4 HOH 41 641 51 HOH HOH A . 
G 4 HOH 42 642 43 HOH HOH A . 
G 4 HOH 43 643 15 HOH HOH A . 
G 4 HOH 44 644 29 HOH HOH A . 
G 4 HOH 45 645 50 HOH HOH A . 
G 4 HOH 46 646 27 HOH HOH A . 
G 4 HOH 47 647 55 HOH HOH A . 
G 4 HOH 48 648 56 HOH HOH A . 
# 
_pdbx_struct_assembly.id                   1 
_pdbx_struct_assembly.details              author_defined_assembly 
_pdbx_struct_assembly.method_details       ? 
_pdbx_struct_assembly.oligomeric_details   monomeric 
_pdbx_struct_assembly.oligomeric_count     1 
# 
_pdbx_struct_assembly_gen.assembly_id       1 
_pdbx_struct_assembly_gen.oper_expression   1 
_pdbx_struct_assembly_gen.asym_id_list      A,B,C,D,E,F,G 
# 
_pdbx_struct_oper_list.id                   1 
_pdbx_struct_oper_list.type                 'identity operation' 
_pdbx_struct_oper_list.name                 1_555 
_pdbx_struct_oper_list.symmetry_operation   x,y,z 
_pdbx_struct_oper_list.matrix[1][1]         1.0000000000 
_pdbx_struct_oper_list.matrix[1][2]         0.0000000000 
_pdbx_struct_oper_list.matrix[1][3]         0.0000000000 
_pdbx_struct_oper_list.vector[1]            0.0000000000 
_pdbx_struct_oper_list.matrix[2][1]         0.0000000000 
_pdbx_struct_oper_list.matrix[2][2]         1.0000000000 
_pdbx_struct_oper_list.matrix[2][3]         0.0000000000 
_pdbx_struct_oper_list.vector[2]            0.0000000000 
_pdbx_struct_oper_list.matrix[3][1]         0.0000000000 
_pdbx_struct_oper_list.matrix[3][2]         0.0000000000 
_pdbx_struct_oper_list.matrix[3][3]         1.0000000000 
_pdbx_struct_oper_list.vector[3]            0.0000000000 
# 
loop_
_pdbx_audit_revision_history.ordinal 
_pdbx_audit_revision_history.data_content_type 
_pdbx_audit_revision_history.major_revision 
_pdbx_audit_revision_history.minor_revision 
_pdbx_audit_revision_history.revision_date 
1 'Structure model' 1 0 2022-08-03 
2 'Structure model' 1 1 2022-09-07 
3 'Structure model' 1 2 2022-11-23 
4 'Structure model' 1 3 2023-10-18 
# 
_pdbx_audit_revision_details.ordinal             1 
_pdbx_audit_revision_details.revision_ordinal    1 
_pdbx_audit_revision_details.data_content_type   'Structure model' 
_pdbx_audit_revision_details.provider            repository 
_pdbx_audit_revision_details.type                'Initial release' 
_pdbx_audit_revision_details.description         ? 
_pdbx_audit_revision_details.details             ? 
# 
loop_
_pdbx_audit_revision_group.ordinal 
_pdbx_audit_revision_group.revision_ordinal 
_pdbx_audit_revision_group.data_content_type 
_pdbx_audit_revision_group.group 
1 2 'Structure model' 'Database references'    
2 3 'Structure model' 'Database references'    
3 4 'Structure model' 'Data collection'        
4 4 'Structure model' 'Refinement description' 
# 
loop_
_pdbx_audit_revision_category.ordinal 
_pdbx_audit_revision_category.revision_ordinal 
_pdbx_audit_revision_category.data_content_type 
_pdbx_audit_revision_category.category 
1 2 'Structure model' citation                      
2 2 'Structure model' citation_author               
3 3 'Structure model' citation                      
4 3 'Structure model' citation_author               
5 4 'Structure model' chem_comp_atom                
6 4 'Structure model' chem_comp_bond                
7 4 'Structure model' pdbx_initial_refinement_model 
# 
loop_
_pdbx_audit_revision_item.ordinal 
_pdbx_audit_revision_item.revision_ordinal 
_pdbx_audit_revision_item.data_content_type 
_pdbx_audit_revision_item.item 
1  2 'Structure model' '_citation.country'                 
2  2 'Structure model' '_citation.journal_abbrev'          
3  2 'Structure model' '_citation.journal_id_ASTM'         
4  2 'Structure model' '_citation.journal_id_CSD'          
5  2 'Structure model' '_citation.journal_id_ISSN'         
6  2 'Structure model' '_citation.pdbx_database_id_DOI'    
7  2 'Structure model' '_citation.pdbx_database_id_PubMed' 
8  2 'Structure model' '_citation.title'                   
9  2 'Structure model' '_citation.year'                    
10 3 'Structure model' '_citation.journal_volume'          
11 3 'Structure model' '_citation.page_first'              
12 3 'Structure model' '_citation.page_last'               
13 3 'Structure model' '_citation_author.identifier_ORCID' 
# 
loop_
_space_group_symop.id 
_space_group_symop.operation_xyz 
1 x,y,z           
2 x+1/2,-y+1/2,-z 
3 -x,y+1/2,-z+1/2 
4 -x+1/2,-y,z+1/2 
# 
loop_
_pdbx_refine_tls.id 
_pdbx_refine_tls.pdbx_refine_id 
_pdbx_refine_tls.details 
_pdbx_refine_tls.method 
_pdbx_refine_tls.origin_x 
_pdbx_refine_tls.origin_y 
_pdbx_refine_tls.origin_z 
_pdbx_refine_tls.T[1][1] 
_pdbx_refine_tls.T[1][1]_esd 
_pdbx_refine_tls.T[1][2] 
_pdbx_refine_tls.T[1][2]_esd 
_pdbx_refine_tls.T[1][3] 
_pdbx_refine_tls.T[1][3]_esd 
_pdbx_refine_tls.T[2][2] 
_pdbx_refine_tls.T[2][2]_esd 
_pdbx_refine_tls.T[2][3] 
_pdbx_refine_tls.T[2][3]_esd 
_pdbx_refine_tls.T[3][3] 
_pdbx_refine_tls.T[3][3]_esd 
_pdbx_refine_tls.L[1][1] 
_pdbx_refine_tls.L[1][1]_esd 
_pdbx_refine_tls.L[1][2] 
_pdbx_refine_tls.L[1][2]_esd 
_pdbx_refine_tls.L[1][3] 
_pdbx_refine_tls.L[1][3]_esd 
_pdbx_refine_tls.L[2][2] 
_pdbx_refine_tls.L[2][2]_esd 
_pdbx_refine_tls.L[2][3] 
_pdbx_refine_tls.L[2][3]_esd 
_pdbx_refine_tls.L[3][3] 
_pdbx_refine_tls.L[3][3]_esd 
_pdbx_refine_tls.S[1][1] 
_pdbx_refine_tls.S[1][1]_esd 
_pdbx_refine_tls.S[1][2] 
_pdbx_refine_tls.S[1][2]_esd 
_pdbx_refine_tls.S[1][3] 
_pdbx_refine_tls.S[1][3]_esd 
_pdbx_refine_tls.S[2][1] 
_pdbx_refine_tls.S[2][1]_esd 
_pdbx_refine_tls.S[2][2] 
_pdbx_refine_tls.S[2][2]_esd 
_pdbx_refine_tls.S[2][3] 
_pdbx_refine_tls.S[2][3]_esd 
_pdbx_refine_tls.S[3][1] 
_pdbx_refine_tls.S[3][1]_esd 
_pdbx_refine_tls.S[3][2] 
_pdbx_refine_tls.S[3][2]_esd 
_pdbx_refine_tls.S[3][3] 
_pdbx_refine_tls.S[3][3]_esd 
1 'X-RAY DIFFRACTION' ? refined 6.44389338605  8.0821077856  0.8260521671  0.298267382903 ? 0.016550213229  ? 0.019074476801  ? 0.318807021545 ? -0.039864305912 ? 0.298177617163 ? 3.48465532008 ? 1.917098292904  ? 0.60442485912   ? 3.92076277184 ? -0.164567841748 ? 2.75181086276 ? 0.017835160906  ? -0.216706698769 ? -0.006178591431 ? -0.385413537662 ? -0.061035530295 ? -0.178006443508 ? 0.063446895046  ? 0.284320091973  ? -0.033418504543 ? 
2 'X-RAY DIFFRACTION' ? refined -8.91963838781 -0.1504320297 5.6408256045  0.341306201154 ? -0.028205781485 ? 0.028805820592  ? 0.358296488237 ? -0.010450563070 ? 0.344254927445 ? 5.96919512773 ? -0.044979096372 ? -0.61637852956  ? 3.58853692168 ? -0.60220662605  ? 2.21574313820 ? 0.098794629488  ? -0.452686608891 ? 0.410597245434  ? -0.087723835461 ? -0.057638103494 ? 0.284705322568  ? 0.019458427468  ? -0.08723649825  ? -0.097000892475 ? 
3 'X-RAY DIFFRACTION' ? refined -3.78241894937 -4.8304214202 -3.4016287720 0.354437381668 ? 0.018125065392  ? 0.015127188814  ? 0.287948395854 ? -0.006560901174 ? 0.367403182517 ? 2.68419351385 ? 0.470494005825  ? -0.97049700722  ? 1.55035413981 ? -0.92656070341  ? 1.93876082865 ? -0.125457335453 ? -0.349647133100 ? -0.262520881140 ? 0.450105477636  ? 0.038122256300  ? 0.170736811808  ? 0.165634262397  ? -0.152167708982 ? 0.152671537292  ? 
4 'X-RAY DIFFRACTION' ? refined -0.44003913654 9.6741186729  -6.3341777027 0.316988241474 ? 0.038039375697  ? -0.021510174274 ? 0.293584759924 ? -0.022484566011 ? 0.349255093177 ? 4.16584346276 ? 2.482699160595  ? -2.52856290681  ? 9.39714573073 ? 0.93954108731   ? 6.1591412301  ? 0.312525046991  ? 0.366499362835  ? 0.22573154384   ? -0.131739921521 ? -0.259051301592 ? 0.552470096990  ? -0.575562003543 ? -0.210696046242 ? -0.139351847234 ? 
5 'X-RAY DIFFRACTION' ? refined 7.75871194137  2.0264487233  -6.3176958363 0.29431117014  ? 0.016575045928  ? -0.026327228704 ? 0.284364917594 ? -0.021806082378 ? 0.329197484634 ? 5.20028478431 ? 0.04155080173   ? 0.987052865837  ? 6.79563890861 ? 0.139537764551  ? 4.11915227507 ? -0.066202638772 ? -0.23639845688  ? 0.113231634593  ? -0.462840747424 ? 0.180482658101  ? -0.0956153170   ? 0.428771873616  ? 0.401535502573  ? -0.211152205567 ? 
6 'X-RAY DIFFRACTION' ? refined 4.80967841501  -6.0927329767 -0.4631008970 0.380473184502 ? 0.016722835926  ? 0.043934862725  ? 0.414379012793 ? 0.043204062667  ? 0.390877669449 ? 3.22155682001 ? 0.092023341341  ? -1.139719493258 ? 4.15792456997 ? 1.187001705168  ? 3.50586399426 ? -0.233745420997 ? -0.155150150877 ? -0.437585337671 ? -0.247587823370 ? 0.213591840194  ? -0.475889285905 ? 0.229765145061  ? 0.40603478123   ? -0.113491484562 ? 
7 'X-RAY DIFFRACTION' ? refined -5.39337847229 -8.123062565  6.8297486037  0.330229764521 ? 0.005802221767  ? 0.016318836049  ? 0.417522251439 ? 0.078017333498  ? 0.371669972546 ? 7.41821714957 ? 0.176463622715  ? -0.31545659455  ? 3.34347180144 ? -0.04059182518  ? 1.42097142275 ? -0.253052043233 ? -1.258200498595 ? -0.563209854168 ? 0.174623191765  ? 0.169724596977  ? -0.327273467267 ? 0.12629815568   ? 0.191386854764  ? 0.140141540207  ? 
# 
loop_
_pdbx_refine_tls_group.id 
_pdbx_refine_tls_group.pdbx_refine_id 
_pdbx_refine_tls_group.refine_tls_id 
_pdbx_refine_tls_group.beg_label_asym_id 
_pdbx_refine_tls_group.beg_label_seq_id 
_pdbx_refine_tls_group.beg_auth_asym_id 
_pdbx_refine_tls_group.beg_auth_seq_id 
_pdbx_refine_tls_group.beg_PDB_ins_code 
_pdbx_refine_tls_group.end_label_asym_id 
_pdbx_refine_tls_group.end_label_seq_id 
_pdbx_refine_tls_group.end_auth_asym_id 
_pdbx_refine_tls_group.end_auth_seq_id 
_pdbx_refine_tls_group.end_PDB_ins_code 
_pdbx_refine_tls_group.selection 
_pdbx_refine_tls_group.selection_details 
1 'X-RAY DIFFRACTION' 1 A 1  A 322 ? A 16 A 337 ? ? 
;chain 'A' and (resid  322  through  337 )
;
2 'X-RAY DIFFRACTION' 2 A 17 A 338 ? A 31 A 352 ? ? 
;chain 'A' and (resid  338  through  352 )
;
3 'X-RAY DIFFRACTION' 3 A 32 A 353 ? A 45 A 366 ? ? 
;chain 'A' and (resid  353  through  366 )
;
4 'X-RAY DIFFRACTION' 4 A 46 A 367 ? A 55 A 376 ? ? 
;chain 'A' and (resid  367  through  376 )
;
5 'X-RAY DIFFRACTION' 5 A 56 A 377 ? A 63 A 384 ? ? 
;chain 'A' and (resid  377  through  384 )
;
6 'X-RAY DIFFRACTION' 6 A 64 A 385 ? A 77 A 398 ? ? 
;chain 'A' and (resid  385  through  398 )
;
7 'X-RAY DIFFRACTION' 7 A 78 A 399 ? A 89 A 410 ? ? 
;chain 'A' and (resid  399  through  410 )
;
# 
loop_
_software.citation_id 
_software.classification 
_software.compiler_name 
_software.compiler_version 
_software.contact_author 
_software.contact_author_email 
_software.date 
_software.description 
_software.dependencies 
_software.hardware 
_software.language 
_software.location 
_software.mods 
_software.name 
_software.os 
_software.os_version 
_software.type 
_software.version 
_software.pdbx_ordinal 
? 'data collection' ? ? ? ? ? ? ? ? ? ? ? MxDC     ? ? ? .         1 
? refinement        ? ? ? ? ? ? ? ? ? ? ? PHENIX   ? ? ? 1.19_4092 2 
? 'data reduction'  ? ? ? ? ? ? ? ? ? ? ? HKL-2000 ? ? ? .         3 
? 'data scaling'    ? ? ? ? ? ? ? ? ? ? ? HKL-2000 ? ? ? .         4 
? phasing           ? ? ? ? ? ? ? ? ? ? ? PHENIX   ? ? ? .         5 
# 
_pdbx_entry_details.entry_id                 7SOO 
_pdbx_entry_details.has_ligand_of_interest   N 
_pdbx_entry_details.compound_details         ? 
_pdbx_entry_details.source_details           ? 
_pdbx_entry_details.nonpolymer_details       ? 
_pdbx_entry_details.sequence_details         ? 
# 
_pdbx_validate_torsion.id              1 
_pdbx_validate_torsion.PDB_model_num   1 
_pdbx_validate_torsion.auth_comp_id    ASP 
_pdbx_validate_torsion.auth_asym_id    A 
_pdbx_validate_torsion.auth_seq_id     394 
_pdbx_validate_torsion.PDB_ins_code    ? 
_pdbx_validate_torsion.label_alt_id    ? 
_pdbx_validate_torsion.phi             50.61 
_pdbx_validate_torsion.psi             -114.04 
# 
loop_
_pdbx_unobs_or_zero_occ_atoms.id 
_pdbx_unobs_or_zero_occ_atoms.PDB_model_num 
_pdbx_unobs_or_zero_occ_atoms.polymer_flag 
_pdbx_unobs_or_zero_occ_atoms.occupancy_flag 
_pdbx_unobs_or_zero_occ_atoms.auth_asym_id 
_pdbx_unobs_or_zero_occ_atoms.auth_comp_id 
_pdbx_unobs_or_zero_occ_atoms.auth_seq_id 
_pdbx_unobs_or_zero_occ_atoms.PDB_ins_code 
_pdbx_unobs_or_zero_occ_atoms.auth_atom_id 
_pdbx_unobs_or_zero_occ_atoms.label_alt_id 
_pdbx_unobs_or_zero_occ_atoms.label_asym_id 
_pdbx_unobs_or_zero_occ_atoms.label_comp_id 
_pdbx_unobs_or_zero_occ_atoms.label_seq_id 
_pdbx_unobs_or_zero_occ_atoms.label_atom_id 
1  1 Y 1 A SER 322 ? OG  ? A SER 11 OG  
2  1 Y 1 A ARG 332 ? CD  ? A ARG 21 CD  
3  1 Y 1 A ARG 332 ? NE  ? A ARG 21 NE  
4  1 Y 1 A ARG 332 ? CZ  ? A ARG 21 CZ  
5  1 Y 1 A ARG 332 ? NH1 ? A ARG 21 NH1 
6  1 Y 1 A ARG 332 ? NH2 ? A ARG 21 NH2 
7  1 Y 1 A LYS 385 ? CG  ? A LYS 74 CG  
8  1 Y 1 A LYS 385 ? CD  ? A LYS 74 CD  
9  1 Y 1 A LYS 385 ? CE  ? A LYS 74 CE  
10 1 Y 1 A LYS 385 ? NZ  ? A LYS 74 NZ  
11 1 Y 1 A ASP 386 ? CG  ? A ASP 75 CG  
12 1 Y 1 A ASP 386 ? OD1 ? A ASP 75 OD1 
13 1 Y 1 A ASP 386 ? OD2 ? A ASP 75 OD2 
14 1 Y 1 A LYS 388 ? CG  ? A LYS 77 CG  
15 1 Y 1 A LYS 388 ? CD  ? A LYS 77 CD  
16 1 Y 1 A LYS 388 ? CE  ? A LYS 77 CE  
17 1 Y 1 A LYS 388 ? NZ  ? A LYS 77 NZ  
18 1 Y 1 A LYS 396 ? CD  ? A LYS 85 CD  
19 1 Y 1 A LYS 396 ? CE  ? A LYS 85 CE  
20 1 Y 1 A LYS 396 ? NZ  ? A LYS 85 NZ  
21 1 Y 1 A GLU 404 ? CG  ? A GLU 93 CG  
22 1 Y 1 A GLU 404 ? CD  ? A GLU 93 CD  
23 1 Y 1 A GLU 404 ? OE1 ? A GLU 93 OE1 
24 1 Y 1 A GLU 404 ? OE2 ? A GLU 93 OE2 
25 1 Y 1 A LYS 405 ? CE  ? A LYS 94 CE  
26 1 Y 1 A LYS 405 ? NZ  ? A LYS 94 NZ  
# 
loop_
_pdbx_unobs_or_zero_occ_residues.id 
_pdbx_unobs_or_zero_occ_residues.PDB_model_num 
_pdbx_unobs_or_zero_occ_residues.polymer_flag 
_pdbx_unobs_or_zero_occ_residues.occupancy_flag 
_pdbx_unobs_or_zero_occ_residues.auth_asym_id 
_pdbx_unobs_or_zero_occ_residues.auth_comp_id 
_pdbx_unobs_or_zero_occ_residues.auth_seq_id 
_pdbx_unobs_or_zero_occ_residues.PDB_ins_code 
_pdbx_unobs_or_zero_occ_residues.label_asym_id 
_pdbx_unobs_or_zero_occ_residues.label_comp_id 
_pdbx_unobs_or_zero_occ_residues.label_seq_id 
1  1 Y 1 A MET 312 ? A MET 1  
2  1 Y 1 A GLY 313 ? A GLY 2  
3  1 Y 1 A SER 314 ? A SER 3  
4  1 Y 1 A SER 315 ? A SER 4  
5  1 Y 1 A HIS 316 ? A HIS 5  
6  1 Y 1 A HIS 317 ? A HIS 6  
7  1 Y 1 A HIS 318 ? A HIS 7  
8  1 Y 1 A HIS 319 ? A HIS 8  
9  1 Y 1 A HIS 320 ? A HIS 9  
10 1 Y 1 A HIS 321 ? A HIS 10 
# 
loop_
_chem_comp_atom.comp_id 
_chem_comp_atom.atom_id 
_chem_comp_atom.type_symbol 
_chem_comp_atom.pdbx_aromatic_flag 
_chem_comp_atom.pdbx_stereo_config 
_chem_comp_atom.pdbx_ordinal 
ALA N    N  N N 1   
ALA CA   C  N S 2   
ALA C    C  N N 3   
ALA O    O  N N 4   
ALA CB   C  N N 5   
ALA OXT  O  N N 6   
ALA H    H  N N 7   
ALA H2   H  N N 8   
ALA HA   H  N N 9   
ALA HB1  H  N N 10  
ALA HB2  H  N N 11  
ALA HB3  H  N N 12  
ALA HXT  H  N N 13  
ARG N    N  N N 14  
ARG CA   C  N S 15  
ARG C    C  N N 16  
ARG O    O  N N 17  
ARG CB   C  N N 18  
ARG CG   C  N N 19  
ARG CD   C  N N 20  
ARG NE   N  N N 21  
ARG CZ   C  N N 22  
ARG NH1  N  N N 23  
ARG NH2  N  N N 24  
ARG OXT  O  N N 25  
ARG H    H  N N 26  
ARG H2   H  N N 27  
ARG HA   H  N N 28  
ARG HB2  H  N N 29  
ARG HB3  H  N N 30  
ARG HG2  H  N N 31  
ARG HG3  H  N N 32  
ARG HD2  H  N N 33  
ARG HD3  H  N N 34  
ARG HE   H  N N 35  
ARG HH11 H  N N 36  
ARG HH12 H  N N 37  
ARG HH21 H  N N 38  
ARG HH22 H  N N 39  
ARG HXT  H  N N 40  
ASN N    N  N N 41  
ASN CA   C  N S 42  
ASN C    C  N N 43  
ASN O    O  N N 44  
ASN CB   C  N N 45  
ASN CG   C  N N 46  
ASN OD1  O  N N 47  
ASN ND2  N  N N 48  
ASN OXT  O  N N 49  
ASN H    H  N N 50  
ASN H2   H  N N 51  
ASN HA   H  N N 52  
ASN HB2  H  N N 53  
ASN HB3  H  N N 54  
ASN HD21 H  N N 55  
ASN HD22 H  N N 56  
ASN HXT  H  N N 57  
ASP N    N  N N 58  
ASP CA   C  N S 59  
ASP C    C  N N 60  
ASP O    O  N N 61  
ASP CB   C  N N 62  
ASP CG   C  N N 63  
ASP OD1  O  N N 64  
ASP OD2  O  N N 65  
ASP OXT  O  N N 66  
ASP H    H  N N 67  
ASP H2   H  N N 68  
ASP HA   H  N N 69  
ASP HB2  H  N N 70  
ASP HB3  H  N N 71  
ASP HD2  H  N N 72  
ASP HXT  H  N N 73  
GLN N    N  N N 74  
GLN CA   C  N S 75  
GLN C    C  N N 76  
GLN O    O  N N 77  
GLN CB   C  N N 78  
GLN CG   C  N N 79  
GLN CD   C  N N 80  
GLN OE1  O  N N 81  
GLN NE2  N  N N 82  
GLN OXT  O  N N 83  
GLN H    H  N N 84  
GLN H2   H  N N 85  
GLN HA   H  N N 86  
GLN HB2  H  N N 87  
GLN HB3  H  N N 88  
GLN HG2  H  N N 89  
GLN HG3  H  N N 90  
GLN HE21 H  N N 91  
GLN HE22 H  N N 92  
GLN HXT  H  N N 93  
GLU N    N  N N 94  
GLU CA   C  N S 95  
GLU C    C  N N 96  
GLU O    O  N N 97  
GLU CB   C  N N 98  
GLU CG   C  N N 99  
GLU CD   C  N N 100 
GLU OE1  O  N N 101 
GLU OE2  O  N N 102 
GLU OXT  O  N N 103 
GLU H    H  N N 104 
GLU H2   H  N N 105 
GLU HA   H  N N 106 
GLU HB2  H  N N 107 
GLU HB3  H  N N 108 
GLU HG2  H  N N 109 
GLU HG3  H  N N 110 
GLU HE2  H  N N 111 
GLU HXT  H  N N 112 
GLY N    N  N N 113 
GLY CA   C  N N 114 
GLY C    C  N N 115 
GLY O    O  N N 116 
GLY OXT  O  N N 117 
GLY H    H  N N 118 
GLY H2   H  N N 119 
GLY HA2  H  N N 120 
GLY HA3  H  N N 121 
GLY HXT  H  N N 122 
HIS N    N  N N 123 
HIS CA   C  N S 124 
HIS C    C  N N 125 
HIS O    O  N N 126 
HIS CB   C  N N 127 
HIS CG   C  Y N 128 
HIS ND1  N  Y N 129 
HIS CD2  C  Y N 130 
HIS CE1  C  Y N 131 
HIS NE2  N  Y N 132 
HIS OXT  O  N N 133 
HIS H    H  N N 134 
HIS H2   H  N N 135 
HIS HA   H  N N 136 
HIS HB2  H  N N 137 
HIS HB3  H  N N 138 
HIS HD1  H  N N 139 
HIS HD2  H  N N 140 
HIS HE1  H  N N 141 
HIS HE2  H  N N 142 
HIS HXT  H  N N 143 
HOH O    O  N N 144 
HOH H1   H  N N 145 
HOH H2   H  N N 146 
ILE N    N  N N 147 
ILE CA   C  N S 148 
ILE C    C  N N 149 
ILE O    O  N N 150 
ILE CB   C  N S 151 
ILE CG1  C  N N 152 
ILE CG2  C  N N 153 
ILE CD1  C  N N 154 
ILE OXT  O  N N 155 
ILE H    H  N N 156 
ILE H2   H  N N 157 
ILE HA   H  N N 158 
ILE HB   H  N N 159 
ILE HG12 H  N N 160 
ILE HG13 H  N N 161 
ILE HG21 H  N N 162 
ILE HG22 H  N N 163 
ILE HG23 H  N N 164 
ILE HD11 H  N N 165 
ILE HD12 H  N N 166 
ILE HD13 H  N N 167 
ILE HXT  H  N N 168 
LEU N    N  N N 169 
LEU CA   C  N S 170 
LEU C    C  N N 171 
LEU O    O  N N 172 
LEU CB   C  N N 173 
LEU CG   C  N N 174 
LEU CD1  C  N N 175 
LEU CD2  C  N N 176 
LEU OXT  O  N N 177 
LEU H    H  N N 178 
LEU H2   H  N N 179 
LEU HA   H  N N 180 
LEU HB2  H  N N 181 
LEU HB3  H  N N 182 
LEU HG   H  N N 183 
LEU HD11 H  N N 184 
LEU HD12 H  N N 185 
LEU HD13 H  N N 186 
LEU HD21 H  N N 187 
LEU HD22 H  N N 188 
LEU HD23 H  N N 189 
LEU HXT  H  N N 190 
LYS N    N  N N 191 
LYS CA   C  N S 192 
LYS C    C  N N 193 
LYS O    O  N N 194 
LYS CB   C  N N 195 
LYS CG   C  N N 196 
LYS CD   C  N N 197 
LYS CE   C  N N 198 
LYS NZ   N  N N 199 
LYS OXT  O  N N 200 
LYS H    H  N N 201 
LYS H2   H  N N 202 
LYS HA   H  N N 203 
LYS HB2  H  N N 204 
LYS HB3  H  N N 205 
LYS HG2  H  N N 206 
LYS HG3  H  N N 207 
LYS HD2  H  N N 208 
LYS HD3  H  N N 209 
LYS HE2  H  N N 210 
LYS HE3  H  N N 211 
LYS HZ1  H  N N 212 
LYS HZ2  H  N N 213 
LYS HZ3  H  N N 214 
LYS HXT  H  N N 215 
MET N    N  N N 216 
MET CA   C  N S 217 
MET C    C  N N 218 
MET O    O  N N 219 
MET CB   C  N N 220 
MET CG   C  N N 221 
MET SD   S  N N 222 
MET CE   C  N N 223 
MET OXT  O  N N 224 
MET H    H  N N 225 
MET H2   H  N N 226 
MET HA   H  N N 227 
MET HB2  H  N N 228 
MET HB3  H  N N 229 
MET HG2  H  N N 230 
MET HG3  H  N N 231 
MET HE1  H  N N 232 
MET HE2  H  N N 233 
MET HE3  H  N N 234 
MET HXT  H  N N 235 
NA  NA   NA N N 236 
PHE N    N  N N 237 
PHE CA   C  N S 238 
PHE C    C  N N 239 
PHE O    O  N N 240 
PHE CB   C  N N 241 
PHE CG   C  Y N 242 
PHE CD1  C  Y N 243 
PHE CD2  C  Y N 244 
PHE CE1  C  Y N 245 
PHE CE2  C  Y N 246 
PHE CZ   C  Y N 247 
PHE OXT  O  N N 248 
PHE H    H  N N 249 
PHE H2   H  N N 250 
PHE HA   H  N N 251 
PHE HB2  H  N N 252 
PHE HB3  H  N N 253 
PHE HD1  H  N N 254 
PHE HD2  H  N N 255 
PHE HE1  H  N N 256 
PHE HE2  H  N N 257 
PHE HZ   H  N N 258 
PHE HXT  H  N N 259 
PRO N    N  N N 260 
PRO CA   C  N S 261 
PRO C    C  N N 262 
PRO O    O  N N 263 
PRO CB   C  N N 264 
PRO CG   C  N N 265 
PRO CD   C  N N 266 
PRO OXT  O  N N 267 
PRO H    H  N N 268 
PRO HA   H  N N 269 
PRO HB2  H  N N 270 
PRO HB3  H  N N 271 
PRO HG2  H  N N 272 
PRO HG3  H  N N 273 
PRO HD2  H  N N 274 
PRO HD3  H  N N 275 
PRO HXT  H  N N 276 
SER N    N  N N 277 
SER CA   C  N S 278 
SER C    C  N N 279 
SER O    O  N N 280 
SER CB   C  N N 281 
SER OG   O  N N 282 
SER OXT  O  N N 283 
SER H    H  N N 284 
SER H2   H  N N 285 
SER HA   H  N N 286 
SER HB2  H  N N 287 
SER HB3  H  N N 288 
SER HG   H  N N 289 
SER HXT  H  N N 290 
SO4 S    S  N N 291 
SO4 O1   O  N N 292 
SO4 O2   O  N N 293 
SO4 O3   O  N N 294 
SO4 O4   O  N N 295 
THR N    N  N N 296 
THR CA   C  N S 297 
THR C    C  N N 298 
THR O    O  N N 299 
THR CB   C  N R 300 
THR OG1  O  N N 301 
THR CG2  C  N N 302 
THR OXT  O  N N 303 
THR H    H  N N 304 
THR H2   H  N N 305 
THR HA   H  N N 306 
THR HB   H  N N 307 
THR HG1  H  N N 308 
THR HG21 H  N N 309 
THR HG22 H  N N 310 
THR HG23 H  N N 311 
THR HXT  H  N N 312 
TRP N    N  N N 313 
TRP CA   C  N S 314 
TRP C    C  N N 315 
TRP O    O  N N 316 
TRP CB   C  N N 317 
TRP CG   C  Y N 318 
TRP CD1  C  Y N 319 
TRP CD2  C  Y N 320 
TRP NE1  N  Y N 321 
TRP CE2  C  Y N 322 
TRP CE3  C  Y N 323 
TRP CZ2  C  Y N 324 
TRP CZ3  C  Y N 325 
TRP CH2  C  Y N 326 
TRP OXT  O  N N 327 
TRP H    H  N N 328 
TRP H2   H  N N 329 
TRP HA   H  N N 330 
TRP HB2  H  N N 331 
TRP HB3  H  N N 332 
TRP HD1  H  N N 333 
TRP HE1  H  N N 334 
TRP HE3  H  N N 335 
TRP HZ2  H  N N 336 
TRP HZ3  H  N N 337 
TRP HH2  H  N N 338 
TRP HXT  H  N N 339 
TYR N    N  N N 340 
TYR CA   C  N S 341 
TYR C    C  N N 342 
TYR O    O  N N 343 
TYR CB   C  N N 344 
TYR CG   C  Y N 345 
TYR CD1  C  Y N 346 
TYR CD2  C  Y N 347 
TYR CE1  C  Y N 348 
TYR CE2  C  Y N 349 
TYR CZ   C  Y N 350 
TYR OH   O  N N 351 
TYR OXT  O  N N 352 
TYR H    H  N N 353 
TYR H2   H  N N 354 
TYR HA   H  N N 355 
TYR HB2  H  N N 356 
TYR HB3  H  N N 357 
TYR HD1  H  N N 358 
TYR HD2  H  N N 359 
TYR HE1  H  N N 360 
TYR HE2  H  N N 361 
TYR HH   H  N N 362 
TYR HXT  H  N N 363 
VAL N    N  N N 364 
VAL CA   C  N S 365 
VAL C    C  N N 366 
VAL O    O  N N 367 
VAL CB   C  N N 368 
VAL CG1  C  N N 369 
VAL CG2  C  N N 370 
VAL OXT  O  N N 371 
VAL H    H  N N 372 
VAL H2   H  N N 373 
VAL HA   H  N N 374 
VAL HB   H  N N 375 
VAL HG11 H  N N 376 
VAL HG12 H  N N 377 
VAL HG13 H  N N 378 
VAL HG21 H  N N 379 
VAL HG22 H  N N 380 
VAL HG23 H  N N 381 
VAL HXT  H  N N 382 
# 
loop_
_chem_comp_bond.comp_id 
_chem_comp_bond.atom_id_1 
_chem_comp_bond.atom_id_2 
_chem_comp_bond.value_order 
_chem_comp_bond.pdbx_aromatic_flag 
_chem_comp_bond.pdbx_stereo_config 
_chem_comp_bond.pdbx_ordinal 
ALA N   CA   sing N N 1   
ALA N   H    sing N N 2   
ALA N   H2   sing N N 3   
ALA CA  C    sing N N 4   
ALA CA  CB   sing N N 5   
ALA CA  HA   sing N N 6   
ALA C   O    doub N N 7   
ALA C   OXT  sing N N 8   
ALA CB  HB1  sing N N 9   
ALA CB  HB2  sing N N 10  
ALA CB  HB3  sing N N 11  
ALA OXT HXT  sing N N 12  
ARG N   CA   sing N N 13  
ARG N   H    sing N N 14  
ARG N   H2   sing N N 15  
ARG CA  C    sing N N 16  
ARG CA  CB   sing N N 17  
ARG CA  HA   sing N N 18  
ARG C   O    doub N N 19  
ARG C   OXT  sing N N 20  
ARG CB  CG   sing N N 21  
ARG CB  HB2  sing N N 22  
ARG CB  HB3  sing N N 23  
ARG CG  CD   sing N N 24  
ARG CG  HG2  sing N N 25  
ARG CG  HG3  sing N N 26  
ARG CD  NE   sing N N 27  
ARG CD  HD2  sing N N 28  
ARG CD  HD3  sing N N 29  
ARG NE  CZ   sing N N 30  
ARG NE  HE   sing N N 31  
ARG CZ  NH1  sing N N 32  
ARG CZ  NH2  doub N N 33  
ARG NH1 HH11 sing N N 34  
ARG NH1 HH12 sing N N 35  
ARG NH2 HH21 sing N N 36  
ARG NH2 HH22 sing N N 37  
ARG OXT HXT  sing N N 38  
ASN N   CA   sing N N 39  
ASN N   H    sing N N 40  
ASN N   H2   sing N N 41  
ASN CA  C    sing N N 42  
ASN CA  CB   sing N N 43  
ASN CA  HA   sing N N 44  
ASN C   O    doub N N 45  
ASN C   OXT  sing N N 46  
ASN CB  CG   sing N N 47  
ASN CB  HB2  sing N N 48  
ASN CB  HB3  sing N N 49  
ASN CG  OD1  doub N N 50  
ASN CG  ND2  sing N N 51  
ASN ND2 HD21 sing N N 52  
ASN ND2 HD22 sing N N 53  
ASN OXT HXT  sing N N 54  
ASP N   CA   sing N N 55  
ASP N   H    sing N N 56  
ASP N   H2   sing N N 57  
ASP CA  C    sing N N 58  
ASP CA  CB   sing N N 59  
ASP CA  HA   sing N N 60  
ASP C   O    doub N N 61  
ASP C   OXT  sing N N 62  
ASP CB  CG   sing N N 63  
ASP CB  HB2  sing N N 64  
ASP CB  HB3  sing N N 65  
ASP CG  OD1  doub N N 66  
ASP CG  OD2  sing N N 67  
ASP OD2 HD2  sing N N 68  
ASP OXT HXT  sing N N 69  
GLN N   CA   sing N N 70  
GLN N   H    sing N N 71  
GLN N   H2   sing N N 72  
GLN CA  C    sing N N 73  
GLN CA  CB   sing N N 74  
GLN CA  HA   sing N N 75  
GLN C   O    doub N N 76  
GLN C   OXT  sing N N 77  
GLN CB  CG   sing N N 78  
GLN CB  HB2  sing N N 79  
GLN CB  HB3  sing N N 80  
GLN CG  CD   sing N N 81  
GLN CG  HG2  sing N N 82  
GLN CG  HG3  sing N N 83  
GLN CD  OE1  doub N N 84  
GLN CD  NE2  sing N N 85  
GLN NE2 HE21 sing N N 86  
GLN NE2 HE22 sing N N 87  
GLN OXT HXT  sing N N 88  
GLU N   CA   sing N N 89  
GLU N   H    sing N N 90  
GLU N   H2   sing N N 91  
GLU CA  C    sing N N 92  
GLU CA  CB   sing N N 93  
GLU CA  HA   sing N N 94  
GLU C   O    doub N N 95  
GLU C   OXT  sing N N 96  
GLU CB  CG   sing N N 97  
GLU CB  HB2  sing N N 98  
GLU CB  HB3  sing N N 99  
GLU CG  CD   sing N N 100 
GLU CG  HG2  sing N N 101 
GLU CG  HG3  sing N N 102 
GLU CD  OE1  doub N N 103 
GLU CD  OE2  sing N N 104 
GLU OE2 HE2  sing N N 105 
GLU OXT HXT  sing N N 106 
GLY N   CA   sing N N 107 
GLY N   H    sing N N 108 
GLY N   H2   sing N N 109 
GLY CA  C    sing N N 110 
GLY CA  HA2  sing N N 111 
GLY CA  HA3  sing N N 112 
GLY C   O    doub N N 113 
GLY C   OXT  sing N N 114 
GLY OXT HXT  sing N N 115 
HIS N   CA   sing N N 116 
HIS N   H    sing N N 117 
HIS N   H2   sing N N 118 
HIS CA  C    sing N N 119 
HIS CA  CB   sing N N 120 
HIS CA  HA   sing N N 121 
HIS C   O    doub N N 122 
HIS C   OXT  sing N N 123 
HIS CB  CG   sing N N 124 
HIS CB  HB2  sing N N 125 
HIS CB  HB3  sing N N 126 
HIS CG  ND1  sing Y N 127 
HIS CG  CD2  doub Y N 128 
HIS ND1 CE1  doub Y N 129 
HIS ND1 HD1  sing N N 130 
HIS CD2 NE2  sing Y N 131 
HIS CD2 HD2  sing N N 132 
HIS CE1 NE2  sing Y N 133 
HIS CE1 HE1  sing N N 134 
HIS NE2 HE2  sing N N 135 
HIS OXT HXT  sing N N 136 
HOH O   H1   sing N N 137 
HOH O   H2   sing N N 138 
ILE N   CA   sing N N 139 
ILE N   H    sing N N 140 
ILE N   H2   sing N N 141 
ILE CA  C    sing N N 142 
ILE CA  CB   sing N N 143 
ILE CA  HA   sing N N 144 
ILE C   O    doub N N 145 
ILE C   OXT  sing N N 146 
ILE CB  CG1  sing N N 147 
ILE CB  CG2  sing N N 148 
ILE CB  HB   sing N N 149 
ILE CG1 CD1  sing N N 150 
ILE CG1 HG12 sing N N 151 
ILE CG1 HG13 sing N N 152 
ILE CG2 HG21 sing N N 153 
ILE CG2 HG22 sing N N 154 
ILE CG2 HG23 sing N N 155 
ILE CD1 HD11 sing N N 156 
ILE CD1 HD12 sing N N 157 
ILE CD1 HD13 sing N N 158 
ILE OXT HXT  sing N N 159 
LEU N   CA   sing N N 160 
LEU N   H    sing N N 161 
LEU N   H2   sing N N 162 
LEU CA  C    sing N N 163 
LEU CA  CB   sing N N 164 
LEU CA  HA   sing N N 165 
LEU C   O    doub N N 166 
LEU C   OXT  sing N N 167 
LEU CB  CG   sing N N 168 
LEU CB  HB2  sing N N 169 
LEU CB  HB3  sing N N 170 
LEU CG  CD1  sing N N 171 
LEU CG  CD2  sing N N 172 
LEU CG  HG   sing N N 173 
LEU CD1 HD11 sing N N 174 
LEU CD1 HD12 sing N N 175 
LEU CD1 HD13 sing N N 176 
LEU CD2 HD21 sing N N 177 
LEU CD2 HD22 sing N N 178 
LEU CD2 HD23 sing N N 179 
LEU OXT HXT  sing N N 180 
LYS N   CA   sing N N 181 
LYS N   H    sing N N 182 
LYS N   H2   sing N N 183 
LYS CA  C    sing N N 184 
LYS CA  CB   sing N N 185 
LYS CA  HA   sing N N 186 
LYS C   O    doub N N 187 
LYS C   OXT  sing N N 188 
LYS CB  CG   sing N N 189 
LYS CB  HB2  sing N N 190 
LYS CB  HB3  sing N N 191 
LYS CG  CD   sing N N 192 
LYS CG  HG2  sing N N 193 
LYS CG  HG3  sing N N 194 
LYS CD  CE   sing N N 195 
LYS CD  HD2  sing N N 196 
LYS CD  HD3  sing N N 197 
LYS CE  NZ   sing N N 198 
LYS CE  HE2  sing N N 199 
LYS CE  HE3  sing N N 200 
LYS NZ  HZ1  sing N N 201 
LYS NZ  HZ2  sing N N 202 
LYS NZ  HZ3  sing N N 203 
LYS OXT HXT  sing N N 204 
MET N   CA   sing N N 205 
MET N   H    sing N N 206 
MET N   H2   sing N N 207 
MET CA  C    sing N N 208 
MET CA  CB   sing N N 209 
MET CA  HA   sing N N 210 
MET C   O    doub N N 211 
MET C   OXT  sing N N 212 
MET CB  CG   sing N N 213 
MET CB  HB2  sing N N 214 
MET CB  HB3  sing N N 215 
MET CG  SD   sing N N 216 
MET CG  HG2  sing N N 217 
MET CG  HG3  sing N N 218 
MET SD  CE   sing N N 219 
MET CE  HE1  sing N N 220 
MET CE  HE2  sing N N 221 
MET CE  HE3  sing N N 222 
MET OXT HXT  sing N N 223 
PHE N   CA   sing N N 224 
PHE N   H    sing N N 225 
PHE N   H2   sing N N 226 
PHE CA  C    sing N N 227 
PHE CA  CB   sing N N 228 
PHE CA  HA   sing N N 229 
PHE C   O    doub N N 230 
PHE C   OXT  sing N N 231 
PHE CB  CG   sing N N 232 
PHE CB  HB2  sing N N 233 
PHE CB  HB3  sing N N 234 
PHE CG  CD1  doub Y N 235 
PHE CG  CD2  sing Y N 236 
PHE CD1 CE1  sing Y N 237 
PHE CD1 HD1  sing N N 238 
PHE CD2 CE2  doub Y N 239 
PHE CD2 HD2  sing N N 240 
PHE CE1 CZ   doub Y N 241 
PHE CE1 HE1  sing N N 242 
PHE CE2 CZ   sing Y N 243 
PHE CE2 HE2  sing N N 244 
PHE CZ  HZ   sing N N 245 
PHE OXT HXT  sing N N 246 
PRO N   CA   sing N N 247 
PRO N   CD   sing N N 248 
PRO N   H    sing N N 249 
PRO CA  C    sing N N 250 
PRO CA  CB   sing N N 251 
PRO CA  HA   sing N N 252 
PRO C   O    doub N N 253 
PRO C   OXT  sing N N 254 
PRO CB  CG   sing N N 255 
PRO CB  HB2  sing N N 256 
PRO CB  HB3  sing N N 257 
PRO CG  CD   sing N N 258 
PRO CG  HG2  sing N N 259 
PRO CG  HG3  sing N N 260 
PRO CD  HD2  sing N N 261 
PRO CD  HD3  sing N N 262 
PRO OXT HXT  sing N N 263 
SER N   CA   sing N N 264 
SER N   H    sing N N 265 
SER N   H2   sing N N 266 
SER CA  C    sing N N 267 
SER CA  CB   sing N N 268 
SER CA  HA   sing N N 269 
SER C   O    doub N N 270 
SER C   OXT  sing N N 271 
SER CB  OG   sing N N 272 
SER CB  HB2  sing N N 273 
SER CB  HB3  sing N N 274 
SER OG  HG   sing N N 275 
SER OXT HXT  sing N N 276 
SO4 S   O1   doub N N 277 
SO4 S   O2   doub N N 278 
SO4 S   O3   sing N N 279 
SO4 S   O4   sing N N 280 
THR N   CA   sing N N 281 
THR N   H    sing N N 282 
THR N   H2   sing N N 283 
THR CA  C    sing N N 284 
THR CA  CB   sing N N 285 
THR CA  HA   sing N N 286 
THR C   O    doub N N 287 
THR C   OXT  sing N N 288 
THR CB  OG1  sing N N 289 
THR CB  CG2  sing N N 290 
THR CB  HB   sing N N 291 
THR OG1 HG1  sing N N 292 
THR CG2 HG21 sing N N 293 
THR CG2 HG22 sing N N 294 
THR CG2 HG23 sing N N 295 
THR OXT HXT  sing N N 296 
TRP N   CA   sing N N 297 
TRP N   H    sing N N 298 
TRP N   H2   sing N N 299 
TRP CA  C    sing N N 300 
TRP CA  CB   sing N N 301 
TRP CA  HA   sing N N 302 
TRP C   O    doub N N 303 
TRP C   OXT  sing N N 304 
TRP CB  CG   sing N N 305 
TRP CB  HB2  sing N N 306 
TRP CB  HB3  sing N N 307 
TRP CG  CD1  doub Y N 308 
TRP CG  CD2  sing Y N 309 
TRP CD1 NE1  sing Y N 310 
TRP CD1 HD1  sing N N 311 
TRP CD2 CE2  doub Y N 312 
TRP CD2 CE3  sing Y N 313 
TRP NE1 CE2  sing Y N 314 
TRP NE1 HE1  sing N N 315 
TRP CE2 CZ2  sing Y N 316 
TRP CE3 CZ3  doub Y N 317 
TRP CE3 HE3  sing N N 318 
TRP CZ2 CH2  doub Y N 319 
TRP CZ2 HZ2  sing N N 320 
TRP CZ3 CH2  sing Y N 321 
TRP CZ3 HZ3  sing N N 322 
TRP CH2 HH2  sing N N 323 
TRP OXT HXT  sing N N 324 
TYR N   CA   sing N N 325 
TYR N   H    sing N N 326 
TYR N   H2   sing N N 327 
TYR CA  C    sing N N 328 
TYR CA  CB   sing N N 329 
TYR CA  HA   sing N N 330 
TYR C   O    doub N N 331 
TYR C   OXT  sing N N 332 
TYR CB  CG   sing N N 333 
TYR CB  HB2  sing N N 334 
TYR CB  HB3  sing N N 335 
TYR CG  CD1  doub Y N 336 
TYR CG  CD2  sing Y N 337 
TYR CD1 CE1  sing Y N 338 
TYR CD1 HD1  sing N N 339 
TYR CD2 CE2  doub Y N 340 
TYR CD2 HD2  sing N N 341 
TYR CE1 CZ   doub Y N 342 
TYR CE1 HE1  sing N N 343 
TYR CE2 CZ   sing Y N 344 
TYR CE2 HE2  sing N N 345 
TYR CZ  OH   sing N N 346 
TYR OH  HH   sing N N 347 
TYR OXT HXT  sing N N 348 
VAL N   CA   sing N N 349 
VAL N   H    sing N N 350 
VAL N   H2   sing N N 351 
VAL CA  C    sing N N 352 
VAL CA  CB   sing N N 353 
VAL CA  HA   sing N N 354 
VAL C   O    doub N N 355 
VAL C   OXT  sing N N 356 
VAL CB  CG1  sing N N 357 
VAL CB  CG2  sing N N 358 
VAL CB  HB   sing N N 359 
VAL CG1 HG11 sing N N 360 
VAL CG1 HG12 sing N N 361 
VAL CG1 HG13 sing N N 362 
VAL CG2 HG21 sing N N 363 
VAL CG2 HG22 sing N N 364 
VAL CG2 HG23 sing N N 365 
VAL OXT HXT  sing N N 366 
# 
_pdbx_audit_support.funding_organization   'Canadian Institutes of Health Research (CIHR)' 
_pdbx_audit_support.country                Canada 
_pdbx_audit_support.grant_number           ? 
_pdbx_audit_support.ordinal                1 
# 
loop_
_pdbx_entity_nonpoly.entity_id 
_pdbx_entity_nonpoly.name 
_pdbx_entity_nonpoly.comp_id 
2 'SULFATE ION' SO4 
3 'SODIUM ION'  NA  
4 water         HOH 
# 
_pdbx_initial_refinement_model.id               1 
_pdbx_initial_refinement_model.entity_id_list   ? 
_pdbx_initial_refinement_model.type             'experimental model' 
_pdbx_initial_refinement_model.source_name      PDB 
_pdbx_initial_refinement_model.accession_code   1ZH5 
_pdbx_initial_refinement_model.details          ? 
# 
_pdbx_struct_assembly_auth_evidence.id                     1 
_pdbx_struct_assembly_auth_evidence.assembly_id            1 
_pdbx_struct_assembly_auth_evidence.experimental_support   'gel filtration' 
_pdbx_struct_assembly_auth_evidence.details                ? 
# 
_space_group.name_H-M_alt     'P 21 21 21' 
_space_group.name_Hall        'P 2ac 2ab' 
_space_group.IT_number        19 
_space_group.crystal_system   orthorhombic 
_space_group.id               1 
# 
